data_4TWB
#
_entry.id   4TWB
#
_cell.length_a   80.217
_cell.length_b   92.846
_cell.length_c   138.338
_cell.angle_alpha   90.00
_cell.angle_beta   90.91
_cell.angle_gamma   90.00
#
_symmetry.space_group_name_H-M   'P 1 21 1'
#
loop_
_entity.id
_entity.type
_entity.pdbx_description
1 polymer 'Ribose-phosphate pyrophosphokinase'
2 non-polymer 'ADENOSINE MONOPHOSPHATE'
3 non-polymer 'SULFATE ION'
4 water water
#
_entity_poly.entity_id   1
_entity_poly.type   'polypeptide(L)'
_entity_poly.pdbx_seq_one_letter_code
;MIIIGGSATNGIDESLSKILSIPLVKVENKIFPDGESYIRVPSSIRDEEVLLVQTTDYPQDKHLIELFLIAETIRDLGAK
KLTAIVPYLAYSRQDRRFKDGEAISIKTILHILSEVGVNTLVVVEPHKPEELSYFKGELKIVHPYHQIARKIKEIIEDPF
ILAPDRGALDRARKIAEEINAPYSYIEKERDRTTGEVRIKEAPNINLKGKDVVIIDDIISTGGTIVQATRLAYSLGAKSV
TAAAIHLLLVGGAKERLREVGVKTLIGTNTINVNDKDIITIDVSQSIALSL
;
_entity_poly.pdbx_strand_id   A,B,C,D,E,F
#
# COMPACT_ATOMS: atom_id res chain seq x y z
N MET A 1 4.51 52.16 -2.02
CA MET A 1 4.98 50.76 -2.08
C MET A 1 5.85 50.40 -0.90
N ILE A 2 5.60 49.22 -0.32
CA ILE A 2 6.51 48.68 0.69
C ILE A 2 6.70 47.18 0.55
N ILE A 3 7.79 46.70 1.13
CA ILE A 3 8.15 45.30 1.06
C ILE A 3 7.89 44.69 2.43
N ILE A 4 7.11 43.62 2.46
CA ILE A 4 6.92 42.88 3.70
C ILE A 4 7.64 41.57 3.59
N GLY A 5 8.59 41.34 4.48
CA GLY A 5 9.29 40.07 4.54
C GLY A 5 8.60 39.04 5.41
N GLY A 6 8.21 37.93 4.81
CA GLY A 6 7.56 36.86 5.54
C GLY A 6 8.49 36.13 6.47
N SER A 7 8.06 34.96 6.91
CA SER A 7 8.83 34.10 7.79
C SER A 7 9.96 33.37 7.09
N ALA A 8 9.91 33.38 5.76
CA ALA A 8 10.89 32.67 4.93
C ALA A 8 11.30 33.49 3.71
N THR A 9 12.23 34.39 3.93
CA THR A 9 12.87 35.15 2.87
C THR A 9 14.29 34.68 3.03
N ASN A 10 15.07 34.64 1.95
CA ASN A 10 16.44 34.20 2.15
C ASN A 10 17.40 35.35 1.94
N GLY A 11 17.04 36.49 2.52
CA GLY A 11 17.76 37.72 2.32
C GLY A 11 17.12 38.49 1.19
N ILE A 12 16.22 37.83 0.47
CA ILE A 12 15.65 38.43 -0.73
C ILE A 12 14.86 39.69 -0.44
N ASP A 13 14.13 39.70 0.67
CA ASP A 13 13.36 40.89 1.07
C ASP A 13 14.31 42.08 1.34
N GLU A 14 15.41 41.83 2.02
CA GLU A 14 16.36 42.88 2.34
C GLU A 14 17.09 43.43 1.13
N SER A 15 17.57 42.54 0.27
CA SER A 15 18.29 43.02 -0.91
C SER A 15 17.34 43.64 -1.94
N LEU A 16 16.10 43.17 -1.99
CA LEU A 16 15.11 43.84 -2.84
C LEU A 16 14.80 45.26 -2.33
N SER A 17 14.95 45.46 -1.03
CA SER A 17 14.74 46.77 -0.43
C SER A 17 15.80 47.76 -0.88
N LYS A 18 17.06 47.34 -0.86
CA LYS A 18 18.15 48.16 -1.37
C LYS A 18 17.95 48.45 -2.85
N ILE A 19 17.89 47.38 -3.64
CA ILE A 19 17.77 47.48 -5.10
C ILE A 19 16.64 48.39 -5.58
N LEU A 20 15.49 48.32 -4.92
CA LEU A 20 14.34 49.11 -5.38
C LEU A 20 14.19 50.40 -4.60
N SER A 21 14.98 50.52 -3.52
CA SER A 21 14.82 51.61 -2.56
C SER A 21 13.37 51.79 -2.13
N ILE A 22 12.85 50.75 -1.51
CA ILE A 22 11.51 50.70 -0.96
C ILE A 22 11.72 50.32 0.51
N PRO A 23 10.88 50.86 1.39
CA PRO A 23 11.03 50.55 2.83
C PRO A 23 10.70 49.10 3.15
N LEU A 24 11.43 48.50 4.08
CA LEU A 24 11.24 47.10 4.42
C LEU A 24 10.59 46.90 5.80
N VAL A 25 9.46 46.19 5.80
CA VAL A 25 8.74 45.84 7.02
C VAL A 25 8.76 44.34 7.24
N LYS A 26 9.36 43.89 8.35
CA LYS A 26 9.43 42.46 8.64
C LYS A 26 8.26 41.92 9.47
N VAL A 27 7.66 40.82 9.00
CA VAL A 27 6.59 40.13 9.72
C VAL A 27 7.09 39.47 11.01
N GLU A 28 6.40 39.74 12.11
CA GLU A 28 6.72 39.09 13.37
C GLU A 28 6.16 37.66 13.33
N ASN A 29 7.00 36.69 13.63
CA ASN A 29 6.55 35.31 13.54
C ASN A 29 7.26 34.39 14.52
N LYS A 30 6.48 33.59 15.24
CA LYS A 30 7.02 32.61 16.17
C LYS A 30 6.22 31.31 16.12
N ILE A 31 6.74 30.28 16.77
CA ILE A 31 6.06 29.00 16.85
C ILE A 31 5.53 28.75 18.25
N PHE A 32 4.22 28.63 18.39
CA PHE A 32 3.62 28.23 19.67
C PHE A 32 4.13 26.85 20.10
N PRO A 33 4.03 26.55 21.39
CA PRO A 33 4.42 25.21 21.87
C PRO A 33 3.60 24.11 21.17
N ASP A 34 2.33 24.39 20.90
CA ASP A 34 1.49 23.60 19.99
C ASP A 34 2.25 23.00 18.82
N GLY A 35 2.98 23.87 18.12
CA GLY A 35 3.52 23.61 16.80
C GLY A 35 3.00 24.64 15.80
N GLU A 36 1.93 25.31 16.20
CA GLU A 36 1.24 26.27 15.33
C GLU A 36 2.02 27.56 15.12
N SER A 37 1.68 28.27 14.06
CA SER A 37 2.38 29.49 13.70
C SER A 37 1.70 30.73 14.24
N TYR A 38 2.51 31.65 14.74
CA TYR A 38 2.06 32.98 15.13
C TYR A 38 2.49 33.99 14.07
N ILE A 39 1.57 34.87 13.69
CA ILE A 39 1.81 35.79 12.59
C ILE A 39 1.27 37.19 12.91
N ARG A 40 2.15 38.19 12.88
CA ARG A 40 1.74 39.58 13.08
C ARG A 40 2.41 40.56 12.09
N VAL A 41 1.61 41.40 11.45
CA VAL A 41 2.12 42.38 10.49
C VAL A 41 2.25 43.76 11.13
N PRO A 42 3.48 44.14 11.50
CA PRO A 42 3.78 45.11 12.57
C PRO A 42 3.64 46.59 12.23
N SER A 43 3.21 46.93 11.01
CA SER A 43 3.08 48.34 10.66
C SER A 43 1.67 48.72 10.27
N SER A 44 1.53 49.99 9.88
CA SER A 44 0.35 50.43 9.16
C SER A 44 0.62 50.19 7.69
N ILE A 45 -0.45 50.03 6.93
CA ILE A 45 -0.37 49.65 5.53
C ILE A 45 -1.55 50.27 4.83
N ARG A 46 -2.49 50.75 5.64
CA ARG A 46 -3.79 51.23 5.18
C ARG A 46 -3.99 51.27 3.65
N ASP A 47 -3.22 52.08 2.92
CA ASP A 47 -3.44 52.14 1.47
C ASP A 47 -2.20 51.85 0.61
N GLU A 48 -1.21 51.22 1.24
CA GLU A 48 0.04 50.87 0.57
C GLU A 48 -0.11 49.75 -0.48
N GLU A 49 0.79 49.75 -1.46
CA GLU A 49 0.96 48.61 -2.36
C GLU A 49 2.04 47.72 -1.76
N VAL A 50 1.73 46.45 -1.58
CA VAL A 50 2.66 45.59 -0.87
C VAL A 50 3.40 44.59 -1.76
N LEU A 51 4.66 44.37 -1.42
CA LEU A 51 5.45 43.32 -2.04
C LEU A 51 5.79 42.35 -0.94
N LEU A 52 5.06 41.23 -0.91
CA LEU A 52 5.28 40.19 0.09
C LEU A 52 6.36 39.24 -0.42
N VAL A 53 7.40 39.03 0.36
CA VAL A 53 8.38 38.00 0.07
C VAL A 53 8.22 36.80 1.01
N GLN A 54 7.75 35.68 0.46
CA GLN A 54 7.60 34.43 1.19
C GLN A 54 7.99 33.29 0.29
N THR A 55 9.11 32.62 0.57
CA THR A 55 9.43 31.43 -0.19
C THR A 55 8.80 30.27 0.52
N THR A 56 8.60 29.16 -0.18
CA THR A 56 7.93 28.01 0.41
C THR A 56 8.78 26.75 0.36
N ASP A 57 10.09 26.90 0.54
CA ASP A 57 10.98 25.75 0.73
C ASP A 57 10.68 25.02 2.06
N TYR A 58 11.43 23.96 2.36
CA TYR A 58 11.17 23.19 3.58
C TYR A 58 11.24 24.03 4.85
N PRO A 59 10.21 23.93 5.71
CA PRO A 59 9.03 23.08 5.60
C PRO A 59 7.94 23.69 4.72
N GLN A 60 7.59 23.01 3.64
CA GLN A 60 6.67 23.57 2.65
C GLN A 60 5.28 23.85 3.23
N ASP A 61 4.76 22.93 4.02
CA ASP A 61 3.40 23.06 4.48
C ASP A 61 3.23 24.23 5.46
N LYS A 62 4.13 24.31 6.42
CA LYS A 62 4.10 25.45 7.34
C LYS A 62 4.30 26.78 6.59
N HIS A 63 5.28 26.82 5.70
CA HIS A 63 5.53 28.05 4.97
C HIS A 63 4.33 28.45 4.11
N LEU A 64 3.62 27.46 3.57
CA LEU A 64 2.45 27.75 2.78
C LEU A 64 1.32 28.31 3.66
N ILE A 65 1.14 27.70 4.83
CA ILE A 65 0.07 28.15 5.68
C ILE A 65 0.40 29.53 6.23
N GLU A 66 1.67 29.74 6.54
CA GLU A 66 2.14 31.07 6.93
C GLU A 66 1.89 32.07 5.81
N LEU A 67 2.14 31.67 4.58
CA LEU A 67 1.86 32.54 3.44
C LEU A 67 0.39 32.90 3.40
N PHE A 68 -0.49 31.90 3.49
CA PHE A 68 -1.93 32.13 3.50
C PHE A 68 -2.33 33.12 4.59
N LEU A 69 -1.82 32.90 5.80
CA LEU A 69 -2.17 33.73 6.95
C LEU A 69 -1.70 35.18 6.78
N ILE A 70 -0.44 35.35 6.41
CA ILE A 70 0.13 36.66 6.18
C ILE A 70 -0.63 37.39 5.08
N ALA A 71 -0.96 36.68 4.01
CA ALA A 71 -1.67 37.27 2.89
C ALA A 71 -3.01 37.87 3.30
N GLU A 72 -3.87 37.07 3.93
CA GLU A 72 -5.16 37.58 4.39
C GLU A 72 -5.02 38.75 5.37
N THR A 73 -4.12 38.63 6.33
CA THR A 73 -3.84 39.72 7.25
C THR A 73 -3.54 41.02 6.51
N ILE A 74 -2.67 40.95 5.49
CA ILE A 74 -2.30 42.12 4.70
C ILE A 74 -3.50 42.72 3.99
N ARG A 75 -4.33 41.89 3.36
CA ARG A 75 -5.53 42.39 2.70
C ARG A 75 -6.48 42.98 3.73
N ASP A 76 -6.55 42.35 4.90
CA ASP A 76 -7.43 42.80 5.98
C ASP A 76 -6.98 44.12 6.54
N LEU A 77 -5.68 44.38 6.50
CA LEU A 77 -5.13 45.60 7.07
C LEU A 77 -5.23 46.81 6.12
N GLY A 78 -5.93 46.63 5.00
CA GLY A 78 -6.21 47.73 4.09
C GLY A 78 -5.42 47.83 2.80
N ALA A 79 -4.26 47.18 2.74
CA ALA A 79 -3.37 47.23 1.57
C ALA A 79 -4.11 47.41 0.24
N LYS A 80 -3.51 48.17 -0.68
CA LYS A 80 -4.15 48.50 -1.96
C LYS A 80 -3.95 47.40 -2.99
N LYS A 81 -2.81 46.74 -2.90
CA LYS A 81 -2.48 45.66 -3.82
C LYS A 81 -1.50 44.71 -3.14
N LEU A 82 -1.71 43.42 -3.34
CA LEU A 82 -0.80 42.44 -2.77
C LEU A 82 -0.07 41.76 -3.91
N THR A 83 1.26 41.87 -3.88
CA THR A 83 2.11 41.13 -4.80
C THR A 83 2.89 40.12 -3.98
N ALA A 84 2.66 38.84 -4.25
CA ALA A 84 3.34 37.78 -3.53
C ALA A 84 4.54 37.30 -4.31
N ILE A 85 5.72 37.55 -3.78
CA ILE A 85 6.95 37.07 -4.38
C ILE A 85 7.32 35.78 -3.66
N VAL A 86 7.05 34.67 -4.31
CA VAL A 86 7.39 33.38 -3.72
C VAL A 86 8.44 32.72 -4.60
N PRO A 87 9.71 32.87 -4.21
CA PRO A 87 10.87 32.42 -5.00
C PRO A 87 10.75 30.94 -5.38
N TYR A 88 10.63 30.06 -4.40
CA TYR A 88 10.33 28.66 -4.69
C TYR A 88 8.88 28.35 -4.32
N LEU A 89 8.07 28.02 -5.32
CA LEU A 89 6.69 27.64 -5.09
C LEU A 89 6.58 26.14 -4.88
N ALA A 90 6.09 25.71 -3.72
CA ALA A 90 6.01 24.28 -3.40
C ALA A 90 4.85 23.60 -4.14
N TYR A 91 4.91 22.28 -4.23
CA TYR A 91 3.90 21.51 -4.94
C TYR A 91 3.87 21.82 -6.43
N SER A 92 5.03 22.18 -6.97
CA SER A 92 5.14 22.52 -8.38
C SER A 92 5.32 21.27 -9.21
N ARG A 93 5.99 20.27 -8.65
CA ARG A 93 6.22 19.04 -9.38
C ARG A 93 4.90 18.32 -9.67
N GLN A 94 3.85 18.67 -8.91
CA GLN A 94 2.54 18.05 -9.09
C GLN A 94 1.67 18.83 -10.07
N ASP A 95 1.95 18.61 -11.35
CA ASP A 95 1.43 19.41 -12.46
C ASP A 95 0.03 18.99 -12.90
N ARG A 96 -0.27 17.69 -12.78
CA ARG A 96 -1.48 17.11 -13.34
C ARG A 96 -1.82 15.81 -12.62
N ARG A 97 -2.82 15.09 -13.10
CA ARG A 97 -3.16 13.77 -12.54
C ARG A 97 -2.41 12.67 -13.27
N PHE A 98 -1.26 12.27 -12.72
CA PHE A 98 -0.44 11.21 -13.31
C PHE A 98 -1.12 9.84 -13.23
N LYS A 99 -2.00 9.68 -12.24
CA LYS A 99 -2.90 8.55 -12.14
C LYS A 99 -4.28 9.10 -11.81
N ASP A 100 -5.35 8.34 -12.06
CA ASP A 100 -6.70 8.85 -11.78
C ASP A 100 -6.95 9.01 -10.28
N GLY A 101 -7.52 10.15 -9.92
CA GLY A 101 -7.78 10.47 -8.53
C GLY A 101 -6.61 11.06 -7.74
N GLU A 102 -5.47 11.26 -8.40
CA GLU A 102 -4.37 11.98 -7.77
C GLU A 102 -4.81 13.44 -7.65
N ALA A 103 -4.29 14.13 -6.65
CA ALA A 103 -4.57 15.56 -6.50
C ALA A 103 -3.69 16.41 -7.43
N ILE A 104 -4.27 17.41 -8.06
CA ILE A 104 -3.47 18.43 -8.71
C ILE A 104 -3.12 19.49 -7.69
N SER A 105 -2.12 19.18 -6.85
CA SER A 105 -1.75 20.03 -5.72
C SER A 105 -1.57 21.49 -6.09
N ILE A 106 -0.85 21.74 -7.18
CA ILE A 106 -0.52 23.11 -7.55
C ILE A 106 -1.80 23.91 -7.83
N LYS A 107 -2.83 23.23 -8.30
CA LYS A 107 -4.10 23.90 -8.61
C LYS A 107 -4.74 24.42 -7.33
N THR A 108 -4.78 23.56 -6.32
CA THR A 108 -5.33 23.91 -5.01
C THR A 108 -4.56 25.06 -4.38
N ILE A 109 -3.24 24.95 -4.36
CA ILE A 109 -2.42 25.99 -3.79
C ILE A 109 -2.70 27.32 -4.46
N LEU A 110 -2.73 27.30 -5.79
CA LEU A 110 -2.91 28.52 -6.57
C LEU A 110 -4.29 29.13 -6.33
N HIS A 111 -5.32 28.29 -6.39
CA HIS A 111 -6.67 28.77 -6.13
C HIS A 111 -6.73 29.41 -4.76
N ILE A 112 -6.06 28.80 -3.78
CA ILE A 112 -6.04 29.32 -2.42
C ILE A 112 -5.42 30.70 -2.35
N LEU A 113 -4.42 30.96 -3.19
CA LEU A 113 -3.74 32.26 -3.17
C LEU A 113 -4.59 33.40 -3.74
N SER A 114 -5.49 33.09 -4.67
CA SER A 114 -6.41 34.09 -5.24
C SER A 114 -7.41 34.52 -4.17
N GLU A 115 -8.20 33.56 -3.70
CA GLU A 115 -8.88 33.68 -2.41
C GLU A 115 -7.72 33.99 -1.48
N VAL A 116 -7.94 34.68 -0.38
CA VAL A 116 -6.80 35.03 0.50
C VAL A 116 -6.17 36.35 0.12
N GLY A 117 -6.35 36.77 -1.13
CA GLY A 117 -6.10 38.15 -1.53
C GLY A 117 -4.85 38.53 -2.33
N VAL A 118 -4.12 37.54 -2.85
CA VAL A 118 -2.95 37.83 -3.68
C VAL A 118 -3.38 38.30 -5.08
N ASN A 119 -2.93 39.48 -5.46
CA ASN A 119 -3.29 40.07 -6.74
C ASN A 119 -2.32 39.64 -7.83
N THR A 120 -1.05 39.74 -7.51
CA THR A 120 0.01 39.42 -8.45
C THR A 120 0.94 38.42 -7.82
N LEU A 121 1.21 37.34 -8.57
CA LEU A 121 2.12 36.28 -8.13
C LEU A 121 3.43 36.27 -8.91
N VAL A 122 4.56 36.32 -8.20
CA VAL A 122 5.89 36.32 -8.81
C VAL A 122 6.65 35.06 -8.41
N VAL A 123 7.03 34.26 -9.39
CA VAL A 123 7.70 32.98 -9.12
C VAL A 123 9.00 32.84 -9.92
N VAL A 124 10.02 32.25 -9.32
CA VAL A 124 11.26 32.00 -10.01
C VAL A 124 11.30 30.53 -10.50
N GLU A 125 11.63 30.33 -11.78
CA GLU A 125 11.66 29.00 -12.39
C GLU A 125 10.59 28.05 -11.85
N PRO A 126 9.34 28.34 -12.17
CA PRO A 126 8.26 27.37 -11.91
C PRO A 126 8.59 26.10 -12.67
N HIS A 127 8.43 24.93 -12.06
CA HIS A 127 8.71 23.67 -12.73
C HIS A 127 8.12 23.55 -14.15
N LYS A 128 6.90 24.01 -14.33
CA LYS A 128 6.33 24.08 -15.68
C LYS A 128 5.32 25.23 -15.76
N PRO A 129 5.66 26.30 -16.50
CA PRO A 129 4.95 27.58 -16.43
C PRO A 129 3.47 27.56 -16.83
N GLU A 130 2.99 26.48 -17.44
CA GLU A 130 1.56 26.35 -17.73
C GLU A 130 0.77 26.19 -16.42
N GLU A 131 1.33 25.40 -15.50
CA GLU A 131 0.87 25.34 -14.12
C GLU A 131 0.17 26.61 -13.69
N LEU A 132 0.88 27.73 -13.79
CA LEU A 132 0.45 28.96 -13.17
C LEU A 132 -0.79 29.59 -13.80
N SER A 133 -1.34 28.95 -14.82
CA SER A 133 -2.57 29.42 -15.43
C SER A 133 -3.73 29.32 -14.44
N TYR A 134 -3.62 28.37 -13.52
CA TYR A 134 -4.65 28.17 -12.51
C TYR A 134 -4.84 29.41 -11.65
N PHE A 135 -3.76 30.18 -11.46
CA PHE A 135 -3.83 31.39 -10.65
C PHE A 135 -4.58 32.47 -11.44
N LYS A 136 -5.56 33.09 -10.78
CA LYS A 136 -6.48 33.99 -11.46
C LYS A 136 -5.95 35.41 -11.66
N GLY A 137 -5.12 35.89 -10.73
CA GLY A 137 -4.50 37.20 -10.88
C GLY A 137 -3.44 37.31 -11.96
N GLU A 138 -2.57 38.31 -11.79
CA GLU A 138 -1.48 38.57 -12.74
C GLU A 138 -0.24 37.74 -12.41
N LEU A 139 0.36 37.16 -13.45
CA LEU A 139 1.57 36.35 -13.33
C LEU A 139 2.83 37.07 -13.78
N LYS A 140 3.88 36.97 -12.97
CA LYS A 140 5.20 37.40 -13.42
C LYS A 140 6.19 36.27 -13.13
N ILE A 141 6.56 35.55 -14.18
CA ILE A 141 7.58 34.50 -14.08
C ILE A 141 8.99 35.09 -14.20
N VAL A 142 9.92 34.58 -13.40
CA VAL A 142 11.29 35.08 -13.41
C VAL A 142 12.24 33.97 -13.78
N HIS A 143 12.94 34.13 -14.90
CA HIS A 143 13.98 33.17 -15.30
C HIS A 143 15.33 33.82 -15.10
N PRO A 144 16.05 33.43 -14.05
CA PRO A 144 17.31 34.13 -13.72
C PRO A 144 18.48 33.65 -14.60
N TYR A 145 18.24 33.46 -15.89
CA TYR A 145 19.23 32.87 -16.78
C TYR A 145 20.50 33.70 -16.91
N HIS A 146 20.36 35.02 -17.05
CA HIS A 146 21.56 35.86 -17.17
C HIS A 146 22.48 35.75 -15.97
N GLN A 147 21.92 35.63 -14.77
CA GLN A 147 22.78 35.57 -13.60
C GLN A 147 23.52 34.24 -13.51
N ILE A 148 22.88 33.18 -13.97
CA ILE A 148 23.52 31.88 -14.03
C ILE A 148 24.60 31.86 -15.11
N ALA A 149 24.28 32.42 -16.27
CA ALA A 149 25.28 32.56 -17.33
C ALA A 149 26.49 33.33 -16.79
N ARG A 150 26.29 34.51 -16.25
CA ARG A 150 27.41 35.29 -15.72
C ARG A 150 28.29 34.46 -14.77
N LYS A 151 27.67 33.69 -13.87
CA LYS A 151 28.41 32.93 -12.87
C LYS A 151 29.18 31.77 -13.50
N ILE A 152 28.52 31.00 -14.36
CA ILE A 152 29.21 29.96 -15.11
C ILE A 152 30.48 30.51 -15.79
N LYS A 153 30.36 31.66 -16.46
CA LYS A 153 31.48 32.24 -17.18
C LYS A 153 32.65 32.61 -16.27
N GLU A 154 32.35 33.04 -15.05
CA GLU A 154 33.40 33.37 -14.08
C GLU A 154 34.15 32.13 -13.63
N ILE A 155 33.43 31.03 -13.44
CA ILE A 155 33.95 29.86 -12.74
C ILE A 155 34.39 28.74 -13.68
N ILE A 156 33.86 28.74 -14.89
CA ILE A 156 34.12 27.64 -15.79
C ILE A 156 34.85 28.06 -17.06
N GLU A 157 36.06 27.54 -17.22
CA GLU A 157 36.90 27.80 -18.38
C GLU A 157 36.54 26.78 -19.46
N ASP A 158 36.00 27.25 -20.58
CA ASP A 158 35.56 26.37 -21.66
C ASP A 158 34.35 25.51 -21.26
N PRO A 159 33.17 26.16 -21.15
CA PRO A 159 31.95 25.49 -20.70
C PRO A 159 31.20 24.78 -21.82
N PHE A 160 30.76 23.57 -21.55
CA PHE A 160 29.75 22.93 -22.36
C PHE A 160 28.49 22.78 -21.48
N ILE A 161 27.34 23.17 -22.01
CA ILE A 161 26.13 23.16 -21.20
C ILE A 161 25.18 22.02 -21.57
N LEU A 162 25.01 21.11 -20.61
CA LEU A 162 24.30 19.85 -20.83
C LEU A 162 22.99 19.83 -20.05
N ALA A 163 21.89 19.59 -20.76
CA ALA A 163 20.57 19.46 -20.15
C ALA A 163 20.21 17.98 -19.98
N PRO A 164 19.82 17.57 -18.76
CA PRO A 164 19.60 16.16 -18.41
C PRO A 164 18.48 15.48 -19.18
N ASP A 165 17.53 16.26 -19.69
CA ASP A 165 16.43 15.72 -20.48
C ASP A 165 15.91 16.79 -21.44
N ARG A 166 14.99 16.45 -22.31
CA ARG A 166 14.46 17.46 -23.22
C ARG A 166 13.72 18.57 -22.48
N GLY A 167 13.26 18.27 -21.26
CA GLY A 167 12.63 19.28 -20.44
C GLY A 167 13.56 20.47 -20.20
N ALA A 168 14.82 20.16 -19.88
CA ALA A 168 15.79 21.17 -19.50
C ALA A 168 16.50 21.82 -20.68
N LEU A 169 16.10 21.47 -21.90
CA LEU A 169 16.79 21.97 -23.08
C LEU A 169 16.63 23.47 -23.29
N ASP A 170 15.40 23.97 -23.31
CA ASP A 170 15.16 25.40 -23.49
C ASP A 170 16.00 26.24 -22.54
N ARG A 171 16.07 25.82 -21.28
CA ARG A 171 16.82 26.54 -20.26
C ARG A 171 18.33 26.47 -20.57
N ALA A 172 18.82 25.30 -20.97
CA ALA A 172 20.24 25.15 -21.30
C ALA A 172 20.60 26.00 -22.51
N ARG A 173 19.75 25.97 -23.54
CA ARG A 173 19.97 26.76 -24.73
C ARG A 173 20.02 28.24 -24.41
N LYS A 174 19.01 28.76 -23.72
CA LYS A 174 18.99 30.19 -23.41
C LYS A 174 20.20 30.63 -22.56
N ILE A 175 20.71 29.74 -21.73
CA ILE A 175 21.85 30.06 -20.89
C ILE A 175 23.14 29.98 -21.70
N ALA A 176 23.27 28.90 -22.47
CA ALA A 176 24.45 28.71 -23.32
C ALA A 176 24.57 29.76 -24.41
N GLU A 177 23.46 30.14 -25.03
CA GLU A 177 23.51 31.10 -26.13
C GLU A 177 23.99 32.46 -25.66
N GLU A 178 23.66 32.81 -24.42
CA GLU A 178 24.05 34.11 -23.90
C GLU A 178 25.55 34.18 -23.59
N ILE A 179 26.15 33.01 -23.49
CA ILE A 179 27.54 32.94 -23.08
C ILE A 179 28.33 32.33 -24.26
N ASN A 180 27.63 32.17 -25.38
CA ASN A 180 28.17 31.59 -26.62
C ASN A 180 28.87 30.25 -26.47
N ALA A 181 28.36 29.43 -25.55
CA ALA A 181 28.88 28.10 -25.32
C ALA A 181 28.08 27.08 -26.12
N PRO A 182 28.66 25.88 -26.32
CA PRO A 182 27.96 24.77 -26.98
C PRO A 182 26.98 24.14 -25.99
N TYR A 183 25.91 23.56 -26.48
CA TYR A 183 24.92 22.95 -25.60
C TYR A 183 24.33 21.71 -26.24
N SER A 184 23.91 20.78 -25.40
CA SER A 184 23.18 19.61 -25.89
C SER A 184 22.31 19.02 -24.78
N TYR A 185 21.52 18.02 -25.14
CA TYR A 185 20.68 17.37 -24.16
C TYR A 185 20.77 15.85 -24.27
N ILE A 186 20.58 15.16 -23.15
CA ILE A 186 20.53 13.71 -23.11
C ILE A 186 19.15 13.21 -23.53
N GLU A 187 19.13 12.16 -24.34
CA GLU A 187 17.91 11.69 -24.99
C GLU A 187 17.43 10.36 -24.43
N LYS A 188 16.49 10.42 -23.48
CA LYS A 188 15.86 9.21 -22.96
C LYS A 188 14.96 8.58 -24.02
N GLU A 189 14.98 7.25 -24.08
CA GLU A 189 14.09 6.45 -24.94
C GLU A 189 14.51 4.98 -24.85
N ARG A 190 15.75 4.71 -25.25
CA ARG A 190 16.35 3.38 -25.13
C ARG A 190 17.81 3.49 -24.74
N ASN A 204 27.88 19.53 -30.34
CA ASN A 204 27.10 18.47 -29.70
C ASN A 204 27.89 17.15 -29.54
N ILE A 205 27.67 16.48 -28.39
CA ILE A 205 28.36 15.23 -28.05
C ILE A 205 29.90 15.35 -28.10
N ASN A 206 30.37 16.38 -28.79
CA ASN A 206 31.77 16.75 -28.77
C ASN A 206 32.04 17.53 -27.49
N LEU A 207 31.46 17.05 -26.39
CA LEU A 207 31.76 17.58 -25.08
C LEU A 207 33.09 16.99 -24.64
N LYS A 208 33.59 16.09 -25.48
CA LYS A 208 34.93 15.53 -25.36
C LYS A 208 35.92 16.62 -24.91
N GLY A 209 36.53 16.41 -23.74
CA GLY A 209 37.55 17.30 -23.23
C GLY A 209 37.09 18.63 -22.67
N LYS A 210 35.78 18.85 -22.65
CA LYS A 210 35.22 20.13 -22.18
C LYS A 210 34.76 20.09 -20.72
N ASP A 211 34.66 21.27 -20.10
CA ASP A 211 34.17 21.41 -18.74
C ASP A 211 32.64 21.50 -18.73
N VAL A 212 31.98 20.36 -18.53
CA VAL A 212 30.52 20.30 -18.63
C VAL A 212 29.79 20.89 -17.43
N VAL A 213 28.68 21.56 -17.70
CA VAL A 213 27.80 22.08 -16.67
C VAL A 213 26.39 21.55 -16.92
N ILE A 214 25.90 20.74 -15.99
CA ILE A 214 24.56 20.17 -16.11
C ILE A 214 23.54 21.03 -15.37
N ILE A 215 22.58 21.56 -16.13
CA ILE A 215 21.61 22.53 -15.61
C ILE A 215 20.17 21.99 -15.58
N ASP A 216 19.54 22.06 -14.42
CA ASP A 216 18.13 21.68 -14.27
C ASP A 216 17.43 22.73 -13.42
N ASP A 217 16.09 22.70 -13.44
CA ASP A 217 15.34 23.63 -12.60
C ASP A 217 15.47 23.27 -11.13
N ILE A 218 15.32 21.99 -10.82
CA ILE A 218 15.37 21.53 -9.44
C ILE A 218 16.35 20.36 -9.26
N ILE A 219 17.03 20.32 -8.13
CA ILE A 219 17.80 19.14 -7.76
C ILE A 219 17.39 18.69 -6.35
N SER A 220 16.73 17.53 -6.29
CA SER A 220 16.24 16.98 -5.02
C SER A 220 17.13 15.87 -4.52
N THR A 221 16.90 14.66 -5.04
CA THR A 221 17.69 13.51 -4.68
C THR A 221 19.03 13.61 -5.41
N GLY A 222 18.97 14.10 -6.64
CA GLY A 222 20.15 14.25 -7.47
C GLY A 222 20.29 13.10 -8.44
N GLY A 223 19.23 12.31 -8.58
CA GLY A 223 19.24 11.13 -9.42
C GLY A 223 19.46 11.42 -10.90
N THR A 224 18.76 12.43 -11.43
CA THR A 224 18.85 12.73 -12.85
C THR A 224 20.24 13.28 -13.15
N ILE A 225 20.76 14.07 -12.22
CA ILE A 225 22.08 14.69 -12.36
C ILE A 225 23.19 13.66 -12.29
N VAL A 226 22.99 12.59 -11.52
CA VAL A 226 23.98 11.54 -11.40
C VAL A 226 24.07 10.69 -12.66
N GLN A 227 22.93 10.27 -13.18
CA GLN A 227 22.92 9.54 -14.45
C GLN A 227 23.52 10.38 -15.58
N ALA A 228 23.32 11.69 -15.52
CA ALA A 228 23.86 12.57 -16.54
C ALA A 228 25.36 12.79 -16.37
N THR A 229 25.86 12.76 -15.13
CA THR A 229 27.29 12.89 -14.88
C THR A 229 28.07 11.69 -15.45
N ARG A 230 27.44 10.52 -15.52
CA ARG A 230 28.06 9.34 -16.12
C ARG A 230 28.32 9.58 -17.60
N LEU A 231 27.26 9.71 -18.38
CA LEU A 231 27.40 9.98 -19.81
C LEU A 231 28.49 11.00 -20.10
N ALA A 232 28.54 12.04 -19.28
CA ALA A 232 29.51 13.12 -19.47
C ALA A 232 30.94 12.60 -19.38
N TYR A 233 31.27 11.91 -18.30
CA TYR A 233 32.60 11.38 -18.12
C TYR A 233 32.92 10.29 -19.13
N SER A 234 31.91 9.49 -19.48
CA SER A 234 32.05 8.48 -20.51
C SER A 234 31.96 9.08 -21.91
N LEU A 235 32.19 10.38 -22.00
CA LEU A 235 32.22 11.06 -23.30
C LEU A 235 33.35 12.06 -23.32
N GLY A 236 34.21 11.98 -22.31
CA GLY A 236 35.44 12.74 -22.28
C GLY A 236 35.39 14.03 -21.50
N ALA A 237 34.32 14.23 -20.75
CA ALA A 237 34.20 15.43 -19.92
C ALA A 237 35.47 15.61 -19.10
N LYS A 238 36.05 16.79 -19.18
CA LYS A 238 37.23 17.12 -18.37
C LYS A 238 36.80 17.26 -16.91
N SER A 239 35.62 17.83 -16.72
CA SER A 239 35.03 18.00 -15.39
C SER A 239 33.52 18.16 -15.53
N VAL A 240 32.79 17.88 -14.45
CA VAL A 240 31.35 18.08 -14.42
C VAL A 240 30.93 18.99 -13.26
N THR A 241 30.17 20.02 -13.58
CA THR A 241 29.60 20.90 -12.58
C THR A 241 28.09 20.80 -12.70
N ALA A 242 27.38 20.92 -11.58
CA ALA A 242 25.93 20.86 -11.60
C ALA A 242 25.33 22.17 -11.12
N ALA A 243 24.28 22.61 -11.79
CA ALA A 243 23.62 23.87 -11.47
C ALA A 243 22.11 23.75 -11.53
N ALA A 244 21.42 24.31 -10.56
CA ALA A 244 19.97 24.39 -10.61
C ALA A 244 19.50 25.67 -9.94
N ILE A 245 18.32 26.14 -10.32
CA ILE A 245 17.75 27.30 -9.65
C ILE A 245 17.37 26.93 -8.19
N HIS A 246 16.63 25.83 -8.02
CA HIS A 246 16.19 25.37 -6.72
C HIS A 246 16.99 24.15 -6.26
N LEU A 247 17.89 24.36 -5.30
CA LEU A 247 18.70 23.26 -4.77
C LEU A 247 18.11 22.67 -3.48
N LEU A 248 17.10 21.80 -3.63
CA LEU A 248 16.48 21.14 -2.47
C LEU A 248 17.20 19.85 -2.16
N LEU A 249 18.46 19.94 -1.73
CA LEU A 249 19.27 18.74 -1.60
C LEU A 249 18.76 17.83 -0.49
N VAL A 250 18.36 16.63 -0.87
CA VAL A 250 17.64 15.74 0.01
C VAL A 250 18.44 14.53 0.48
N GLY A 251 18.79 14.53 1.76
CA GLY A 251 19.47 13.41 2.38
C GLY A 251 20.85 13.17 1.81
N GLY A 252 20.96 12.14 0.97
CA GLY A 252 22.24 11.82 0.34
C GLY A 252 22.74 12.93 -0.58
N ALA A 253 21.93 13.23 -1.59
CA ALA A 253 22.20 14.28 -2.58
C ALA A 253 23.62 14.85 -2.65
N LYS A 254 23.97 15.72 -1.71
CA LYS A 254 25.26 16.39 -1.76
C LYS A 254 26.42 15.40 -1.85
N GLU A 255 26.37 14.34 -1.04
CA GLU A 255 27.40 13.32 -1.07
C GLU A 255 27.27 12.40 -2.28
N ARG A 256 26.06 11.96 -2.57
CA ARG A 256 25.80 11.11 -3.71
C ARG A 256 26.38 11.71 -4.99
N LEU A 257 26.49 13.04 -5.03
CA LEU A 257 27.02 13.74 -6.19
C LEU A 257 28.56 13.83 -6.18
N ARG A 258 29.13 14.18 -5.04
CA ARG A 258 30.58 14.21 -4.88
C ARG A 258 31.19 12.87 -5.27
N GLU A 259 30.48 11.79 -4.93
CA GLU A 259 30.95 10.44 -5.21
C GLU A 259 31.07 10.13 -6.71
N VAL A 260 30.16 10.67 -7.51
CA VAL A 260 30.19 10.49 -8.96
C VAL A 260 31.06 11.57 -9.60
N GLY A 261 31.66 12.41 -8.78
CA GLY A 261 32.65 13.37 -9.24
C GLY A 261 32.14 14.73 -9.67
N VAL A 262 30.99 15.15 -9.14
CA VAL A 262 30.55 16.51 -9.38
C VAL A 262 31.32 17.44 -8.44
N LYS A 263 32.23 18.20 -9.02
CA LYS A 263 33.14 19.05 -8.25
C LYS A 263 32.37 20.18 -7.57
N THR A 264 31.69 20.98 -8.38
CA THR A 264 31.09 22.22 -7.93
C THR A 264 29.57 22.14 -8.00
N LEU A 265 28.91 22.83 -7.08
CA LEU A 265 27.45 22.95 -7.10
C LEU A 265 27.00 24.39 -7.15
N ILE A 266 26.18 24.73 -8.14
CA ILE A 266 25.64 26.08 -8.27
C ILE A 266 24.15 26.11 -8.05
N GLY A 267 23.71 26.94 -7.11
CA GLY A 267 22.30 27.14 -6.85
C GLY A 267 22.00 28.61 -6.59
N THR A 268 20.76 28.87 -6.16
CA THR A 268 20.33 30.22 -5.85
C THR A 268 19.62 30.28 -4.51
N ASN A 269 19.31 31.50 -4.08
CA ASN A 269 18.67 31.71 -2.80
C ASN A 269 17.14 31.75 -2.86
N THR A 270 16.56 30.95 -3.76
CA THR A 270 15.13 30.69 -3.67
C THR A 270 14.94 29.70 -2.53
N ILE A 271 16.03 29.02 -2.17
CA ILE A 271 16.05 28.02 -1.12
C ILE A 271 17.09 28.41 -0.07
N ASN A 272 17.05 27.79 1.11
CA ASN A 272 18.08 27.95 2.11
C ASN A 272 19.16 26.85 2.00
N VAL A 273 20.45 27.19 2.14
CA VAL A 273 21.52 26.18 1.96
C VAL A 273 22.74 26.17 2.94
N ASN A 274 23.92 25.84 2.41
CA ASN A 274 25.18 25.73 3.17
C ASN A 274 26.35 26.39 2.40
N ASP A 275 27.59 26.21 2.86
CA ASP A 275 28.72 26.72 2.07
C ASP A 275 30.09 26.00 2.13
N LYS A 276 30.09 24.66 2.13
CA LYS A 276 31.26 23.88 1.71
C LYS A 276 31.00 23.60 0.24
N ASP A 277 31.35 24.58 -0.60
CA ASP A 277 30.52 24.96 -1.72
C ASP A 277 29.64 25.92 -0.95
N ILE A 278 28.32 25.97 -1.18
CA ILE A 278 27.73 25.72 -2.47
C ILE A 278 27.70 27.11 -3.02
N ILE A 279 27.97 27.24 -4.31
CA ILE A 279 27.94 28.55 -4.93
C ILE A 279 26.50 29.05 -5.00
N THR A 280 26.21 30.12 -4.26
CA THR A 280 24.84 30.58 -4.15
C THR A 280 24.64 31.92 -4.82
N ILE A 281 23.86 31.93 -5.89
CA ILE A 281 23.51 33.16 -6.58
C ILE A 281 22.31 33.82 -5.92
N ASP A 282 22.44 35.11 -5.60
CA ASP A 282 21.31 35.88 -5.08
C ASP A 282 20.53 36.42 -6.27
N VAL A 283 19.33 35.87 -6.48
CA VAL A 283 18.54 36.16 -7.66
C VAL A 283 17.61 37.35 -7.48
N SER A 284 17.82 38.13 -6.42
CA SER A 284 17.02 39.34 -6.20
C SER A 284 17.07 40.28 -7.40
N GLN A 285 18.27 40.45 -7.95
CA GLN A 285 18.45 41.31 -9.13
C GLN A 285 17.55 40.88 -10.30
N SER A 286 17.44 39.58 -10.54
CA SER A 286 16.56 39.05 -11.58
C SER A 286 15.08 39.25 -11.24
N ILE A 287 14.74 39.11 -9.96
CA ILE A 287 13.36 39.31 -9.53
C ILE A 287 12.97 40.78 -9.71
N ALA A 288 13.89 41.69 -9.39
CA ALA A 288 13.63 43.13 -9.49
C ALA A 288 13.22 43.56 -10.88
N LEU A 289 13.93 43.06 -11.89
CA LEU A 289 13.62 43.41 -13.27
C LEU A 289 12.18 43.09 -13.60
N SER A 290 11.72 41.94 -13.09
CA SER A 290 10.46 41.35 -13.51
C SER A 290 9.27 41.96 -12.80
N LEU A 291 9.53 42.88 -11.87
CA LEU A 291 8.47 43.55 -11.10
C LEU A 291 7.74 44.60 -11.93
N MET B 1 -24.12 7.56 0.28
CA MET B 1 -23.15 8.06 1.24
C MET B 1 -21.95 7.12 1.44
N ILE B 2 -20.76 7.71 1.51
CA ILE B 2 -19.56 6.97 1.89
C ILE B 2 -18.64 7.79 2.79
N ILE B 3 -17.76 7.10 3.50
CA ILE B 3 -16.82 7.72 4.40
C ILE B 3 -15.44 7.63 3.80
N ILE B 4 -14.77 8.77 3.66
CA ILE B 4 -13.39 8.78 3.19
C ILE B 4 -12.48 9.14 4.34
N GLY B 5 -11.56 8.24 4.66
CA GLY B 5 -10.65 8.50 5.74
C GLY B 5 -9.40 9.17 5.23
N GLY B 6 -9.12 10.38 5.72
CA GLY B 6 -7.90 11.08 5.37
C GLY B 6 -6.63 10.47 5.95
N SER B 7 -5.55 11.25 5.91
CA SER B 7 -4.26 10.79 6.37
C SER B 7 -4.19 10.82 7.88
N ALA B 8 -5.17 11.47 8.51
CA ALA B 8 -5.19 11.62 9.97
C ALA B 8 -6.59 11.41 10.53
N THR B 9 -6.91 10.14 10.75
CA THR B 9 -8.13 9.74 11.41
C THR B 9 -7.58 9.00 12.59
N ASN B 10 -8.25 9.03 13.73
CA ASN B 10 -7.69 8.29 14.83
C ASN B 10 -8.51 7.05 15.13
N GLY B 11 -8.94 6.39 14.07
CA GLY B 11 -9.82 5.25 14.18
C GLY B 11 -11.24 5.72 13.96
N ILE B 12 -11.41 7.04 13.97
CA ILE B 12 -12.74 7.62 13.90
C ILE B 12 -13.45 7.24 12.60
N ASP B 13 -12.71 7.25 11.50
CA ASP B 13 -13.29 6.88 10.21
C ASP B 13 -13.81 5.43 10.22
N GLU B 14 -13.03 4.52 10.80
CA GLU B 14 -13.42 3.13 10.87
C GLU B 14 -14.60 2.87 11.80
N SER B 15 -14.59 3.47 12.99
CA SER B 15 -15.70 3.23 13.89
C SER B 15 -16.97 3.96 13.44
N LEU B 16 -16.83 5.10 12.74
CA LEU B 16 -18.00 5.75 12.18
C LEU B 16 -18.61 4.89 11.08
N SER B 17 -17.77 4.08 10.43
CA SER B 17 -18.24 3.18 9.38
C SER B 17 -19.14 2.09 9.95
N LYS B 18 -18.72 1.49 11.06
CA LYS B 18 -19.54 0.51 11.78
C LYS B 18 -20.85 1.14 12.28
N ILE B 19 -20.71 2.15 13.12
CA ILE B 19 -21.85 2.84 13.71
C ILE B 19 -22.92 3.26 12.72
N LEU B 20 -22.50 3.78 11.56
CA LEU B 20 -23.47 4.29 10.59
C LEU B 20 -23.78 3.27 9.49
N SER B 21 -23.02 2.18 9.47
CA SER B 21 -23.08 1.20 8.40
C SER B 21 -23.04 1.88 7.03
N ILE B 22 -21.92 2.56 6.79
CA ILE B 22 -21.61 3.22 5.55
C ILE B 22 -20.27 2.66 5.10
N PRO B 23 -20.08 2.53 3.79
CA PRO B 23 -18.82 1.92 3.31
C PRO B 23 -17.64 2.85 3.55
N LEU B 24 -16.47 2.27 3.84
CA LEU B 24 -15.26 3.05 4.16
C LEU B 24 -14.19 3.00 3.08
N VAL B 25 -13.84 4.18 2.56
CA VAL B 25 -12.79 4.30 1.55
C VAL B 25 -11.60 5.08 2.11
N LYS B 26 -10.44 4.46 2.15
CA LYS B 26 -9.25 5.11 2.71
C LYS B 26 -8.39 5.84 1.67
N VAL B 27 -8.11 7.11 1.91
CA VAL B 27 -7.19 7.89 1.06
C VAL B 27 -5.75 7.39 1.07
N GLU B 28 -5.21 7.19 -0.13
CA GLU B 28 -3.80 6.80 -0.26
C GLU B 28 -2.91 8.02 -0.01
N ASN B 29 -1.96 7.88 0.90
CA ASN B 29 -1.12 9.02 1.22
C ASN B 29 0.29 8.65 1.66
N LYS B 30 1.28 9.32 1.07
CA LYS B 30 2.68 9.12 1.41
C LYS B 30 3.43 10.45 1.41
N ILE B 31 4.65 10.42 1.94
CA ILE B 31 5.51 11.60 1.95
C ILE B 31 6.66 11.46 0.96
N PHE B 32 6.70 12.35 -0.03
CA PHE B 32 7.84 12.41 -0.96
C PHE B 32 9.14 12.68 -0.20
N PRO B 33 10.28 12.36 -0.81
CA PRO B 33 11.58 12.66 -0.19
C PRO B 33 11.73 14.17 0.06
N ASP B 34 11.17 14.96 -0.84
CA ASP B 34 10.98 16.41 -0.66
C ASP B 34 10.63 16.78 0.77
N GLY B 35 9.59 16.11 1.28
CA GLY B 35 8.86 16.51 2.46
C GLY B 35 7.38 16.70 2.15
N GLU B 36 7.07 16.81 0.85
CA GLU B 36 5.73 17.13 0.40
C GLU B 36 4.79 15.94 0.50
N SER B 37 3.51 16.22 0.46
CA SER B 37 2.49 15.19 0.60
C SER B 37 1.99 14.65 -0.73
N TYR B 38 1.86 13.33 -0.80
CA TYR B 38 1.18 12.67 -1.90
C TYR B 38 -0.24 12.30 -1.47
N ILE B 39 -1.22 12.58 -2.33
CA ILE B 39 -2.61 12.36 -2.01
C ILE B 39 -3.38 11.73 -3.18
N ARG B 40 -3.97 10.55 -2.95
CA ARG B 40 -4.83 9.89 -3.95
C ARG B 40 -6.14 9.34 -3.39
N VAL B 41 -7.26 9.69 -4.01
CA VAL B 41 -8.59 9.21 -3.60
C VAL B 41 -9.05 8.00 -4.43
N PRO B 42 -8.93 6.79 -3.87
CA PRO B 42 -8.76 5.54 -4.63
C PRO B 42 -10.04 4.91 -5.20
N SER B 43 -11.19 5.55 -5.03
CA SER B 43 -12.41 4.96 -5.58
C SER B 43 -13.10 5.84 -6.61
N SER B 44 -14.25 5.36 -7.07
CA SER B 44 -15.22 6.20 -7.75
C SER B 44 -16.11 6.84 -6.68
N ILE B 45 -16.65 8.00 -7.01
CA ILE B 45 -17.38 8.82 -6.08
C ILE B 45 -18.43 9.58 -6.88
N ARG B 46 -18.26 9.53 -8.21
CA ARG B 46 -19.06 10.33 -9.15
C ARG B 46 -20.19 11.15 -8.53
N ASP B 47 -21.19 10.50 -7.94
CA ASP B 47 -22.31 11.26 -7.39
C ASP B 47 -22.62 10.99 -5.92
N GLU B 48 -21.66 10.38 -5.23
CA GLU B 48 -21.78 10.05 -3.81
C GLU B 48 -21.80 11.28 -2.89
N GLU B 49 -22.44 11.14 -1.72
CA GLU B 49 -22.30 12.12 -0.65
C GLU B 49 -21.16 11.64 0.26
N VAL B 50 -20.20 12.52 0.52
CA VAL B 50 -18.98 12.10 1.19
C VAL B 50 -18.87 12.59 2.63
N LEU B 51 -18.40 11.70 3.48
CA LEU B 51 -18.03 12.09 4.82
C LEU B 51 -16.52 11.96 4.97
N LEU B 52 -15.83 13.08 4.89
CA LEU B 52 -14.39 13.09 5.00
C LEU B 52 -14.02 13.19 6.47
N VAL B 53 -13.16 12.27 6.92
CA VAL B 53 -12.58 12.35 8.27
C VAL B 53 -11.10 12.74 8.21
N GLN B 54 -10.80 13.96 8.63
CA GLN B 54 -9.42 14.45 8.68
C GLN B 54 -9.25 15.29 9.90
N THR B 55 -8.47 14.83 10.85
CA THR B 55 -8.23 15.64 12.02
C THR B 55 -6.98 16.44 11.73
N THR B 56 -6.78 17.54 12.45
CA THR B 56 -5.63 18.39 12.16
C THR B 56 -4.72 18.59 13.36
N ASP B 57 -4.61 17.56 14.20
CA ASP B 57 -3.56 17.53 15.23
C ASP B 57 -2.14 17.56 14.65
N TYR B 58 -1.12 17.54 15.52
CA TYR B 58 0.28 17.63 15.07
C TYR B 58 0.65 16.50 14.10
N PRO B 59 1.24 16.86 12.95
CA PRO B 59 1.61 18.20 12.47
C PRO B 59 0.45 18.97 11.83
N GLN B 60 0.07 20.11 12.43
CA GLN B 60 -1.12 20.85 12.00
C GLN B 60 -1.03 21.36 10.54
N ASP B 61 0.12 21.89 10.17
CA ASP B 61 0.23 22.51 8.86
C ASP B 61 0.13 21.49 7.74
N LYS B 62 0.87 20.38 7.85
CA LYS B 62 0.76 19.31 6.88
C LYS B 62 -0.65 18.73 6.84
N HIS B 63 -1.25 18.50 8.01
CA HIS B 63 -2.58 17.91 8.04
C HIS B 63 -3.61 18.84 7.43
N LEU B 64 -3.41 20.15 7.63
CA LEU B 64 -4.28 21.13 7.01
C LEU B 64 -4.14 21.12 5.51
N ILE B 65 -2.90 21.10 5.03
CA ILE B 65 -2.68 21.17 3.59
C ILE B 65 -3.17 19.88 2.95
N GLU B 66 -2.89 18.75 3.60
CA GLU B 66 -3.49 17.49 3.18
C GLU B 66 -5.02 17.56 3.12
N LEU B 67 -5.64 18.18 4.12
CA LEU B 67 -7.10 18.39 4.12
C LEU B 67 -7.52 19.17 2.90
N PHE B 68 -6.87 20.30 2.65
CA PHE B 68 -7.19 21.12 1.49
C PHE B 68 -7.11 20.30 0.19
N LEU B 69 -6.05 19.49 0.06
CA LEU B 69 -5.79 18.74 -1.19
C LEU B 69 -6.83 17.67 -1.40
N ILE B 70 -7.07 16.90 -0.34
CA ILE B 70 -8.08 15.85 -0.36
C ILE B 70 -9.46 16.42 -0.70
N ALA B 71 -9.78 17.54 -0.05
CA ALA B 71 -11.08 18.14 -0.27
C ALA B 71 -11.29 18.54 -1.74
N GLU B 72 -10.34 19.28 -2.34
CA GLU B 72 -10.50 19.63 -3.77
C GLU B 72 -10.57 18.42 -4.70
N THR B 73 -9.67 17.47 -4.51
CA THR B 73 -9.75 16.19 -5.21
C THR B 73 -11.16 15.55 -5.18
N ILE B 74 -11.75 15.46 -3.97
CA ILE B 74 -13.10 14.91 -3.79
C ILE B 74 -14.17 15.69 -4.58
N ARG B 75 -14.16 17.02 -4.47
CA ARG B 75 -15.07 17.84 -5.26
C ARG B 75 -14.80 17.66 -6.76
N ASP B 76 -13.52 17.53 -7.12
CA ASP B 76 -13.12 17.34 -8.52
C ASP B 76 -13.57 16.01 -9.06
N LEU B 77 -13.67 15.02 -8.17
CA LEU B 77 -14.02 13.67 -8.59
C LEU B 77 -15.54 13.46 -8.71
N GLY B 78 -16.30 14.53 -8.59
CA GLY B 78 -17.74 14.47 -8.84
C GLY B 78 -18.68 14.46 -7.64
N ALA B 79 -18.16 14.11 -6.46
CA ALA B 79 -18.94 14.04 -5.24
C ALA B 79 -20.10 15.04 -5.20
N LYS B 80 -21.24 14.60 -4.65
CA LYS B 80 -22.45 15.41 -4.58
C LYS B 80 -22.43 16.40 -3.43
N LYS B 81 -21.80 15.99 -2.33
CA LYS B 81 -21.72 16.82 -1.14
C LYS B 81 -20.47 16.42 -0.37
N LEU B 82 -19.75 17.42 0.13
CA LEU B 82 -18.60 17.14 0.97
C LEU B 82 -18.87 17.56 2.41
N THR B 83 -18.79 16.59 3.31
CA THR B 83 -18.87 16.87 4.74
C THR B 83 -17.50 16.59 5.32
N ALA B 84 -16.89 17.63 5.87
CA ALA B 84 -15.58 17.50 6.49
C ALA B 84 -15.71 17.32 8.00
N ILE B 85 -15.42 16.11 8.47
CA ILE B 85 -15.35 15.84 9.90
C ILE B 85 -13.91 16.01 10.38
N VAL B 86 -13.63 17.16 10.98
CA VAL B 86 -12.31 17.44 11.48
C VAL B 86 -12.40 17.54 12.98
N PRO B 87 -12.08 16.44 13.67
CA PRO B 87 -12.24 16.31 15.11
C PRO B 87 -11.53 17.42 15.87
N TYR B 88 -10.23 17.58 15.63
CA TYR B 88 -9.54 18.71 16.22
C TYR B 88 -9.22 19.71 15.13
N LEU B 89 -9.85 20.88 15.18
CA LEU B 89 -9.56 21.92 14.23
C LEU B 89 -8.39 22.77 14.71
N ALA B 90 -7.33 22.86 13.89
CA ALA B 90 -6.13 23.61 14.31
C ALA B 90 -6.33 25.13 14.15
N TYR B 91 -5.46 25.91 14.80
CA TYR B 91 -5.54 27.37 14.74
C TYR B 91 -6.85 27.89 15.35
N SER B 92 -7.39 27.13 16.30
CA SER B 92 -8.63 27.51 16.97
C SER B 92 -8.36 28.49 18.07
N ARG B 93 -7.21 28.36 18.73
CA ARG B 93 -6.90 29.28 19.82
C ARG B 93 -6.74 30.72 19.29
N GLN B 94 -6.53 30.87 17.99
CA GLN B 94 -6.38 32.21 17.39
C GLN B 94 -7.71 32.78 16.90
N ASP B 95 -8.46 33.32 17.84
CA ASP B 95 -9.87 33.67 17.69
C ASP B 95 -10.08 35.06 17.05
N ARG B 96 -9.12 35.95 17.29
CA ARG B 96 -9.27 37.38 16.97
C ARG B 96 -7.90 38.03 16.97
N ARG B 97 -7.86 39.34 16.77
CA ARG B 97 -6.60 40.08 16.84
C ARG B 97 -6.31 40.57 18.26
N PHE B 98 -5.53 39.80 18.99
CA PHE B 98 -5.15 40.16 20.36
C PHE B 98 -4.23 41.39 20.41
N LYS B 99 -3.49 41.61 19.33
CA LYS B 99 -2.74 42.85 19.13
C LYS B 99 -3.03 43.29 17.70
N ASP B 100 -2.78 44.55 17.38
CA ASP B 100 -3.07 45.01 16.02
C ASP B 100 -2.10 44.39 15.01
N GLY B 101 -2.66 43.92 13.90
CA GLY B 101 -1.88 43.28 12.85
C GLY B 101 -1.60 41.80 13.05
N GLU B 102 -2.12 41.23 14.13
CA GLU B 102 -2.07 39.78 14.29
C GLU B 102 -3.03 39.17 13.27
N ALA B 103 -2.71 37.96 12.82
CA ALA B 103 -3.58 37.23 11.92
C ALA B 103 -4.72 36.58 12.67
N ILE B 104 -5.89 36.62 12.08
CA ILE B 104 -6.97 35.81 12.60
C ILE B 104 -6.91 34.46 11.89
N SER B 105 -6.02 33.59 12.37
CA SER B 105 -5.70 32.33 11.70
C SER B 105 -6.95 31.51 11.37
N ILE B 106 -7.88 31.43 12.30
CA ILE B 106 -9.01 30.55 12.12
C ILE B 106 -9.90 31.06 11.00
N LYS B 107 -9.86 32.37 10.78
CA LYS B 107 -10.67 32.94 9.69
C LYS B 107 -10.15 32.44 8.33
N THR B 108 -8.84 32.54 8.15
CA THR B 108 -8.18 32.10 6.93
C THR B 108 -8.43 30.62 6.67
N ILE B 109 -8.21 29.81 7.70
CA ILE B 109 -8.39 28.38 7.57
C ILE B 109 -9.81 28.07 7.13
N LEU B 110 -10.77 28.72 7.79
CA LEU B 110 -12.18 28.49 7.50
C LEU B 110 -12.59 28.94 6.10
N HIS B 111 -12.23 30.18 5.76
CA HIS B 111 -12.44 30.64 4.39
C HIS B 111 -11.88 29.66 3.35
N ILE B 112 -10.67 29.15 3.62
CA ILE B 112 -10.00 28.22 2.70
C ILE B 112 -10.83 26.94 2.53
N LEU B 113 -11.54 26.52 3.57
CA LEU B 113 -12.32 25.29 3.49
C LEU B 113 -13.61 25.42 2.66
N SER B 114 -14.18 26.63 2.60
CA SER B 114 -15.35 26.92 1.75
C SER B 114 -14.96 26.86 0.28
N GLU B 115 -14.04 27.74 -0.10
CA GLU B 115 -13.24 27.52 -1.31
C GLU B 115 -12.66 26.15 -1.07
N VAL B 116 -12.29 25.40 -2.11
CA VAL B 116 -11.79 24.04 -1.87
C VAL B 116 -12.92 22.99 -1.79
N GLY B 117 -14.14 23.44 -1.45
CA GLY B 117 -15.35 22.67 -1.69
C GLY B 117 -16.04 21.96 -0.52
N VAL B 118 -15.68 22.30 0.72
CA VAL B 118 -16.37 21.71 1.87
C VAL B 118 -17.75 22.35 2.04
N ASN B 119 -18.77 21.50 2.02
CA ASN B 119 -20.15 21.96 2.20
C ASN B 119 -20.56 22.07 3.65
N THR B 120 -20.31 20.99 4.38
CA THR B 120 -20.63 20.92 5.80
C THR B 120 -19.37 20.59 6.61
N LEU B 121 -19.16 21.38 7.66
CA LEU B 121 -18.03 21.22 8.58
C LEU B 121 -18.49 20.75 9.98
N VAL B 122 -17.89 19.64 10.43
CA VAL B 122 -18.20 19.03 11.74
C VAL B 122 -16.96 19.07 12.63
N VAL B 123 -17.08 19.71 13.79
CA VAL B 123 -15.95 19.92 14.68
C VAL B 123 -16.33 19.53 16.11
N VAL B 124 -15.39 18.90 16.81
CA VAL B 124 -15.59 18.56 18.20
C VAL B 124 -14.94 19.62 19.10
N GLU B 125 -15.69 20.13 20.07
CA GLU B 125 -15.22 21.19 21.00
C GLU B 125 -14.27 22.20 20.34
N PRO B 126 -14.82 22.99 19.42
CA PRO B 126 -14.10 24.17 18.94
C PRO B 126 -13.78 25.05 20.14
N HIS B 127 -12.56 25.53 20.26
CA HIS B 127 -12.20 26.41 21.38
C HIS B 127 -13.24 27.50 21.73
N LYS B 128 -13.84 28.13 20.72
CA LYS B 128 -14.91 29.10 20.94
C LYS B 128 -15.83 29.13 19.72
N PRO B 129 -17.05 28.60 19.86
CA PRO B 129 -17.93 28.28 18.73
C PRO B 129 -18.37 29.45 17.84
N GLU B 130 -18.14 30.70 18.27
CA GLU B 130 -18.42 31.85 17.41
C GLU B 130 -17.44 31.86 16.24
N GLU B 131 -16.18 31.54 16.53
CA GLU B 131 -15.16 31.27 15.52
C GLU B 131 -15.77 30.80 14.24
N LEU B 132 -16.54 29.72 14.33
CA LEU B 132 -16.95 28.98 13.14
C LEU B 132 -17.95 29.72 12.26
N SER B 133 -18.34 30.92 12.68
CA SER B 133 -19.23 31.77 11.88
C SER B 133 -18.56 32.14 10.54
N TYR B 134 -17.23 32.24 10.57
CA TYR B 134 -16.44 32.55 9.39
C TYR B 134 -16.68 31.54 8.26
N PHE B 135 -16.93 30.29 8.61
CA PHE B 135 -17.20 29.26 7.62
C PHE B 135 -18.56 29.48 6.98
N LYS B 136 -18.61 29.49 5.66
CA LYS B 136 -19.82 29.87 4.95
C LYS B 136 -20.86 28.76 4.85
N GLY B 137 -20.43 27.51 4.73
CA GLY B 137 -21.37 26.42 4.70
C GLY B 137 -22.11 26.10 6.00
N GLU B 138 -22.57 24.87 6.09
CA GLU B 138 -23.34 24.40 7.25
C GLU B 138 -22.43 23.89 8.39
N LEU B 139 -22.73 24.34 9.61
CA LEU B 139 -21.96 23.98 10.81
C LEU B 139 -22.64 22.94 11.69
N LYS B 140 -21.89 21.91 12.09
CA LYS B 140 -22.37 20.97 13.09
C LYS B 140 -21.32 20.83 14.17
N ILE B 141 -21.55 21.51 15.29
CA ILE B 141 -20.67 21.40 16.45
C ILE B 141 -20.99 20.16 17.32
N VAL B 142 -19.96 19.47 17.80
CA VAL B 142 -20.15 18.27 18.60
C VAL B 142 -19.57 18.48 20.00
N HIS B 143 -20.42 18.41 21.01
CA HIS B 143 -19.96 18.48 22.41
C HIS B 143 -20.14 17.10 23.00
N PRO B 144 -19.04 16.35 23.19
CA PRO B 144 -19.14 14.96 23.64
C PRO B 144 -19.32 14.86 25.17
N TYR B 145 -20.18 15.72 25.73
CA TYR B 145 -20.28 15.81 27.17
C TYR B 145 -20.83 14.54 27.82
N HIS B 146 -21.84 13.92 27.22
CA HIS B 146 -22.41 12.70 27.80
C HIS B 146 -21.36 11.61 27.90
N GLN B 147 -20.48 11.49 26.93
CA GLN B 147 -19.48 10.41 26.96
C GLN B 147 -18.45 10.66 28.06
N ILE B 148 -18.15 11.93 28.29
CA ILE B 148 -17.23 12.32 29.34
C ILE B 148 -17.88 12.13 30.70
N ALA B 149 -19.13 12.55 30.81
CA ALA B 149 -19.91 12.27 32.00
C ALA B 149 -19.92 10.77 32.34
N ARG B 150 -20.40 9.93 31.42
CA ARG B 150 -20.40 8.50 31.63
C ARG B 150 -19.04 7.97 32.14
N LYS B 151 -17.93 8.41 31.53
CA LYS B 151 -16.60 7.92 31.91
C LYS B 151 -16.22 8.38 33.31
N ILE B 152 -16.34 9.67 33.59
CA ILE B 152 -16.12 10.15 34.93
C ILE B 152 -16.88 9.30 35.98
N LYS B 153 -18.14 8.99 35.72
CA LYS B 153 -18.95 8.24 36.67
C LYS B 153 -18.42 6.83 36.90
N GLU B 154 -17.84 6.23 35.89
CA GLU B 154 -17.29 4.89 36.03
C GLU B 154 -16.06 4.93 36.91
N ILE B 155 -15.25 5.96 36.75
CA ILE B 155 -13.89 5.97 37.28
C ILE B 155 -13.78 6.73 38.59
N ILE B 156 -14.69 7.65 38.82
CA ILE B 156 -14.56 8.54 39.95
C ILE B 156 -15.70 8.40 40.94
N GLU B 157 -15.34 7.99 42.14
CA GLU B 157 -16.27 7.80 43.24
C GLU B 157 -16.43 9.12 44.00
N ASP B 158 -17.63 9.71 43.96
CA ASP B 158 -17.86 11.02 44.58
C ASP B 158 -17.11 12.16 43.85
N PRO B 159 -17.60 12.52 42.65
CA PRO B 159 -16.93 13.51 41.79
C PRO B 159 -17.33 14.93 42.13
N PHE B 160 -16.34 15.82 42.19
CA PHE B 160 -16.59 17.24 42.15
C PHE B 160 -16.00 17.78 40.85
N ILE B 161 -16.78 18.54 40.09
CA ILE B 161 -16.31 18.97 38.77
C ILE B 161 -15.86 20.43 38.78
N LEU B 162 -14.56 20.63 38.58
CA LEU B 162 -13.95 21.95 38.71
C LEU B 162 -13.47 22.50 37.36
N ALA B 163 -13.97 23.68 36.98
CA ALA B 163 -13.54 24.35 35.75
C ALA B 163 -12.45 25.39 36.05
N PRO B 164 -11.32 25.35 35.32
CA PRO B 164 -10.12 26.18 35.60
C PRO B 164 -10.31 27.69 35.42
N ASP B 165 -11.31 28.09 34.63
CA ASP B 165 -11.67 29.52 34.49
C ASP B 165 -13.13 29.66 34.10
N ARG B 166 -13.61 30.89 33.96
CA ARG B 166 -15.01 31.06 33.65
C ARG B 166 -15.29 30.52 32.24
N GLY B 167 -14.25 30.45 31.42
CA GLY B 167 -14.40 29.90 30.09
C GLY B 167 -14.94 28.48 30.14
N ALA B 168 -14.35 27.67 31.01
CA ALA B 168 -14.71 26.26 31.11
C ALA B 168 -15.96 25.94 31.95
N LEU B 169 -16.62 26.98 32.47
CA LEU B 169 -17.77 26.79 33.35
C LEU B 169 -18.96 26.09 32.68
N ASP B 170 -19.39 26.62 31.53
CA ASP B 170 -20.51 26.03 30.81
C ASP B 170 -20.32 24.54 30.59
N ARG B 171 -19.11 24.19 30.17
CA ARG B 171 -18.77 22.79 29.92
C ARG B 171 -18.80 21.95 31.21
N ALA B 172 -18.20 22.47 32.28
CA ALA B 172 -18.24 21.80 33.58
C ALA B 172 -19.67 21.61 34.02
N ARG B 173 -20.48 22.66 33.93
CA ARG B 173 -21.85 22.60 34.39
C ARG B 173 -22.66 21.55 33.64
N LYS B 174 -22.60 21.58 32.32
CA LYS B 174 -23.36 20.61 31.55
C LYS B 174 -22.91 19.17 31.81
N ILE B 175 -21.64 18.99 32.15
CA ILE B 175 -21.12 17.65 32.41
C ILE B 175 -21.55 17.22 33.80
N ALA B 176 -21.36 18.12 34.76
CA ALA B 176 -21.73 17.85 36.16
C ALA B 176 -23.24 17.65 36.36
N GLU B 177 -24.05 18.43 35.64
CA GLU B 177 -25.49 18.32 35.79
C GLU B 177 -26.05 16.99 35.32
N GLU B 178 -25.45 16.43 34.28
CA GLU B 178 -25.91 15.15 33.77
C GLU B 178 -25.57 14.00 34.71
N ILE B 179 -24.61 14.23 35.59
CA ILE B 179 -24.09 13.20 36.45
C ILE B 179 -24.45 13.56 37.90
N ASN B 180 -25.30 14.60 38.02
CA ASN B 180 -25.75 15.20 39.29
C ASN B 180 -24.68 15.48 40.33
N ALA B 181 -23.50 15.88 39.85
CA ALA B 181 -22.38 16.20 40.70
C ALA B 181 -22.36 17.69 41.01
N PRO B 182 -21.63 18.07 42.06
CA PRO B 182 -21.42 19.48 42.37
C PRO B 182 -20.38 20.02 41.42
N TYR B 183 -20.42 21.31 41.12
CA TYR B 183 -19.44 21.92 40.22
C TYR B 183 -19.11 23.33 40.64
N SER B 184 -17.92 23.78 40.31
CA SER B 184 -17.58 25.17 40.53
C SER B 184 -16.46 25.60 39.59
N TYR B 185 -16.08 26.86 39.64
CA TYR B 185 -15.01 27.36 38.79
C TYR B 185 -14.07 28.25 39.56
N ILE B 186 -12.81 28.28 39.14
CA ILE B 186 -11.81 29.16 39.74
C ILE B 186 -11.91 30.57 39.14
N GLU B 187 -11.76 31.57 40.00
CA GLU B 187 -12.06 32.95 39.65
C GLU B 187 -10.81 33.81 39.60
N LYS B 188 -10.24 33.95 38.41
CA LYS B 188 -9.12 34.85 38.22
C LYS B 188 -9.56 36.30 38.36
N GLU B 189 -8.71 37.11 38.99
CA GLU B 189 -8.90 38.56 39.13
C GLU B 189 -7.80 39.11 40.04
N ARG B 190 -7.77 38.62 41.28
CA ARG B 190 -6.73 38.98 42.24
C ARG B 190 -6.37 37.76 43.09
N ASN B 204 -20.30 24.12 46.31
CA ASN B 204 -19.18 24.98 45.89
C ASN B 204 -18.10 25.16 46.97
N ILE B 205 -16.83 25.15 46.53
CA ILE B 205 -15.66 25.29 47.41
C ILE B 205 -15.61 24.22 48.51
N ASN B 206 -16.77 23.61 48.78
CA ASN B 206 -16.86 22.46 49.65
C ASN B 206 -16.41 21.22 48.87
N LEU B 207 -15.35 21.40 48.08
CA LEU B 207 -14.73 20.28 47.38
C LEU B 207 -13.86 19.54 48.40
N LYS B 208 -13.82 20.12 49.59
CA LYS B 208 -13.23 19.50 50.77
C LYS B 208 -13.52 17.99 50.81
N GLY B 209 -12.45 17.19 50.77
CA GLY B 209 -12.57 15.75 50.85
C GLY B 209 -13.14 15.01 49.63
N LYS B 210 -13.42 15.73 48.54
CA LYS B 210 -14.03 15.14 47.36
C LYS B 210 -12.99 14.79 46.29
N ASP B 211 -13.37 13.91 45.37
CA ASP B 211 -12.53 13.54 44.21
C ASP B 211 -12.75 14.53 43.06
N VAL B 212 -11.88 15.54 42.95
CA VAL B 212 -12.06 16.58 41.97
C VAL B 212 -11.63 16.19 40.56
N VAL B 213 -12.42 16.63 39.58
CA VAL B 213 -12.08 16.45 38.17
C VAL B 213 -12.02 17.81 37.49
N ILE B 214 -10.85 18.20 37.04
CA ILE B 214 -10.69 19.47 36.34
C ILE B 214 -10.87 19.29 34.83
N ILE B 215 -11.85 19.97 34.26
CA ILE B 215 -12.21 19.79 32.86
C ILE B 215 -11.99 21.05 32.01
N ASP B 216 -11.20 20.90 30.94
CA ASP B 216 -10.99 21.99 29.99
C ASP B 216 -11.18 21.46 28.56
N ASP B 217 -11.35 22.37 27.60
CA ASP B 217 -11.44 21.97 26.20
C ASP B 217 -10.10 21.40 25.72
N ILE B 218 -9.01 22.10 26.01
CA ILE B 218 -7.68 21.72 25.54
C ILE B 218 -6.67 21.71 26.66
N ILE B 219 -5.70 20.78 26.58
CA ILE B 219 -4.56 20.79 27.50
C ILE B 219 -3.26 20.68 26.70
N SER B 220 -2.52 21.79 26.66
CA SER B 220 -1.27 21.85 25.91
C SER B 220 -0.07 21.68 26.82
N THR B 221 0.33 22.78 27.45
CA THR B 221 1.48 22.76 28.35
C THR B 221 1.03 22.17 29.67
N GLY B 222 -0.23 22.44 30.03
CA GLY B 222 -0.78 21.96 31.28
C GLY B 222 -0.71 23.01 32.38
N GLY B 223 -0.38 24.24 32.01
CA GLY B 223 -0.23 25.32 32.95
C GLY B 223 -1.48 25.68 33.72
N THR B 224 -2.61 25.77 33.04
CA THR B 224 -3.84 26.18 33.71
C THR B 224 -4.28 25.09 34.66
N ILE B 225 -4.11 23.84 34.22
CA ILE B 225 -4.49 22.66 34.98
C ILE B 225 -3.62 22.47 36.23
N VAL B 226 -2.36 22.87 36.15
CA VAL B 226 -1.46 22.78 37.29
C VAL B 226 -1.83 23.80 38.38
N GLN B 227 -2.04 25.05 37.97
CA GLN B 227 -2.46 26.08 38.91
C GLN B 227 -3.78 25.70 39.58
N ALA B 228 -4.64 25.00 38.82
CA ALA B 228 -5.92 24.57 39.34
C ALA B 228 -5.80 23.39 40.29
N THR B 229 -4.84 22.51 40.02
CA THR B 229 -4.60 21.38 40.90
C THR B 229 -4.10 21.82 42.31
N ARG B 230 -3.42 22.97 42.38
CA ARG B 230 -3.00 23.54 43.67
C ARG B 230 -4.19 23.90 44.52
N LEU B 231 -4.98 24.87 44.06
CA LEU B 231 -6.18 25.27 44.79
C LEU B 231 -6.98 24.07 45.30
N ALA B 232 -7.07 23.03 44.47
CA ALA B 232 -7.86 21.85 44.80
C ALA B 232 -7.33 21.15 46.04
N TYR B 233 -6.03 20.84 46.04
CA TYR B 233 -5.40 20.18 47.17
C TYR B 233 -5.37 21.09 48.40
N SER B 234 -5.15 22.38 48.19
CA SER B 234 -5.20 23.36 49.27
C SER B 234 -6.64 23.71 49.61
N LEU B 235 -7.57 22.83 49.27
CA LEU B 235 -8.97 23.01 49.64
C LEU B 235 -9.55 21.68 50.09
N GLY B 236 -8.65 20.70 50.25
CA GLY B 236 -9.02 19.41 50.79
C GLY B 236 -9.32 18.33 49.76
N ALA B 237 -8.97 18.57 48.50
CA ALA B 237 -9.22 17.58 47.46
C ALA B 237 -8.66 16.25 47.89
N LYS B 238 -9.47 15.21 47.83
CA LYS B 238 -9.00 13.87 48.16
C LYS B 238 -8.08 13.41 47.05
N SER B 239 -8.46 13.75 45.82
CA SER B 239 -7.65 13.46 44.65
C SER B 239 -8.01 14.42 43.53
N VAL B 240 -7.10 14.58 42.57
CA VAL B 240 -7.36 15.40 41.40
C VAL B 240 -7.16 14.62 40.11
N THR B 241 -8.19 14.62 39.27
CA THR B 241 -8.10 14.02 37.95
C THR B 241 -8.28 15.15 36.96
N ALA B 242 -7.63 15.04 35.80
CA ALA B 242 -7.73 16.07 34.76
C ALA B 242 -8.32 15.49 33.48
N ALA B 243 -9.20 16.25 32.84
CA ALA B 243 -9.88 15.78 31.63
C ALA B 243 -10.00 16.91 30.57
N ALA B 244 -9.67 16.59 29.33
CA ALA B 244 -9.95 17.53 28.24
C ALA B 244 -10.39 16.79 27.00
N ILE B 245 -11.09 17.47 26.11
CA ILE B 245 -11.48 16.86 24.86
C ILE B 245 -10.25 16.65 23.97
N HIS B 246 -9.43 17.70 23.86
CA HIS B 246 -8.21 17.67 23.04
C HIS B 246 -6.96 17.62 23.89
N LEU B 247 -6.34 16.46 23.98
CA LEU B 247 -5.12 16.34 24.78
C LEU B 247 -3.85 16.51 23.97
N LEU B 248 -3.45 17.76 23.71
CA LEU B 248 -2.22 18.05 22.95
C LEU B 248 -1.04 18.21 23.89
N LEU B 249 -0.66 17.13 24.59
CA LEU B 249 0.33 17.25 25.64
C LEU B 249 1.69 17.60 25.08
N VAL B 250 2.22 18.74 25.52
CA VAL B 250 3.40 19.34 24.91
C VAL B 250 4.63 19.33 25.78
N GLY B 251 5.61 18.51 25.39
CA GLY B 251 6.88 18.44 26.09
C GLY B 251 6.75 17.92 27.51
N GLY B 252 6.85 18.83 28.49
CA GLY B 252 6.73 18.46 29.88
C GLY B 252 5.36 17.89 30.22
N ALA B 253 4.34 18.71 30.00
CA ALA B 253 2.94 18.36 30.23
C ALA B 253 2.66 17.11 31.09
N LYS B 254 2.79 15.93 30.48
CA LYS B 254 2.41 14.70 31.17
C LYS B 254 3.11 14.56 32.51
N GLU B 255 4.41 14.83 32.52
CA GLU B 255 5.20 14.77 33.75
C GLU B 255 4.91 15.95 34.67
N ARG B 256 4.89 17.16 34.11
CA ARG B 256 4.60 18.37 34.89
C ARG B 256 3.31 18.21 35.71
N LEU B 257 2.42 17.34 35.23
CA LEU B 257 1.15 17.09 35.89
C LEU B 257 1.22 16.00 36.98
N ARG B 258 1.88 14.90 36.67
CA ARG B 258 2.12 13.85 37.66
C ARG B 258 2.83 14.41 38.89
N GLU B 259 3.73 15.37 38.68
CA GLU B 259 4.50 15.98 39.76
C GLU B 259 3.61 16.75 40.75
N VAL B 260 2.59 17.43 40.24
CA VAL B 260 1.66 18.17 41.09
C VAL B 260 0.54 17.26 41.56
N GLY B 261 0.65 15.99 41.19
CA GLY B 261 -0.23 14.96 41.73
C GLY B 261 -1.54 14.71 41.00
N VAL B 262 -1.55 14.97 39.70
CA VAL B 262 -2.71 14.58 38.91
C VAL B 262 -2.58 13.10 38.57
N LYS B 263 -3.41 12.29 39.23
CA LYS B 263 -3.34 10.84 39.14
C LYS B 263 -3.69 10.34 37.75
N THR B 264 -4.89 10.71 37.31
CA THR B 264 -5.46 10.18 36.09
C THR B 264 -5.63 11.27 35.05
N LEU B 265 -5.51 10.90 33.77
CA LEU B 265 -5.70 11.81 32.65
C LEU B 265 -6.75 11.26 31.69
N ILE B 266 -7.80 12.05 31.46
CA ILE B 266 -8.85 11.67 30.52
C ILE B 266 -8.87 12.55 29.28
N GLY B 267 -8.78 11.92 28.12
CA GLY B 267 -8.89 12.63 26.86
C GLY B 267 -9.71 11.88 25.83
N THR B 268 -9.69 12.37 24.61
CA THR B 268 -10.43 11.69 23.56
C THR B 268 -9.56 11.54 22.32
N ASN B 269 -10.08 10.78 21.35
CA ASN B 269 -9.38 10.51 20.11
C ASN B 269 -9.60 11.57 19.02
N THR B 270 -9.70 12.82 19.41
CA THR B 270 -9.66 13.86 18.40
C THR B 270 -8.18 14.04 18.07
N ILE B 271 -7.35 13.56 18.99
CA ILE B 271 -5.90 13.68 18.91
C ILE B 271 -5.30 12.28 18.97
N ASN B 272 -4.02 12.17 18.63
CA ASN B 272 -3.29 10.92 18.83
C ASN B 272 -2.55 10.89 20.18
N VAL B 273 -2.56 9.76 20.90
CA VAL B 273 -1.89 9.71 22.21
C VAL B 273 -1.03 8.44 22.62
N ASN B 274 -1.07 8.09 23.91
CA ASN B 274 -0.31 6.98 24.49
C ASN B 274 -1.20 6.17 25.45
N ASP B 275 -0.63 5.26 26.24
CA ASP B 275 -1.45 4.56 27.24
C ASP B 275 -0.79 4.05 28.55
N LYS B 276 0.13 4.83 29.12
CA LYS B 276 0.47 4.69 30.54
C LYS B 276 -0.43 5.70 31.24
N ASP B 277 -1.66 5.27 31.49
CA ASP B 277 -2.84 6.10 31.27
C ASP B 277 -3.01 5.79 29.78
N ILE B 278 -3.35 6.74 28.92
CA ILE B 278 -4.17 7.86 29.26
C ILE B 278 -5.53 7.31 28.90
N ILE B 279 -6.54 7.65 29.70
CA ILE B 279 -7.87 7.16 29.43
C ILE B 279 -8.40 7.84 28.19
N THR B 280 -8.60 7.07 27.12
CA THR B 280 -8.97 7.68 25.86
C THR B 280 -10.40 7.35 25.48
N ILE B 281 -11.25 8.37 25.43
CA ILE B 281 -12.62 8.18 24.96
C ILE B 281 -12.72 8.28 23.42
N ASP B 282 -13.30 7.26 22.79
CA ASP B 282 -13.58 7.30 21.37
C ASP B 282 -14.90 8.06 21.12
N VAL B 283 -14.78 9.28 20.58
CA VAL B 283 -15.91 10.19 20.50
C VAL B 283 -16.71 10.04 19.21
N SER B 284 -16.47 8.94 18.51
CA SER B 284 -17.19 8.66 17.27
C SER B 284 -18.68 8.61 17.51
N GLN B 285 -19.08 7.95 18.58
CA GLN B 285 -20.50 7.87 18.96
C GLN B 285 -21.16 9.25 19.05
N SER B 286 -20.48 10.20 19.71
CA SER B 286 -20.94 11.59 19.80
C SER B 286 -20.97 12.29 18.45
N ILE B 287 -20.00 11.99 17.59
CA ILE B 287 -19.97 12.63 16.27
C ILE B 287 -21.13 12.13 15.41
N ALA B 288 -21.44 10.84 15.52
CA ALA B 288 -22.50 10.18 14.73
C ALA B 288 -23.86 10.80 14.98
N LEU B 289 -24.15 11.10 16.24
CA LEU B 289 -25.42 11.73 16.56
C LEU B 289 -25.60 13.03 15.78
N SER B 290 -24.50 13.79 15.71
CA SER B 290 -24.56 15.18 15.25
C SER B 290 -24.58 15.29 13.75
N LEU B 291 -24.47 14.14 13.08
CA LEU B 291 -24.49 14.08 11.61
C LEU B 291 -25.89 14.33 11.03
N MET C 1 18.22 -36.98 44.41
CA MET C 1 17.31 -35.95 43.93
C MET C 1 17.77 -34.56 44.32
N ILE C 2 17.69 -33.61 43.39
CA ILE C 2 17.93 -32.21 43.70
C ILE C 2 16.95 -31.29 42.98
N ILE C 3 16.81 -30.09 43.52
CA ILE C 3 15.95 -29.09 42.95
C ILE C 3 16.83 -28.05 42.26
N ILE C 4 16.51 -27.73 41.02
CA ILE C 4 17.17 -26.62 40.37
C ILE C 4 16.14 -25.54 40.19
N GLY C 5 16.41 -24.36 40.73
CA GLY C 5 15.59 -23.20 40.52
C GLY C 5 16.01 -22.41 39.30
N GLY C 6 15.10 -22.30 38.35
CA GLY C 6 15.35 -21.50 37.16
C GLY C 6 15.41 -20.00 37.40
N SER C 7 15.28 -19.23 36.33
CA SER C 7 15.30 -17.78 36.39
C SER C 7 13.99 -17.17 36.88
N ALA C 8 12.94 -18.00 36.92
CA ALA C 8 11.59 -17.59 37.33
C ALA C 8 10.92 -18.63 38.23
N THR C 9 11.26 -18.57 39.52
CA THR C 9 10.60 -19.34 40.55
C THR C 9 10.03 -18.24 41.39
N ASN C 10 8.94 -18.48 42.08
CA ASN C 10 8.41 -17.38 42.89
C ASN C 10 8.56 -17.72 44.35
N GLY C 11 9.74 -18.24 44.66
CA GLY C 11 10.05 -18.77 45.96
C GLY C 11 9.74 -20.24 46.01
N ILE C 12 9.08 -20.73 44.96
CA ILE C 12 8.60 -22.11 44.96
C ILE C 12 9.73 -23.15 45.07
N ASP C 13 10.86 -22.85 44.43
CA ASP C 13 12.04 -23.70 44.51
C ASP C 13 12.59 -23.81 45.96
N GLU C 14 12.65 -22.69 46.66
CA GLU C 14 13.15 -22.67 48.01
C GLU C 14 12.22 -23.35 48.98
N SER C 15 10.92 -23.11 48.86
CA SER C 15 10.02 -23.68 49.83
C SER C 15 9.81 -25.17 49.53
N LEU C 16 9.98 -25.57 48.27
CA LEU C 16 9.90 -26.99 47.93
C LEU C 16 11.10 -27.71 48.50
N SER C 17 12.19 -26.98 48.67
CA SER C 17 13.43 -27.54 49.20
C SER C 17 13.26 -27.85 50.67
N LYS C 18 12.65 -26.92 51.41
CA LYS C 18 12.33 -27.16 52.82
C LYS C 18 11.37 -28.34 52.94
N ILE C 19 10.22 -28.22 52.28
CA ILE C 19 9.16 -29.22 52.35
C ILE C 19 9.61 -30.64 52.06
N LEU C 20 10.47 -30.79 51.06
CA LEU C 20 10.88 -32.13 50.62
C LEU C 20 12.22 -32.53 51.20
N SER C 21 12.92 -31.56 51.79
CA SER C 21 14.27 -31.74 52.29
C SER C 21 15.17 -32.34 51.24
N ILE C 22 15.30 -31.59 50.16
CA ILE C 22 16.12 -31.91 49.03
C ILE C 22 16.99 -30.70 48.83
N PRO C 23 18.24 -30.91 48.41
CA PRO C 23 19.17 -29.78 48.24
C PRO C 23 18.77 -28.84 47.10
N LEU C 24 18.98 -27.55 47.27
CA LEU C 24 18.61 -26.57 46.26
C LEU C 24 19.80 -25.97 45.51
N VAL C 25 19.78 -26.13 44.20
CA VAL C 25 20.78 -25.53 43.32
C VAL C 25 20.16 -24.46 42.42
N LYS C 26 20.63 -23.21 42.55
CA LYS C 26 20.08 -22.12 41.76
C LYS C 26 20.85 -21.93 40.46
N VAL C 27 20.11 -21.83 39.35
CA VAL C 27 20.67 -21.50 38.04
C VAL C 27 21.22 -20.07 37.96
N GLU C 28 22.44 -19.91 37.47
CA GLU C 28 22.97 -18.58 37.24
C GLU C 28 22.34 -18.03 35.97
N ASN C 29 21.84 -16.80 36.02
CA ASN C 29 21.19 -16.22 34.86
C ASN C 29 21.32 -14.72 34.82
N LYS C 30 21.70 -14.20 33.66
CA LYS C 30 21.74 -12.75 33.47
C LYS C 30 21.31 -12.41 32.05
N ILE C 31 21.15 -11.12 31.78
CA ILE C 31 20.73 -10.64 30.49
C ILE C 31 21.89 -9.91 29.86
N PHE C 32 22.37 -10.41 28.73
CA PHE C 32 23.34 -9.67 27.94
C PHE C 32 22.79 -8.31 27.48
N PRO C 33 23.69 -7.39 27.12
CA PRO C 33 23.26 -6.08 26.58
C PRO C 33 22.39 -6.23 25.33
N ASP C 34 22.70 -7.24 24.53
CA ASP C 34 21.85 -7.73 23.44
C ASP C 34 20.36 -7.71 23.77
N GLY C 35 20.05 -8.29 24.93
CA GLY C 35 18.70 -8.63 25.32
C GLY C 35 18.64 -10.14 25.58
N GLU C 36 19.63 -10.85 25.06
CA GLU C 36 19.62 -12.31 25.13
C GLU C 36 19.91 -12.84 26.52
N SER C 37 19.52 -14.08 26.75
CA SER C 37 19.64 -14.69 28.07
C SER C 37 20.91 -15.51 28.23
N TYR C 38 21.55 -15.35 29.38
CA TYR C 38 22.71 -16.15 29.76
C TYR C 38 22.30 -17.18 30.80
N ILE C 39 22.66 -18.43 30.56
CA ILE C 39 22.19 -19.53 31.40
C ILE C 39 23.34 -20.47 31.79
N ARG C 40 23.56 -20.64 33.09
CA ARG C 40 24.58 -21.57 33.61
C ARG C 40 24.09 -22.43 34.79
N VAL C 41 24.29 -23.75 34.69
CA VAL C 41 23.87 -24.68 35.73
C VAL C 41 25.03 -25.08 36.66
N PRO C 42 25.12 -24.44 37.86
CA PRO C 42 26.37 -24.20 38.59
C PRO C 42 26.93 -25.37 39.38
N SER C 43 26.28 -26.53 39.33
CA SER C 43 26.78 -27.68 40.08
C SER C 43 27.13 -28.87 39.19
N SER C 44 27.52 -29.95 39.85
CA SER C 44 27.53 -31.26 39.24
C SER C 44 26.13 -31.85 39.42
N ILE C 45 25.78 -32.77 38.54
CA ILE C 45 24.45 -33.34 38.51
C ILE C 45 24.62 -34.74 37.95
N ARG C 46 25.81 -35.02 37.42
CA ARG C 46 26.12 -36.25 36.70
C ARG C 46 24.99 -37.30 36.68
N ASP C 47 24.59 -37.84 37.83
CA ASP C 47 23.55 -38.88 37.79
C ASP C 47 22.32 -38.62 38.63
N GLU C 48 22.13 -37.36 39.01
CA GLU C 48 21.04 -36.92 39.85
C GLU C 48 19.68 -36.94 39.13
N GLU C 49 18.60 -37.05 39.91
CA GLU C 49 17.26 -36.80 39.41
C GLU C 49 16.93 -35.35 39.70
N VAL C 50 16.50 -34.63 38.68
CA VAL C 50 16.31 -33.20 38.82
C VAL C 50 14.85 -32.77 38.92
N LEU C 51 14.60 -31.79 39.78
CA LEU C 51 13.32 -31.10 39.85
C LEU C 51 13.58 -29.64 39.47
N LEU C 52 13.23 -29.31 38.23
CA LEU C 52 13.44 -27.97 37.70
C LEU C 52 12.22 -27.15 38.03
N VAL C 53 12.41 -26.01 38.65
CA VAL C 53 11.31 -25.09 38.87
C VAL C 53 11.51 -23.89 37.97
N GLN C 54 10.62 -23.77 36.97
CA GLN C 54 10.56 -22.63 36.05
C GLN C 54 9.12 -22.29 35.75
N THR C 55 8.66 -21.15 36.25
CA THR C 55 7.35 -20.69 35.83
C THR C 55 7.51 -19.86 34.56
N THR C 56 6.43 -19.67 33.82
CA THR C 56 6.52 -18.96 32.55
C THR C 56 5.54 -17.80 32.47
N ASP C 57 5.33 -17.13 33.59
CA ASP C 57 4.64 -15.84 33.60
C ASP C 57 5.42 -14.76 32.87
N TYR C 58 4.89 -13.53 32.83
CA TYR C 58 5.52 -12.47 32.04
C TYR C 58 6.94 -12.16 32.52
N PRO C 59 7.91 -12.12 31.59
CA PRO C 59 7.74 -12.26 30.15
C PRO C 59 7.71 -13.71 29.73
N GLN C 60 6.61 -14.13 29.12
CA GLN C 60 6.42 -15.53 28.74
C GLN C 60 7.45 -16.08 27.76
N ASP C 61 7.81 -15.27 26.77
CA ASP C 61 8.65 -15.76 25.69
C ASP C 61 10.09 -15.97 26.14
N LYS C 62 10.62 -14.99 26.87
CA LYS C 62 11.93 -15.17 27.48
C LYS C 62 11.96 -16.31 28.48
N HIS C 63 10.97 -16.41 29.36
CA HIS C 63 10.97 -17.47 30.35
C HIS C 63 10.87 -18.83 29.68
N LEU C 64 10.19 -18.90 28.56
CA LEU C 64 10.06 -20.17 27.85
C LEU C 64 11.39 -20.55 27.19
N ILE C 65 12.06 -19.57 26.62
CA ILE C 65 13.31 -19.87 25.96
C ILE C 65 14.36 -20.23 27.01
N GLU C 66 14.30 -19.57 28.16
CA GLU C 66 15.18 -19.89 29.28
C GLU C 66 14.88 -21.29 29.76
N LEU C 67 13.61 -21.65 29.83
CA LEU C 67 13.25 -23.01 30.18
C LEU C 67 13.87 -24.00 29.21
N PHE C 68 13.71 -23.77 27.91
CA PHE C 68 14.28 -24.66 26.89
C PHE C 68 15.78 -24.81 27.06
N LEU C 69 16.47 -23.69 27.26
CA LEU C 69 17.92 -23.69 27.40
C LEU C 69 18.37 -24.43 28.64
N ILE C 70 17.78 -24.09 29.78
CA ILE C 70 18.08 -24.74 31.06
C ILE C 70 17.85 -26.24 30.94
N ALA C 71 16.75 -26.62 30.29
CA ALA C 71 16.37 -28.01 30.22
C ALA C 71 17.41 -28.83 29.47
N GLU C 72 17.78 -28.40 28.26
CA GLU C 72 18.82 -29.11 27.50
C GLU C 72 20.13 -29.16 28.28
N THR C 73 20.54 -28.03 28.85
CA THR C 73 21.76 -28.00 29.63
C THR C 73 21.75 -29.08 30.70
N ILE C 74 20.60 -29.25 31.35
CA ILE C 74 20.47 -30.22 32.44
C ILE C 74 20.60 -31.64 31.90
N ARG C 75 19.96 -31.90 30.77
CA ARG C 75 20.08 -33.23 30.18
C ARG C 75 21.50 -33.47 29.66
N ASP C 76 22.12 -32.42 29.14
CA ASP C 76 23.49 -32.49 28.67
C ASP C 76 24.48 -32.75 29.80
N LEU C 77 24.16 -32.25 31.00
CA LEU C 77 25.07 -32.37 32.14
C LEU C 77 24.97 -33.72 32.84
N GLY C 78 24.23 -34.65 32.24
CA GLY C 78 24.20 -36.01 32.74
C GLY C 78 22.98 -36.45 33.52
N ALA C 79 22.21 -35.50 34.05
CA ALA C 79 21.03 -35.80 34.87
C ALA C 79 20.30 -37.09 34.47
N LYS C 80 19.82 -37.82 35.46
CA LYS C 80 19.17 -39.10 35.23
C LYS C 80 17.71 -38.95 34.80
N LYS C 81 17.06 -37.91 35.31
CA LYS C 81 15.66 -37.65 34.99
C LYS C 81 15.40 -36.16 35.16
N LEU C 82 14.61 -35.59 34.25
CA LEU C 82 14.26 -34.19 34.36
C LEU C 82 12.78 -34.09 34.61
N THR C 83 12.43 -33.47 35.73
CA THR C 83 11.04 -33.14 36.02
C THR C 83 10.90 -31.65 36.02
N ALA C 84 10.14 -31.14 35.07
CA ALA C 84 9.93 -29.70 34.95
C ALA C 84 8.68 -29.32 35.69
N ILE C 85 8.85 -28.52 36.75
CA ILE C 85 7.73 -27.95 37.49
C ILE C 85 7.53 -26.53 37.00
N VAL C 86 6.50 -26.35 36.19
CA VAL C 86 6.20 -25.06 35.62
C VAL C 86 4.83 -24.66 36.12
N PRO C 87 4.81 -23.87 37.21
CA PRO C 87 3.59 -23.44 37.91
C PRO C 87 2.55 -22.82 36.98
N TYR C 88 2.89 -21.75 36.27
CA TYR C 88 2.03 -21.23 35.22
C TYR C 88 2.62 -21.54 33.85
N LEU C 89 1.92 -22.36 33.07
CA LEU C 89 2.34 -22.70 31.71
C LEU C 89 1.78 -21.71 30.71
N ALA C 90 2.65 -20.97 30.01
CA ALA C 90 2.21 -19.94 29.05
C ALA C 90 1.64 -20.54 27.77
N TYR C 91 0.84 -19.76 27.05
CA TYR C 91 0.21 -20.25 25.83
C TYR C 91 -0.79 -21.36 26.09
N SER C 92 -1.42 -21.30 27.25
CA SER C 92 -2.38 -22.32 27.63
C SER C 92 -3.76 -21.97 27.09
N ARG C 93 -4.03 -20.68 26.96
CA ARG C 93 -5.33 -20.26 26.48
C ARG C 93 -5.53 -20.67 25.01
N GLN C 94 -4.43 -20.99 24.32
CA GLN C 94 -4.47 -21.37 22.92
C GLN C 94 -4.57 -22.89 22.77
N ASP C 95 -5.79 -23.38 22.93
CA ASP C 95 -6.08 -24.81 23.08
C ASP C 95 -6.21 -25.53 21.73
N ARG C 96 -6.70 -24.80 20.73
CA ARG C 96 -7.04 -25.40 19.44
C ARG C 96 -7.01 -24.32 18.35
N ARG C 97 -7.45 -24.69 17.14
CA ARG C 97 -7.56 -23.72 16.05
C ARG C 97 -8.94 -23.08 16.03
N PHE C 98 -9.06 -21.92 16.66
CA PHE C 98 -10.35 -21.23 16.75
C PHE C 98 -10.79 -20.71 15.38
N LYS C 99 -9.81 -20.45 14.52
CA LYS C 99 -10.03 -20.15 13.10
C LYS C 99 -9.04 -20.98 12.30
N ASP C 100 -9.30 -21.21 11.01
CA ASP C 100 -8.40 -22.03 10.21
C ASP C 100 -7.05 -21.33 10.02
N GLY C 101 -5.99 -22.11 10.22
CA GLY C 101 -4.64 -21.59 10.14
C GLY C 101 -4.09 -20.84 11.35
N GLU C 102 -4.85 -20.78 12.43
CA GLU C 102 -4.32 -20.29 13.69
C GLU C 102 -3.35 -21.35 14.19
N ALA C 103 -2.38 -20.92 14.98
CA ALA C 103 -1.45 -21.86 15.60
C ALA C 103 -2.02 -22.48 16.88
N ILE C 104 -1.87 -23.79 17.02
CA ILE C 104 -2.08 -24.40 18.32
C ILE C 104 -0.79 -24.26 19.17
N SER C 105 -0.61 -23.07 19.74
CA SER C 105 0.61 -22.72 20.46
C SER C 105 1.01 -23.75 21.50
N ILE C 106 0.05 -24.16 22.32
CA ILE C 106 0.35 -25.07 23.40
C ILE C 106 0.94 -26.37 22.87
N LYS C 107 0.54 -26.76 21.68
CA LYS C 107 1.04 -28.00 21.06
C LYS C 107 2.53 -27.86 20.81
N THR C 108 2.91 -26.73 20.24
CA THR C 108 4.29 -26.44 19.88
C THR C 108 5.18 -26.38 21.11
N ILE C 109 4.70 -25.65 22.12
CA ILE C 109 5.42 -25.52 23.37
C ILE C 109 5.67 -26.89 23.99
N LEU C 110 4.63 -27.72 24.04
CA LEU C 110 4.73 -29.04 24.66
C LEU C 110 5.66 -29.95 23.90
N HIS C 111 5.51 -29.99 22.59
CA HIS C 111 6.38 -30.79 21.76
C HIS C 111 7.83 -30.39 21.99
N ILE C 112 8.06 -29.08 22.10
CA ILE C 112 9.40 -28.57 22.32
C ILE C 112 9.98 -29.06 23.63
N LEU C 113 9.13 -29.24 24.64
CA LEU C 113 9.59 -29.67 25.95
C LEU C 113 10.02 -31.13 25.96
N SER C 114 9.41 -31.95 25.12
CA SER C 114 9.76 -33.37 25.06
C SER C 114 11.14 -33.53 24.46
N GLU C 115 11.29 -33.05 23.23
CA GLU C 115 12.59 -32.70 22.65
C GLU C 115 13.09 -31.74 23.71
N VAL C 116 14.39 -31.59 23.85
CA VAL C 116 14.90 -30.70 24.91
C VAL C 116 15.10 -31.43 26.23
N GLY C 117 14.38 -32.53 26.42
CA GLY C 117 14.69 -33.51 27.45
C GLY C 117 13.87 -33.59 28.74
N VAL C 118 12.71 -32.93 28.77
CA VAL C 118 11.87 -33.00 29.94
C VAL C 118 11.15 -34.34 29.97
N ASN C 119 11.26 -35.06 31.08
CA ASN C 119 10.68 -36.37 31.19
C ASN C 119 9.30 -36.27 31.77
N THR C 120 9.18 -35.50 32.85
CA THR C 120 7.94 -35.36 33.59
C THR C 120 7.60 -33.89 33.74
N LEU C 121 6.36 -33.56 33.40
CA LEU C 121 5.88 -32.18 33.43
C LEU C 121 4.85 -32.00 34.53
N VAL C 122 5.10 -31.03 35.41
CA VAL C 122 4.18 -30.70 36.51
C VAL C 122 3.61 -29.30 36.36
N VAL C 123 2.30 -29.21 36.23
CA VAL C 123 1.63 -27.94 36.00
C VAL C 123 0.53 -27.69 37.02
N VAL C 124 0.36 -26.44 37.42
CA VAL C 124 -0.75 -26.06 38.32
C VAL C 124 -1.89 -25.44 37.51
N GLU C 125 -3.11 -25.97 37.67
CA GLU C 125 -4.32 -25.47 36.98
C GLU C 125 -4.09 -25.10 35.52
N PRO C 126 -3.76 -26.11 34.72
CA PRO C 126 -3.69 -25.90 33.28
C PRO C 126 -5.06 -25.39 32.86
N HIS C 127 -5.12 -24.40 31.96
CA HIS C 127 -6.40 -23.90 31.46
C HIS C 127 -7.38 -24.99 31.00
N LYS C 128 -6.88 -26.02 30.34
CA LYS C 128 -7.74 -27.16 30.01
C LYS C 128 -6.91 -28.42 29.89
N PRO C 129 -7.05 -29.34 30.85
CA PRO C 129 -6.09 -30.44 31.04
C PRO C 129 -5.94 -31.40 29.86
N GLU C 130 -6.83 -31.35 28.87
CA GLU C 130 -6.68 -32.17 27.66
C GLU C 130 -5.48 -31.69 26.85
N GLU C 131 -5.32 -30.37 26.79
CA GLU C 131 -4.11 -29.72 26.30
C GLU C 131 -2.87 -30.56 26.45
N LEU C 132 -2.60 -30.97 27.69
CA LEU C 132 -1.32 -31.57 28.05
C LEU C 132 -1.11 -32.98 27.49
N SER C 133 -2.10 -33.49 26.75
CA SER C 133 -1.95 -34.78 26.05
C SER C 133 -0.85 -34.69 24.96
N TYR C 134 -0.62 -33.48 24.45
CA TYR C 134 0.41 -33.25 23.45
C TYR C 134 1.79 -33.59 23.98
N PHE C 135 1.99 -33.40 25.28
CA PHE C 135 3.27 -33.73 25.91
C PHE C 135 3.42 -35.24 25.99
N LYS C 136 4.59 -35.73 25.58
CA LYS C 136 4.81 -37.15 25.40
C LYS C 136 5.21 -37.87 26.69
N GLY C 137 5.93 -37.16 27.56
CA GLY C 137 6.32 -37.72 28.84
C GLY C 137 5.17 -37.91 29.83
N GLU C 138 5.53 -38.01 31.11
CA GLU C 138 4.57 -38.21 32.19
C GLU C 138 4.01 -36.87 32.66
N LEU C 139 2.69 -36.84 32.87
CA LEU C 139 1.99 -35.65 33.36
C LEU C 139 1.62 -35.71 34.85
N LYS C 140 1.87 -34.63 35.57
CA LYS C 140 1.33 -34.48 36.90
C LYS C 140 0.65 -33.12 37.02
N ILE C 141 -0.67 -33.15 36.98
CA ILE C 141 -1.48 -31.95 37.15
C ILE C 141 -1.70 -31.64 38.65
N VAL C 142 -1.63 -30.36 39.03
CA VAL C 142 -1.81 -29.99 40.43
C VAL C 142 -2.99 -29.04 40.55
N HIS C 143 -4.01 -29.45 41.29
CA HIS C 143 -5.17 -28.59 41.55
C HIS C 143 -5.11 -28.15 43.02
N PRO C 144 -4.68 -26.92 43.28
CA PRO C 144 -4.47 -26.53 44.67
C PRO C 144 -5.77 -26.17 45.34
N TYR C 145 -6.81 -26.97 45.14
CA TYR C 145 -8.14 -26.62 45.63
C TYR C 145 -8.21 -26.52 47.16
N HIS C 146 -7.66 -27.51 47.87
CA HIS C 146 -7.70 -27.48 49.31
C HIS C 146 -7.10 -26.20 49.89
N GLN C 147 -6.03 -25.69 49.30
CA GLN C 147 -5.40 -24.51 49.89
C GLN C 147 -6.25 -23.27 49.68
N ILE C 148 -6.99 -23.25 48.57
CA ILE C 148 -7.90 -22.15 48.31
C ILE C 148 -9.11 -22.23 49.22
N ALA C 149 -9.67 -23.43 49.37
CA ALA C 149 -10.72 -23.65 50.35
C ALA C 149 -10.27 -23.16 51.73
N ARG C 150 -9.13 -23.65 52.22
CA ARG C 150 -8.68 -23.23 53.54
C ARG C 150 -8.70 -21.71 53.68
N LYS C 151 -8.22 -21.01 52.66
CA LYS C 151 -8.06 -19.56 52.76
C LYS C 151 -9.38 -18.86 52.74
N ILE C 152 -10.25 -19.27 51.82
CA ILE C 152 -11.58 -18.72 51.78
C ILE C 152 -12.23 -18.82 53.15
N LYS C 153 -12.14 -19.99 53.78
CA LYS C 153 -12.79 -20.20 55.08
C LYS C 153 -12.26 -19.26 56.15
N GLU C 154 -10.98 -18.95 56.07
CA GLU C 154 -10.35 -18.06 57.06
C GLU C 154 -10.84 -16.64 56.92
N ILE C 155 -11.07 -16.24 55.68
CA ILE C 155 -11.28 -14.83 55.34
C ILE C 155 -12.73 -14.47 55.07
N ILE C 156 -13.54 -15.47 54.75
CA ILE C 156 -14.91 -15.21 54.35
C ILE C 156 -15.92 -15.89 55.26
N GLU C 157 -16.71 -15.05 55.92
CA GLU C 157 -17.75 -15.50 56.82
C GLU C 157 -19.02 -15.71 56.02
N ASP C 158 -19.48 -16.96 55.93
CA ASP C 158 -20.66 -17.29 55.12
C ASP C 158 -20.39 -17.15 53.62
N PRO C 159 -19.59 -18.08 53.06
CA PRO C 159 -19.18 -18.04 51.66
C PRO C 159 -20.20 -18.67 50.74
N PHE C 160 -20.47 -17.97 49.64
CA PHE C 160 -21.11 -18.59 48.48
C PHE C 160 -20.09 -18.58 47.35
N ILE C 161 -19.91 -19.72 46.70
CA ILE C 161 -18.91 -19.85 45.67
C ILE C 161 -19.50 -19.89 44.26
N LEU C 162 -19.14 -18.88 43.48
CA LEU C 162 -19.77 -18.60 42.18
C LEU C 162 -18.74 -18.78 41.08
N ALA C 163 -19.04 -19.64 40.11
CA ALA C 163 -18.19 -19.82 38.92
C ALA C 163 -18.74 -19.01 37.73
N PRO C 164 -17.88 -18.22 37.09
CA PRO C 164 -18.28 -17.24 36.06
C PRO C 164 -18.88 -17.86 34.82
N ASP C 165 -18.54 -19.12 34.54
CA ASP C 165 -19.10 -19.82 33.39
C ASP C 165 -19.14 -21.31 33.69
N ARG C 166 -19.75 -22.10 32.82
CA ARG C 166 -19.78 -23.54 33.06
C ARG C 166 -18.38 -24.14 33.05
N GLY C 167 -17.42 -23.45 32.44
CA GLY C 167 -16.04 -23.88 32.49
C GLY C 167 -15.53 -24.00 33.90
N ALA C 168 -15.81 -22.99 34.72
CA ALA C 168 -15.29 -22.90 36.06
C ALA C 168 -16.12 -23.64 37.11
N LEU C 169 -17.14 -24.38 36.67
CA LEU C 169 -18.05 -25.05 37.60
C LEU C 169 -17.35 -26.16 38.39
N ASP C 170 -16.67 -27.08 37.70
CA ASP C 170 -16.02 -28.21 38.37
C ASP C 170 -15.11 -27.75 39.48
N ARG C 171 -14.37 -26.69 39.20
CA ARG C 171 -13.45 -26.12 40.18
C ARG C 171 -14.20 -25.47 41.35
N ALA C 172 -15.26 -24.72 41.08
CA ALA C 172 -16.06 -24.15 42.15
C ALA C 172 -16.68 -25.25 43.01
N ARG C 173 -17.21 -26.29 42.38
CA ARG C 173 -17.86 -27.36 43.10
C ARG C 173 -16.87 -28.05 44.03
N LYS C 174 -15.72 -28.47 43.49
CA LYS C 174 -14.73 -29.15 44.32
C LYS C 174 -14.21 -28.29 45.48
N ILE C 175 -14.18 -26.98 45.30
CA ILE C 175 -13.72 -26.06 46.35
C ILE C 175 -14.81 -25.86 47.38
N ALA C 176 -16.02 -25.61 46.92
CA ALA C 176 -17.16 -25.39 47.80
C ALA C 176 -17.49 -26.66 48.61
N GLU C 177 -17.44 -27.82 47.95
CA GLU C 177 -17.82 -29.06 48.62
C GLU C 177 -16.91 -29.36 49.76
N GLU C 178 -15.64 -28.99 49.63
CA GLU C 178 -14.69 -29.23 50.72
C GLU C 178 -14.93 -28.34 51.96
N ILE C 179 -15.65 -27.26 51.75
CA ILE C 179 -15.79 -26.27 52.77
C ILE C 179 -17.27 -26.21 53.13
N ASN C 180 -18.02 -27.16 52.55
CA ASN C 180 -19.47 -27.28 52.70
C ASN C 180 -20.28 -26.01 52.45
N ALA C 181 -19.83 -25.23 51.48
CA ALA C 181 -20.53 -24.03 51.10
C ALA C 181 -21.43 -24.30 49.90
N PRO C 182 -22.39 -23.40 49.66
CA PRO C 182 -23.26 -23.47 48.47
C PRO C 182 -22.48 -22.98 47.27
N TYR C 183 -22.77 -23.50 46.09
CA TYR C 183 -22.10 -23.08 44.87
C TYR C 183 -23.08 -23.01 43.69
N SER C 184 -22.76 -22.15 42.73
CA SER C 184 -23.53 -22.10 41.49
C SER C 184 -22.67 -21.52 40.36
N TYR C 185 -23.24 -21.48 39.16
CA TYR C 185 -22.53 -20.92 38.03
C TYR C 185 -23.44 -20.02 37.20
N ILE C 186 -22.85 -19.01 36.57
CA ILE C 186 -23.55 -18.12 35.66
C ILE C 186 -23.69 -18.74 34.29
N GLU C 187 -24.89 -18.60 33.71
CA GLU C 187 -25.26 -19.32 32.50
C GLU C 187 -25.36 -18.41 31.29
N LYS C 188 -24.28 -18.35 30.50
CA LYS C 188 -24.30 -17.60 29.25
C LYS C 188 -25.17 -18.32 28.21
N GLU C 189 -25.91 -17.54 27.43
CA GLU C 189 -26.71 -18.02 26.30
C GLU C 189 -27.54 -16.86 25.76
N ARG C 190 -28.38 -16.30 26.63
CA ARG C 190 -29.16 -15.11 26.31
C ARG C 190 -29.28 -14.20 27.54
N ASN C 204 -28.64 -22.31 45.52
CA ASN C 204 -28.43 -21.66 44.22
C ASN C 204 -29.22 -20.36 44.06
N ILE C 205 -28.61 -19.37 43.40
CA ILE C 205 -29.20 -18.05 43.18
C ILE C 205 -29.67 -17.38 44.51
N ASN C 206 -29.84 -18.20 45.53
CA ASN C 206 -30.08 -17.70 46.87
C ASN C 206 -28.75 -17.25 47.44
N LEU C 207 -27.94 -16.60 46.60
CA LEU C 207 -26.72 -15.98 47.08
C LEU C 207 -27.13 -14.69 47.76
N LYS C 208 -28.42 -14.39 47.69
CA LYS C 208 -29.03 -13.31 48.43
C LYS C 208 -28.42 -13.21 49.85
N GLY C 209 -27.80 -12.08 50.14
CA GLY C 209 -27.27 -11.79 51.46
C GLY C 209 -25.99 -12.49 51.83
N LYS C 210 -25.44 -13.26 50.90
CA LYS C 210 -24.22 -14.03 51.16
C LYS C 210 -22.95 -13.34 50.65
N ASP C 211 -21.81 -13.71 51.25
CA ASP C 211 -20.49 -13.20 50.85
C ASP C 211 -19.97 -14.02 49.68
N VAL C 212 -20.17 -13.55 48.46
CA VAL C 212 -19.82 -14.32 47.27
C VAL C 212 -18.33 -14.33 46.90
N VAL C 213 -17.84 -15.48 46.46
CA VAL C 213 -16.48 -15.61 46.02
C VAL C 213 -16.49 -16.14 44.61
N ILE C 214 -16.01 -15.34 43.66
CA ILE C 214 -15.97 -15.76 42.27
C ILE C 214 -14.60 -16.35 41.89
N ILE C 215 -14.60 -17.63 41.52
CA ILE C 215 -13.37 -18.37 41.29
C ILE C 215 -13.16 -18.75 39.83
N ASP C 216 -12.00 -18.43 39.28
CA ASP C 216 -11.66 -18.83 37.92
C ASP C 216 -10.20 -19.29 37.89
N ASP C 217 -9.80 -19.99 36.83
CA ASP C 217 -8.41 -20.41 36.72
C ASP C 217 -7.47 -19.23 36.50
N ILE C 218 -7.83 -18.35 35.58
CA ILE C 218 -7.00 -17.19 35.26
C ILE C 218 -7.79 -15.89 35.37
N ILE C 219 -7.15 -14.83 35.83
CA ILE C 219 -7.72 -13.51 35.69
C ILE C 219 -6.74 -12.58 34.99
N SER C 220 -7.05 -12.20 33.75
CA SER C 220 -6.19 -11.31 32.96
C SER C 220 -6.65 -9.87 33.00
N THR C 221 -7.63 -9.57 32.14
CA THR C 221 -8.20 -8.23 32.05
C THR C 221 -9.17 -8.06 33.22
N GLY C 222 -9.85 -9.14 33.55
CA GLY C 222 -10.80 -9.15 34.65
C GLY C 222 -12.21 -8.96 34.13
N GLY C 223 -12.38 -9.12 32.82
CA GLY C 223 -13.65 -8.86 32.19
C GLY C 223 -14.74 -9.82 32.62
N THR C 224 -14.41 -11.11 32.70
CA THR C 224 -15.40 -12.11 33.04
C THR C 224 -15.80 -11.94 34.49
N ILE C 225 -14.83 -11.59 35.34
CA ILE C 225 -15.04 -11.38 36.76
C ILE C 225 -15.86 -10.13 37.02
N VAL C 226 -15.72 -9.12 36.16
CA VAL C 226 -16.50 -7.90 36.32
C VAL C 226 -17.97 -8.11 35.98
N GLN C 227 -18.24 -8.77 34.86
CA GLN C 227 -19.62 -9.08 34.51
C GLN C 227 -20.27 -9.96 35.55
N ALA C 228 -19.50 -10.87 36.15
CA ALA C 228 -20.04 -11.73 37.17
C ALA C 228 -20.27 -11.00 38.49
N THR C 229 -19.50 -9.95 38.77
CA THR C 229 -19.68 -9.19 39.98
C THR C 229 -21.00 -8.41 39.94
N ARG C 230 -21.46 -8.08 38.73
CA ARG C 230 -22.73 -7.38 38.55
C ARG C 230 -23.89 -8.24 38.98
N LEU C 231 -24.10 -9.36 38.30
CA LEU C 231 -25.13 -10.32 38.69
C LEU C 231 -25.17 -10.60 40.19
N ALA C 232 -24.00 -10.73 40.80
CA ALA C 232 -23.88 -10.99 42.22
C ALA C 232 -24.53 -9.88 43.05
N TYR C 233 -24.15 -8.63 42.81
CA TYR C 233 -24.70 -7.51 43.55
C TYR C 233 -26.18 -7.32 43.23
N SER C 234 -26.54 -7.60 41.98
CA SER C 234 -27.94 -7.53 41.56
C SER C 234 -28.69 -8.79 41.93
N LEU C 235 -28.14 -9.54 42.86
CA LEU C 235 -28.83 -10.71 43.41
C LEU C 235 -28.69 -10.75 44.94
N GLY C 236 -28.22 -9.66 45.52
CA GLY C 236 -28.22 -9.52 46.96
C GLY C 236 -26.91 -9.84 47.63
N ALA C 237 -25.87 -10.07 46.85
CA ALA C 237 -24.58 -10.33 47.41
C ALA C 237 -24.26 -9.28 48.47
N LYS C 238 -23.85 -9.73 49.65
CA LYS C 238 -23.43 -8.83 50.71
C LYS C 238 -22.06 -8.24 50.33
N SER C 239 -21.24 -9.08 49.72
CA SER C 239 -19.91 -8.68 49.26
C SER C 239 -19.49 -9.59 48.12
N VAL C 240 -18.50 -9.15 47.34
CA VAL C 240 -17.89 -9.99 46.31
C VAL C 240 -16.36 -10.05 46.42
N THR C 241 -15.83 -11.27 46.47
CA THR C 241 -14.40 -11.49 46.47
C THR C 241 -14.06 -12.28 45.23
N ALA C 242 -12.91 -12.01 44.63
CA ALA C 242 -12.48 -12.76 43.45
C ALA C 242 -11.20 -13.57 43.72
N ALA C 243 -11.17 -14.79 43.21
CA ALA C 243 -10.04 -15.68 43.41
C ALA C 243 -9.69 -16.40 42.12
N ALA C 244 -8.40 -16.52 41.87
CA ALA C 244 -7.93 -17.33 40.75
C ALA C 244 -6.61 -17.94 41.11
N ILE C 245 -6.26 -19.03 40.43
CA ILE C 245 -4.95 -19.63 40.62
C ILE C 245 -3.89 -18.70 40.01
N HIS C 246 -4.09 -18.34 38.75
CA HIS C 246 -3.17 -17.47 38.03
C HIS C 246 -3.69 -16.04 37.92
N LEU C 247 -3.08 -15.14 38.67
CA LEU C 247 -3.49 -13.74 38.66
C LEU C 247 -2.63 -12.86 37.78
N LEU C 248 -2.83 -12.95 36.47
CA LEU C 248 -2.06 -12.17 35.49
C LEU C 248 -2.71 -10.82 35.27
N LEU C 249 -2.74 -9.98 36.30
CA LEU C 249 -3.52 -8.75 36.23
C LEU C 249 -2.94 -7.78 35.21
N VAL C 250 -3.76 -7.49 34.20
CA VAL C 250 -3.29 -6.78 33.02
C VAL C 250 -3.79 -5.35 32.92
N GLY C 251 -2.88 -4.40 33.13
CA GLY C 251 -3.18 -2.99 32.95
C GLY C 251 -4.22 -2.47 33.94
N GLY C 252 -5.45 -2.31 33.46
CA GLY C 252 -6.53 -1.84 34.31
C GLY C 252 -6.84 -2.82 35.44
N ALA C 253 -7.24 -4.03 35.05
CA ALA C 253 -7.58 -5.15 35.96
C ALA C 253 -7.79 -4.79 37.42
N LYS C 254 -6.71 -4.57 38.17
CA LYS C 254 -6.83 -4.38 39.61
C LYS C 254 -7.78 -3.24 39.94
N GLU C 255 -7.67 -2.13 39.21
CA GLU C 255 -8.54 -0.98 39.45
C GLU C 255 -9.93 -1.20 38.86
N ARG C 256 -9.98 -1.75 37.65
CA ARG C 256 -11.27 -2.06 37.03
C ARG C 256 -12.16 -2.90 37.95
N LEU C 257 -11.55 -3.70 38.83
CA LEU C 257 -12.28 -4.56 39.74
C LEU C 257 -12.70 -3.80 41.01
N ARG C 258 -11.77 -3.03 41.57
CA ARG C 258 -12.10 -2.23 42.75
C ARG C 258 -13.31 -1.35 42.47
N GLU C 259 -13.39 -0.84 41.24
CA GLU C 259 -14.46 0.06 40.83
C GLU C 259 -15.86 -0.58 40.84
N VAL C 260 -15.93 -1.86 40.49
CA VAL C 260 -17.18 -2.62 40.52
C VAL C 260 -17.41 -3.24 41.90
N GLY C 261 -16.53 -2.92 42.85
CA GLY C 261 -16.71 -3.33 44.23
C GLY C 261 -16.13 -4.66 44.66
N VAL C 262 -15.15 -5.19 43.93
CA VAL C 262 -14.48 -6.37 44.41
C VAL C 262 -13.48 -5.96 45.49
N LYS C 263 -13.80 -6.33 46.73
CA LYS C 263 -13.05 -5.92 47.89
C LYS C 263 -11.68 -6.58 47.87
N THR C 264 -11.71 -7.91 47.90
CA THR C 264 -10.52 -8.70 48.14
C THR C 264 -10.13 -9.48 46.89
N LEU C 265 -8.83 -9.70 46.71
CA LEU C 265 -8.35 -10.53 45.62
C LEU C 265 -7.49 -11.65 46.15
N ILE C 266 -7.82 -12.87 45.78
CA ILE C 266 -7.02 -14.02 46.16
C ILE C 266 -6.35 -14.65 44.94
N GLY C 267 -5.04 -14.80 45.02
CA GLY C 267 -4.27 -15.51 44.02
C GLY C 267 -3.22 -16.41 44.63
N THR C 268 -2.32 -16.93 43.78
CA THR C 268 -1.24 -17.81 44.23
C THR C 268 0.06 -17.39 43.57
N ASN C 269 1.15 -18.04 44.00
CA ASN C 269 2.49 -17.69 43.54
C ASN C 269 2.95 -18.50 42.33
N THR C 270 2.01 -18.90 41.48
CA THR C 270 2.38 -19.41 40.17
C THR C 270 2.81 -18.21 39.36
N ILE C 271 2.40 -17.03 39.79
CA ILE C 271 2.71 -15.77 39.14
C ILE C 271 3.40 -14.83 40.12
N ASN C 272 4.04 -13.78 39.64
CA ASN C 272 4.60 -12.76 40.51
C ASN C 272 3.61 -11.59 40.71
N VAL C 273 3.47 -11.05 41.93
CA VAL C 273 2.46 -10.01 42.18
C VAL C 273 2.84 -8.77 43.07
N ASN C 274 1.86 -8.28 43.86
CA ASN C 274 2.00 -7.13 44.77
C ASN C 274 1.35 -7.40 46.13
N ASP C 275 1.23 -6.39 47.00
CA ASP C 275 0.52 -6.60 48.27
C ASP C 275 -0.25 -5.44 48.92
N LYS C 276 -0.95 -4.63 48.13
CA LYS C 276 -2.08 -3.81 48.63
C LYS C 276 -3.30 -4.66 48.35
N ASP C 277 -3.56 -5.58 49.26
CA ASP C 277 -3.99 -6.93 48.90
C ASP C 277 -2.59 -7.50 48.71
N ILE C 278 -2.33 -8.33 47.72
CA ILE C 278 -3.31 -9.24 47.18
C ILE C 278 -3.03 -10.45 47.99
N ILE C 279 -4.06 -11.16 48.39
CA ILE C 279 -3.86 -12.35 49.18
C ILE C 279 -3.19 -13.44 48.35
N THR C 280 -1.95 -13.77 48.70
CA THR C 280 -1.16 -14.70 47.89
C THR C 280 -0.97 -16.02 48.61
N ILE C 281 -1.55 -17.09 48.07
CA ILE C 281 -1.34 -18.43 48.57
C ILE C 281 -0.08 -19.04 47.95
N ASP C 282 0.80 -19.58 48.80
CA ASP C 282 1.95 -20.31 48.32
C ASP C 282 1.53 -21.75 48.07
N VAL C 283 1.55 -22.15 46.82
CA VAL C 283 1.02 -23.46 46.43
C VAL C 283 2.05 -24.56 46.41
N SER C 284 3.20 -24.29 47.01
CA SER C 284 4.28 -25.27 47.08
C SER C 284 3.83 -26.55 47.73
N GLN C 285 3.13 -26.40 48.85
CA GLN C 285 2.56 -27.54 49.55
C GLN C 285 1.69 -28.43 48.67
N SER C 286 0.82 -27.81 47.87
CA SER C 286 0.01 -28.56 46.89
C SER C 286 0.87 -29.22 45.79
N ILE C 287 1.94 -28.55 45.38
CA ILE C 287 2.84 -29.12 44.37
C ILE C 287 3.56 -30.35 44.92
N ALA C 288 4.05 -30.22 46.15
CA ALA C 288 4.76 -31.31 46.83
C ALA C 288 4.01 -32.64 46.89
N LEU C 289 2.73 -32.59 47.25
CA LEU C 289 1.93 -33.78 47.30
C LEU C 289 1.97 -34.51 45.98
N SER C 290 1.91 -33.74 44.89
CA SER C 290 1.64 -34.27 43.56
C SER C 290 2.87 -34.87 42.92
N LEU C 291 3.99 -34.75 43.63
CA LEU C 291 5.29 -35.21 43.11
C LEU C 291 5.41 -36.73 43.16
N MET D 1 5.71 -22.39 -5.20
CA MET D 1 6.52 -21.64 -4.23
C MET D 1 5.85 -20.34 -3.81
N ILE D 2 5.82 -20.08 -2.50
CA ILE D 2 5.41 -18.78 -2.02
C ILE D 2 6.24 -18.33 -0.84
N ILE D 3 6.19 -17.02 -0.58
CA ILE D 3 6.98 -16.41 0.47
C ILE D 3 6.02 -16.00 1.56
N ILE D 4 6.28 -16.48 2.76
CA ILE D 4 5.51 -16.02 3.92
C ILE D 4 6.36 -15.09 4.77
N GLY D 5 5.91 -13.85 4.94
CA GLY D 5 6.61 -12.91 5.79
C GLY D 5 6.17 -12.99 7.25
N GLY D 6 7.11 -13.36 8.13
CA GLY D 6 6.80 -13.45 9.55
C GLY D 6 6.51 -12.10 10.18
N SER D 7 6.63 -12.05 11.50
CA SER D 7 6.40 -10.83 12.28
C SER D 7 7.62 -9.92 12.24
N ALA D 8 8.74 -10.45 11.78
CA ALA D 8 9.97 -9.69 11.75
C ALA D 8 10.76 -9.96 10.46
N THR D 9 10.43 -9.18 9.46
CA THR D 9 11.13 -9.18 8.20
C THR D 9 11.51 -7.74 8.14
N ASN D 10 12.61 -7.41 7.50
CA ASN D 10 12.95 -5.99 7.48
C ASN D 10 12.82 -5.45 6.07
N GLY D 11 11.73 -5.81 5.43
CA GLY D 11 11.51 -5.55 4.03
C GLY D 11 12.00 -6.72 3.21
N ILE D 12 12.69 -7.66 3.86
CA ILE D 12 13.37 -8.71 3.12
C ILE D 12 12.38 -9.61 2.41
N ASP D 13 11.22 -9.83 3.03
CA ASP D 13 10.19 -10.67 2.43
C ASP D 13 9.65 -10.00 1.14
N GLU D 14 9.42 -8.70 1.22
CA GLU D 14 8.91 -7.94 0.09
C GLU D 14 9.86 -7.84 -1.09
N SER D 15 11.12 -7.50 -0.83
CA SER D 15 12.09 -7.40 -1.91
C SER D 15 12.48 -8.78 -2.46
N LEU D 16 12.47 -9.82 -1.63
CA LEU D 16 12.66 -11.18 -2.14
C LEU D 16 11.50 -11.59 -3.08
N SER D 17 10.33 -10.97 -2.86
CA SER D 17 9.15 -11.24 -3.69
C SER D 17 9.35 -10.69 -5.10
N LYS D 18 9.81 -9.44 -5.19
CA LYS D 18 10.17 -8.86 -6.49
C LYS D 18 11.29 -9.66 -7.16
N ILE D 19 12.43 -9.73 -6.50
CA ILE D 19 13.59 -10.43 -7.04
C ILE D 19 13.32 -11.83 -7.58
N LEU D 20 12.51 -12.61 -6.89
CA LEU D 20 12.28 -13.99 -7.30
C LEU D 20 10.99 -14.13 -8.09
N SER D 21 10.22 -13.04 -8.08
CA SER D 21 8.86 -13.04 -8.61
C SER D 21 8.07 -14.25 -8.10
N ILE D 22 7.87 -14.26 -6.79
CA ILE D 22 7.11 -15.28 -6.12
C ILE D 22 6.08 -14.48 -5.34
N PRO D 23 4.86 -15.02 -5.20
CA PRO D 23 3.79 -14.28 -4.51
C PRO D 23 4.06 -14.18 -2.98
N LEU D 24 3.71 -13.04 -2.42
CA LEU D 24 4.00 -12.76 -1.01
C LEU D 24 2.77 -12.78 -0.09
N VAL D 25 2.82 -13.65 0.92
CA VAL D 25 1.75 -13.80 1.89
C VAL D 25 2.24 -13.38 3.28
N LYS D 26 1.65 -12.33 3.83
CA LYS D 26 2.05 -11.83 5.16
C LYS D 26 1.29 -12.45 6.35
N VAL D 27 2.05 -12.91 7.34
CA VAL D 27 1.48 -13.50 8.54
C VAL D 27 0.78 -12.43 9.37
N GLU D 28 -0.44 -12.74 9.80
CA GLU D 28 -1.18 -11.85 10.70
C GLU D 28 -0.65 -12.06 12.11
N ASN D 29 -0.29 -10.97 12.78
CA ASN D 29 0.33 -11.10 14.08
C ASN D 29 0.09 -9.90 14.97
N LYS D 30 -0.32 -10.17 16.21
CA LYS D 30 -0.59 -9.11 17.18
C LYS D 30 -0.15 -9.56 18.56
N ILE D 31 -0.14 -8.63 19.51
CA ILE D 31 0.21 -8.94 20.88
C ILE D 31 -1.00 -8.86 21.81
N PHE D 32 -1.36 -9.98 22.43
CA PHE D 32 -2.42 -9.98 23.45
C PHE D 32 -2.09 -9.06 24.61
N PRO D 33 -3.10 -8.62 25.37
CA PRO D 33 -2.83 -7.78 26.56
C PRO D 33 -1.95 -8.50 27.59
N ASP D 34 -2.09 -9.82 27.66
CA ASP D 34 -1.15 -10.72 28.32
C ASP D 34 0.32 -10.29 28.16
N GLY D 35 0.70 -10.16 26.90
CA GLY D 35 2.10 -10.07 26.50
C GLY D 35 2.36 -11.11 25.42
N GLU D 36 1.47 -12.09 25.35
CA GLU D 36 1.62 -13.22 24.44
C GLU D 36 1.42 -12.86 22.97
N SER D 37 1.95 -13.71 22.10
CA SER D 37 1.86 -13.48 20.68
C SER D 37 0.67 -14.18 20.04
N TYR D 38 -0.01 -13.48 19.13
CA TYR D 38 -1.04 -14.04 18.27
C TYR D 38 -0.46 -14.26 16.86
N ILE D 39 -0.75 -15.43 16.29
CA ILE D 39 -0.15 -15.85 15.04
C ILE D 39 -1.16 -16.55 14.14
N ARG D 40 -1.39 -15.98 12.94
CA ARG D 40 -2.29 -16.58 11.94
C ARG D 40 -1.72 -16.52 10.51
N VAL D 41 -1.71 -17.68 9.86
CA VAL D 41 -1.24 -17.80 8.48
C VAL D 41 -2.43 -17.75 7.50
N PRO D 42 -2.63 -16.57 6.86
CA PRO D 42 -3.91 -16.14 6.27
C PRO D 42 -4.28 -16.73 4.90
N SER D 43 -3.49 -17.63 4.33
CA SER D 43 -3.83 -18.19 3.02
C SER D 43 -4.00 -19.70 3.06
N SER D 44 -4.27 -20.26 1.89
CA SER D 44 -4.11 -21.69 1.68
C SER D 44 -2.66 -21.93 1.31
N ILE D 45 -2.19 -23.15 1.53
CA ILE D 45 -0.80 -23.48 1.34
C ILE D 45 -0.73 -24.94 0.98
N ARG D 46 -1.86 -25.62 1.18
CA ARG D 46 -1.98 -27.07 1.06
C ARG D 46 -0.72 -27.81 0.55
N ASP D 47 -0.30 -27.55 -0.68
CA ASP D 47 0.89 -28.28 -1.17
C ASP D 47 2.06 -27.39 -1.66
N GLU D 48 2.02 -26.13 -1.25
CA GLU D 48 3.03 -25.14 -1.62
C GLU D 48 4.40 -25.39 -0.98
N GLU D 49 5.45 -24.95 -1.66
CA GLU D 49 6.77 -24.88 -1.06
C GLU D 49 6.89 -23.48 -0.46
N VAL D 50 7.29 -23.40 0.79
CA VAL D 50 7.26 -22.11 1.47
C VAL D 50 8.64 -21.55 1.76
N LEU D 51 8.74 -20.23 1.66
CA LEU D 51 9.92 -19.51 2.05
C LEU D 51 9.48 -18.59 3.16
N LEU D 52 9.80 -18.97 4.39
CA LEU D 52 9.44 -18.18 5.55
C LEU D 52 10.57 -17.20 5.83
N VAL D 53 10.22 -15.91 5.94
CA VAL D 53 11.19 -14.88 6.34
C VAL D 53 10.88 -14.39 7.74
N GLN D 54 11.74 -14.74 8.71
CA GLN D 54 11.63 -14.32 10.11
C GLN D 54 13.02 -14.07 10.64
N THR D 55 13.33 -12.81 10.94
CA THR D 55 14.61 -12.55 11.55
C THR D 55 14.37 -12.65 13.03
N THR D 56 15.42 -12.83 13.81
CA THR D 56 15.25 -12.95 15.26
C THR D 56 16.00 -11.89 16.06
N ASP D 57 16.07 -10.67 15.53
CA ASP D 57 16.69 -9.54 16.23
C ASP D 57 15.81 -9.18 17.43
N TYR D 58 16.18 -8.14 18.17
CA TYR D 58 15.46 -7.77 19.39
C TYR D 58 14.00 -7.45 19.08
N PRO D 59 13.06 -8.05 19.85
CA PRO D 59 13.28 -8.96 20.99
C PRO D 59 13.52 -10.39 20.54
N GLN D 60 14.69 -10.94 20.85
CA GLN D 60 15.07 -12.24 20.31
C GLN D 60 14.12 -13.35 20.76
N ASP D 61 13.76 -13.34 22.04
CA ASP D 61 12.96 -14.44 22.57
C ASP D 61 11.57 -14.50 21.97
N LYS D 62 10.89 -13.35 21.89
CA LYS D 62 9.57 -13.32 21.27
C LYS D 62 9.65 -13.73 19.79
N HIS D 63 10.61 -13.17 19.07
CA HIS D 63 10.73 -13.48 17.65
C HIS D 63 11.03 -14.95 17.43
N LEU D 64 11.79 -15.55 18.34
CA LEU D 64 12.08 -16.98 18.25
C LEU D 64 10.80 -17.79 18.49
N ILE D 65 10.03 -17.39 19.48
CA ILE D 65 8.83 -18.15 19.79
C ILE D 65 7.82 -17.95 18.67
N GLU D 66 7.74 -16.73 18.16
CA GLU D 66 6.93 -16.48 16.98
C GLU D 66 7.38 -17.36 15.79
N LEU D 67 8.68 -17.49 15.61
CA LEU D 67 9.20 -18.36 14.58
C LEU D 67 8.76 -19.80 14.78
N PHE D 68 8.95 -20.33 15.99
CA PHE D 68 8.47 -21.68 16.29
C PHE D 68 7.00 -21.87 15.98
N LEU D 69 6.17 -20.89 16.38
CA LEU D 69 4.73 -21.02 16.21
C LEU D 69 4.33 -20.99 14.74
N ILE D 70 4.87 -20.01 14.01
CA ILE D 70 4.60 -19.87 12.58
C ILE D 70 5.05 -21.11 11.84
N ALA D 71 6.21 -21.62 12.22
CA ALA D 71 6.75 -22.81 11.56
C ALA D 71 5.79 -23.99 11.66
N GLU D 72 5.41 -24.38 12.87
CA GLU D 72 4.50 -25.51 13.06
C GLU D 72 3.16 -25.30 12.37
N THR D 73 2.61 -24.11 12.49
CA THR D 73 1.39 -23.77 11.75
C THR D 73 1.51 -24.05 10.26
N ILE D 74 2.61 -23.61 9.64
CA ILE D 74 2.88 -23.83 8.22
C ILE D 74 2.98 -25.31 7.86
N ARG D 75 3.70 -26.09 8.66
CA ARG D 75 3.74 -27.53 8.44
C ARG D 75 2.36 -28.14 8.62
N ASP D 76 1.62 -27.67 9.63
CA ASP D 76 0.28 -28.17 9.93
C ASP D 76 -0.70 -27.87 8.79
N LEU D 77 -0.50 -26.74 8.12
CA LEU D 77 -1.42 -26.32 7.08
C LEU D 77 -1.17 -27.03 5.75
N GLY D 78 -0.25 -28.01 5.75
CA GLY D 78 -0.02 -28.86 4.59
C GLY D 78 1.23 -28.63 3.75
N ALA D 79 1.84 -27.45 3.88
CA ALA D 79 3.02 -27.09 3.09
C ALA D 79 3.93 -28.27 2.73
N LYS D 80 4.51 -28.23 1.52
CA LYS D 80 5.30 -29.34 1.01
C LYS D 80 6.74 -29.27 1.50
N LYS D 81 7.22 -28.05 1.69
CA LYS D 81 8.59 -27.83 2.17
C LYS D 81 8.64 -26.49 2.90
N LEU D 82 9.35 -26.47 4.02
CA LEU D 82 9.52 -25.23 4.78
C LEU D 82 10.97 -24.82 4.69
N THR D 83 11.17 -23.64 4.13
CA THR D 83 12.47 -23.00 4.15
C THR D 83 12.38 -21.77 5.02
N ALA D 84 13.20 -21.77 6.08
CA ALA D 84 13.18 -20.66 7.01
C ALA D 84 14.38 -19.79 6.75
N ILE D 85 14.09 -18.57 6.35
CA ILE D 85 15.11 -17.57 6.08
C ILE D 85 15.18 -16.69 7.29
N VAL D 86 16.16 -16.92 8.15
CA VAL D 86 16.30 -16.11 9.33
C VAL D 86 17.59 -15.36 9.21
N PRO D 87 17.50 -14.10 8.74
CA PRO D 87 18.66 -13.23 8.46
C PRO D 87 19.61 -13.14 9.67
N TYR D 88 19.12 -12.73 10.82
CA TYR D 88 19.93 -12.75 12.03
C TYR D 88 19.43 -13.84 12.97
N LEU D 89 20.22 -14.88 13.18
CA LEU D 89 19.86 -15.96 14.07
C LEU D 89 20.33 -15.64 15.48
N ALA D 90 19.41 -15.57 16.43
CA ALA D 90 19.76 -15.20 17.81
C ALA D 90 20.49 -16.32 18.56
N TYR D 91 21.20 -15.97 19.64
CA TYR D 91 21.92 -16.98 20.44
C TYR D 91 23.05 -17.63 19.66
N SER D 92 23.61 -16.87 18.72
CA SER D 92 24.69 -17.36 17.89
C SER D 92 26.02 -17.22 18.58
N ARG D 93 26.14 -16.19 19.40
CA ARG D 93 27.36 -15.99 20.13
C ARG D 93 27.61 -17.13 21.13
N GLN D 94 26.56 -17.87 21.49
CA GLN D 94 26.68 -18.99 22.44
C GLN D 94 26.98 -20.31 21.73
N ASP D 95 28.25 -20.48 21.40
CA ASP D 95 28.73 -21.51 20.49
C ASP D 95 28.99 -22.84 21.19
N ARG D 96 29.36 -22.78 22.47
CA ARG D 96 29.85 -23.94 23.20
C ARG D 96 29.80 -23.68 24.69
N ARG D 97 30.26 -24.63 25.50
CA ARG D 97 30.30 -24.43 26.95
C ARG D 97 31.60 -23.75 27.36
N PHE D 98 31.57 -22.43 27.48
CA PHE D 98 32.73 -21.66 27.92
C PHE D 98 33.09 -21.92 29.38
N LYS D 99 32.10 -22.30 30.18
CA LYS D 99 32.33 -22.86 31.52
C LYS D 99 31.46 -24.10 31.68
N ASP D 100 31.79 -24.98 32.61
CA ASP D 100 30.99 -26.21 32.75
C ASP D 100 29.58 -25.89 33.21
N GLY D 101 28.61 -26.51 32.54
CA GLY D 101 27.21 -26.32 32.85
C GLY D 101 26.56 -25.14 32.16
N GLU D 102 27.31 -24.38 31.40
CA GLU D 102 26.71 -23.36 30.58
C GLU D 102 25.88 -24.00 29.47
N ALA D 103 24.81 -23.35 29.07
CA ALA D 103 23.97 -23.89 28.02
C ALA D 103 24.59 -23.62 26.66
N ILE D 104 24.51 -24.61 25.79
CA ILE D 104 24.84 -24.35 24.39
C ILE D 104 23.58 -23.87 23.66
N SER D 105 23.27 -22.58 23.84
CA SER D 105 21.96 -22.06 23.46
C SER D 105 21.63 -22.38 22.01
N ILE D 106 22.60 -22.17 21.12
CA ILE D 106 22.36 -22.32 19.69
C ILE D 106 21.97 -23.75 19.35
N LYS D 107 22.46 -24.72 20.13
CA LYS D 107 22.13 -26.12 19.89
C LYS D 107 20.65 -26.33 20.12
N THR D 108 20.16 -25.83 21.26
CA THR D 108 18.75 -25.96 21.62
C THR D 108 17.85 -25.30 20.58
N ILE D 109 18.21 -24.08 20.19
CA ILE D 109 17.46 -23.33 19.19
C ILE D 109 17.34 -24.10 17.88
N LEU D 110 18.48 -24.64 17.44
CA LEU D 110 18.56 -25.38 16.20
C LEU D 110 17.78 -26.68 16.25
N HIS D 111 17.94 -27.44 17.34
CA HIS D 111 17.20 -28.66 17.51
C HIS D 111 15.71 -28.37 17.48
N ILE D 112 15.32 -27.26 18.11
CA ILE D 112 13.92 -26.85 18.11
C ILE D 112 13.36 -26.59 16.72
N LEU D 113 14.19 -26.06 15.82
CA LEU D 113 13.77 -25.75 14.45
C LEU D 113 13.58 -26.97 13.58
N SER D 114 14.29 -28.06 13.86
CA SER D 114 14.08 -29.31 13.13
C SER D 114 12.74 -29.93 13.51
N GLU D 115 12.57 -30.24 14.79
CA GLU D 115 11.24 -30.42 15.37
C GLU D 115 10.58 -29.11 15.02
N VAL D 116 9.26 -29.04 14.91
CA VAL D 116 8.62 -27.78 14.50
C VAL D 116 8.49 -27.64 12.96
N GLY D 117 9.38 -28.32 12.22
CA GLY D 117 9.15 -28.59 10.82
C GLY D 117 9.93 -27.83 9.76
N VAL D 118 10.99 -27.14 10.15
CA VAL D 118 11.86 -26.47 9.19
C VAL D 118 12.76 -27.50 8.48
N ASN D 119 12.67 -27.49 7.15
CA ASN D 119 13.41 -28.42 6.29
C ASN D 119 14.76 -27.82 5.93
N THR D 120 14.73 -26.55 5.54
CA THR D 120 15.91 -25.85 5.09
C THR D 120 16.08 -24.54 5.84
N LEU D 121 17.25 -24.38 6.44
CA LEU D 121 17.60 -23.17 7.17
C LEU D 121 18.57 -22.25 6.41
N VAL D 122 18.19 -20.99 6.25
CA VAL D 122 19.02 -20.01 5.57
C VAL D 122 19.40 -18.88 6.51
N VAL D 123 20.69 -18.70 6.73
CA VAL D 123 21.16 -17.70 7.69
C VAL D 123 22.23 -16.78 7.06
N VAL D 124 22.21 -15.51 7.44
CA VAL D 124 23.23 -14.58 6.97
C VAL D 124 24.33 -14.39 8.03
N GLU D 125 25.59 -14.52 7.63
CA GLU D 125 26.74 -14.43 8.54
C GLU D 125 26.44 -14.97 9.93
N PRO D 126 26.26 -16.29 10.04
CA PRO D 126 26.24 -16.95 11.34
C PRO D 126 27.57 -16.66 12.07
N HIS D 127 27.53 -16.26 13.34
CA HIS D 127 28.77 -15.98 14.07
C HIS D 127 29.90 -17.01 13.86
N LYS D 128 29.58 -18.29 13.85
CA LYS D 128 30.57 -19.30 13.53
C LYS D 128 29.87 -20.50 12.90
N PRO D 129 30.09 -20.71 11.58
CA PRO D 129 29.31 -21.63 10.74
C PRO D 129 29.33 -23.11 11.13
N GLU D 130 30.23 -23.53 12.01
CA GLU D 130 30.19 -24.89 12.56
C GLU D 130 28.95 -25.08 13.42
N GLU D 131 28.61 -24.03 14.19
CA GLU D 131 27.35 -23.93 14.92
C GLU D 131 26.25 -24.70 14.25
N LEU D 132 26.01 -24.37 12.99
CA LEU D 132 24.83 -24.84 12.28
C LEU D 132 24.80 -26.35 11.97
N SER D 133 25.87 -27.05 12.31
CA SER D 133 25.88 -28.50 12.17
C SER D 133 24.77 -29.15 13.03
N TYR D 134 24.42 -28.49 14.13
CA TYR D 134 23.42 -29.01 15.05
C TYR D 134 22.07 -29.16 14.37
N PHE D 135 21.82 -28.31 13.38
CA PHE D 135 20.56 -28.34 12.63
C PHE D 135 20.56 -29.54 11.68
N LYS D 136 19.49 -30.32 11.73
CA LYS D 136 19.48 -31.61 11.05
C LYS D 136 19.13 -31.52 9.57
N GLY D 137 18.30 -30.56 9.20
CA GLY D 137 17.97 -30.34 7.80
C GLY D 137 19.11 -29.82 6.90
N GLU D 138 18.73 -29.15 5.82
CA GLU D 138 19.68 -28.60 4.86
C GLU D 138 20.07 -27.17 5.20
N LEU D 139 21.37 -26.88 5.12
CA LEU D 139 21.91 -25.56 5.44
C LEU D 139 22.27 -24.75 4.21
N LYS D 140 21.87 -23.48 4.21
CA LYS D 140 22.37 -22.56 3.22
C LYS D 140 22.86 -21.32 3.94
N ILE D 141 24.17 -21.18 4.03
CA ILE D 141 24.79 -20.00 4.64
C ILE D 141 24.95 -18.89 3.60
N VAL D 142 24.72 -17.64 3.98
CA VAL D 142 24.81 -16.53 3.05
C VAL D 142 25.84 -15.53 3.53
N HIS D 143 26.91 -15.36 2.77
CA HIS D 143 27.92 -14.35 3.11
C HIS D 143 27.81 -13.21 2.11
N PRO D 144 27.23 -12.06 2.53
CA PRO D 144 26.95 -10.96 1.62
C PRO D 144 28.20 -10.11 1.31
N TYR D 145 29.36 -10.75 1.18
CA TYR D 145 30.62 -10.04 0.98
C TYR D 145 30.69 -9.16 -0.28
N HIS D 146 30.18 -9.64 -1.41
CA HIS D 146 30.16 -8.79 -2.60
C HIS D 146 29.36 -7.49 -2.38
N GLN D 147 28.24 -7.56 -1.66
CA GLN D 147 27.45 -6.33 -1.52
C GLN D 147 28.14 -5.32 -0.62
N ILE D 148 28.94 -5.82 0.32
CA ILE D 148 29.67 -4.97 1.23
C ILE D 148 30.88 -4.37 0.50
N ALA D 149 31.57 -5.19 -0.27
CA ALA D 149 32.63 -4.71 -1.16
C ALA D 149 32.13 -3.60 -2.07
N ARG D 150 31.07 -3.85 -2.84
CA ARG D 150 30.53 -2.82 -3.71
C ARG D 150 30.27 -1.50 -2.95
N LYS D 151 29.68 -1.57 -1.76
CA LYS D 151 29.33 -0.35 -1.01
C LYS D 151 30.55 0.37 -0.47
N ILE D 152 31.47 -0.37 0.15
CA ILE D 152 32.78 0.20 0.50
C ILE D 152 33.42 1.00 -0.67
N LYS D 153 33.45 0.38 -1.84
CA LYS D 153 34.09 1.02 -3.01
C LYS D 153 33.39 2.30 -3.46
N GLU D 154 32.07 2.38 -3.29
CA GLU D 154 31.36 3.61 -3.60
C GLU D 154 31.74 4.74 -2.66
N ILE D 155 31.91 4.41 -1.38
CA ILE D 155 31.94 5.42 -0.32
C ILE D 155 33.36 5.74 0.12
N ILE D 156 34.26 4.79 -0.07
CA ILE D 156 35.58 4.95 0.49
C ILE D 156 36.66 5.02 -0.57
N GLU D 157 37.29 6.18 -0.62
CA GLU D 157 38.37 6.46 -1.56
C GLU D 157 39.68 5.98 -0.94
N ASP D 158 40.30 4.97 -1.56
CA ASP D 158 41.54 4.38 -1.02
C ASP D 158 41.32 3.60 0.30
N PRO D 159 40.66 2.43 0.22
CA PRO D 159 40.27 1.67 1.42
C PRO D 159 41.36 0.74 1.89
N PHE D 160 41.59 0.74 3.20
CA PHE D 160 42.33 -0.34 3.85
C PHE D 160 41.36 -1.12 4.75
N ILE D 161 41.39 -2.45 4.66
CA ILE D 161 40.40 -3.23 5.34
C ILE D 161 41.00 -3.93 6.55
N LEU D 162 40.55 -3.52 7.73
CA LEU D 162 41.09 -3.98 9.01
C LEU D 162 40.12 -4.87 9.80
N ALA D 163 40.60 -6.04 10.18
CA ALA D 163 39.80 -6.98 10.96
C ALA D 163 40.22 -6.92 12.40
N PRO D 164 39.27 -6.72 13.33
CA PRO D 164 39.52 -6.51 14.76
C PRO D 164 40.20 -7.66 15.48
N ASP D 165 40.08 -8.88 14.97
CA ASP D 165 40.76 -10.04 15.55
C ASP D 165 40.96 -11.12 14.49
N ARG D 166 41.61 -12.23 14.85
CA ARG D 166 41.86 -13.25 13.84
C ARG D 166 40.53 -13.87 13.38
N GLY D 167 39.54 -13.79 14.24
CA GLY D 167 38.21 -14.24 13.90
C GLY D 167 37.70 -13.58 12.63
N ALA D 168 37.86 -12.25 12.55
CA ALA D 168 37.36 -11.46 11.44
C ALA D 168 38.26 -11.43 10.20
N LEU D 169 39.38 -12.14 10.24
CA LEU D 169 40.33 -12.11 9.14
C LEU D 169 39.75 -12.64 7.83
N ASP D 170 39.26 -13.88 7.85
CA ASP D 170 38.72 -14.50 6.65
C ASP D 170 37.75 -13.58 5.91
N ARG D 171 36.86 -12.98 6.68
CA ARG D 171 35.85 -12.10 6.16
C ARG D 171 36.50 -10.85 5.56
N ALA D 172 37.50 -10.31 6.25
CA ALA D 172 38.17 -9.10 5.80
C ALA D 172 38.97 -9.36 4.51
N ARG D 173 39.63 -10.51 4.45
CA ARG D 173 40.36 -10.89 3.28
C ARG D 173 39.45 -11.07 2.08
N LYS D 174 38.37 -11.84 2.25
CA LYS D 174 37.43 -12.07 1.14
C LYS D 174 36.76 -10.79 0.62
N ILE D 175 36.61 -9.80 1.49
CA ILE D 175 36.03 -8.54 1.10
C ILE D 175 37.10 -7.69 0.43
N ALA D 176 38.28 -7.64 1.03
CA ALA D 176 39.36 -6.84 0.48
C ALA D 176 39.87 -7.36 -0.86
N GLU D 177 39.94 -8.67 -1.01
CA GLU D 177 40.44 -9.22 -2.26
C GLU D 177 39.54 -8.92 -3.45
N GLU D 178 38.23 -8.93 -3.24
CA GLU D 178 37.31 -8.62 -4.32
C GLU D 178 37.39 -7.15 -4.78
N ILE D 179 37.95 -6.31 -3.91
CA ILE D 179 37.99 -4.90 -4.18
C ILE D 179 39.48 -4.48 -4.37
N ASN D 180 40.33 -5.50 -4.36
CA ASN D 180 41.79 -5.37 -4.50
C ASN D 180 42.45 -4.38 -3.55
N ALA D 181 41.87 -4.28 -2.36
CA ALA D 181 42.38 -3.42 -1.30
C ALA D 181 43.34 -4.20 -0.38
N PRO D 182 44.20 -3.46 0.32
CA PRO D 182 45.10 -4.08 1.29
C PRO D 182 44.34 -4.40 2.54
N TYR D 183 44.73 -5.46 3.23
CA TYR D 183 44.01 -5.87 4.44
C TYR D 183 44.95 -6.38 5.50
N SER D 184 44.56 -6.21 6.74
CA SER D 184 45.30 -6.79 7.85
C SER D 184 44.41 -7.03 9.07
N TYR D 185 44.99 -7.64 10.09
CA TYR D 185 44.22 -7.89 11.30
C TYR D 185 45.02 -7.52 12.54
N ILE D 186 44.30 -7.15 13.59
CA ILE D 186 44.89 -6.85 14.88
C ILE D 186 45.16 -8.12 15.67
N GLU D 187 46.34 -8.18 16.29
CA GLU D 187 46.83 -9.41 16.89
C GLU D 187 46.83 -9.34 18.40
N LYS D 188 45.78 -9.86 19.01
CA LYS D 188 45.73 -9.96 20.47
C LYS D 188 46.70 -11.03 20.97
N GLU D 189 47.36 -10.73 22.09
CA GLU D 189 48.25 -11.66 22.79
C GLU D 189 48.94 -10.93 23.93
N ARG D 190 49.69 -9.88 23.58
CA ARG D 190 50.32 -9.00 24.56
C ARG D 190 50.28 -7.56 24.07
N ASN D 204 50.28 -4.12 4.66
CA ASN D 204 50.01 -4.34 6.08
C ASN D 204 50.64 -3.28 6.99
N ILE D 205 49.93 -2.90 8.05
CA ILE D 205 50.35 -1.86 9.01
C ILE D 205 50.70 -0.52 8.33
N ASN D 206 50.98 -0.58 7.03
CA ASN D 206 51.10 0.62 6.21
C ASN D 206 49.70 1.16 5.91
N LEU D 207 48.85 1.16 6.93
CA LEU D 207 47.53 1.78 6.83
C LEU D 207 47.72 3.27 7.08
N LYS D 208 48.95 3.64 7.41
CA LYS D 208 49.40 5.01 7.41
C LYS D 208 48.74 5.82 6.28
N GLY D 209 47.97 6.83 6.63
CA GLY D 209 47.37 7.73 5.66
C GLY D 209 46.16 7.21 4.89
N LYS D 210 45.76 5.98 5.16
CA LYS D 210 44.68 5.35 4.40
C LYS D 210 43.33 5.46 5.09
N ASP D 211 42.26 5.36 4.31
CA ASP D 211 40.90 5.35 4.83
C ASP D 211 40.53 3.95 5.27
N VAL D 212 40.69 3.66 6.56
CA VAL D 212 40.46 2.32 7.11
C VAL D 212 38.98 1.97 7.27
N VAL D 213 38.68 0.71 7.01
CA VAL D 213 37.34 0.17 7.23
C VAL D 213 37.44 -1.05 8.12
N ILE D 214 36.89 -0.96 9.34
CA ILE D 214 36.91 -2.08 10.28
C ILE D 214 35.66 -2.93 10.16
N ILE D 215 35.85 -4.20 9.80
CA ILE D 215 34.75 -5.11 9.50
C ILE D 215 34.63 -6.26 10.50
N ASP D 216 33.44 -6.43 11.07
CA ASP D 216 33.14 -7.58 11.93
C ASP D 216 31.78 -8.16 11.54
N ASP D 217 31.46 -9.34 12.08
CA ASP D 217 30.17 -9.95 11.82
C ASP D 217 29.09 -9.21 12.61
N ILE D 218 29.37 -8.96 13.90
CA ILE D 218 28.40 -8.31 14.76
C ILE D 218 28.98 -7.11 15.49
N ILE D 219 28.16 -6.07 15.66
CA ILE D 219 28.54 -4.95 16.52
C ILE D 219 27.45 -4.70 17.59
N SER D 220 27.78 -4.99 18.85
CA SER D 220 26.81 -4.87 19.94
C SER D 220 27.07 -3.65 20.79
N THR D 221 27.98 -3.79 21.74
CA THR D 221 28.40 -2.66 22.56
C THR D 221 29.30 -1.72 21.73
N GLY D 222 30.11 -2.31 20.85
CA GLY D 222 31.05 -1.55 20.03
C GLY D 222 32.43 -1.54 20.66
N GLY D 223 32.63 -2.41 21.64
CA GLY D 223 33.87 -2.51 22.35
C GLY D 223 35.08 -2.86 21.51
N THR D 224 34.95 -3.92 20.69
CA THR D 224 36.07 -4.38 19.89
C THR D 224 36.40 -3.36 18.83
N ILE D 225 35.37 -2.76 18.26
CA ILE D 225 35.51 -1.74 17.22
C ILE D 225 36.19 -0.47 17.74
N VAL D 226 35.93 -0.12 19.00
CA VAL D 226 36.55 1.05 19.62
C VAL D 226 38.03 0.86 19.90
N GLN D 227 38.41 -0.28 20.45
CA GLN D 227 39.84 -0.58 20.63
C GLN D 227 40.58 -0.62 19.30
N ALA D 228 39.89 -1.07 18.26
CA ALA D 228 40.48 -1.17 16.95
C ALA D 228 40.60 0.21 16.29
N THR D 229 39.67 1.10 16.60
CA THR D 229 39.73 2.45 16.07
C THR D 229 40.92 3.24 16.62
N ARG D 230 41.36 2.92 17.83
CA ARG D 230 42.59 3.50 18.40
C ARG D 230 43.80 3.14 17.57
N LEU D 231 44.15 1.86 17.54
CA LEU D 231 45.33 1.43 16.79
C LEU D 231 45.37 2.12 15.44
N ALA D 232 44.19 2.24 14.82
CA ALA D 232 44.11 2.77 13.46
C ALA D 232 44.59 4.21 13.40
N TYR D 233 44.05 5.04 14.29
CA TYR D 233 44.44 6.43 14.34
C TYR D 233 45.87 6.61 14.83
N SER D 234 46.29 5.74 15.75
CA SER D 234 47.67 5.73 16.21
C SER D 234 48.59 5.02 15.22
N LEU D 235 48.16 4.91 13.97
CA LEU D 235 48.98 4.30 12.93
C LEU D 235 48.83 5.11 11.65
N GLY D 236 48.17 6.26 11.80
CA GLY D 236 48.10 7.22 10.72
C GLY D 236 46.83 7.17 9.89
N ALA D 237 45.84 6.44 10.37
CA ALA D 237 44.58 6.36 9.65
C ALA D 237 44.05 7.76 9.35
N LYS D 238 43.73 8.00 8.08
CA LYS D 238 43.17 9.27 7.64
C LYS D 238 41.74 9.35 8.14
N SER D 239 41.06 8.22 8.12
CA SER D 239 39.71 8.10 8.66
C SER D 239 39.42 6.65 8.98
N VAL D 240 38.45 6.43 9.86
CA VAL D 240 38.00 5.09 10.21
C VAL D 240 36.50 4.97 9.96
N THR D 241 36.13 3.91 9.25
CA THR D 241 34.74 3.54 9.04
C THR D 241 34.52 2.17 9.63
N ALA D 242 33.33 1.92 10.17
CA ALA D 242 33.05 0.60 10.73
C ALA D 242 31.92 -0.04 9.96
N ALA D 243 32.02 -1.34 9.77
CA ALA D 243 31.03 -2.10 9.00
C ALA D 243 30.83 -3.47 9.59
N ALA D 244 29.57 -3.87 9.70
CA ALA D 244 29.23 -5.22 10.15
C ALA D 244 27.95 -5.69 9.46
N ILE D 245 27.78 -6.99 9.36
CA ILE D 245 26.55 -7.53 8.81
C ILE D 245 25.38 -7.24 9.75
N HIS D 246 25.56 -7.59 11.04
CA HIS D 246 24.52 -7.41 12.06
C HIS D 246 24.82 -6.24 13.01
N LEU D 247 24.12 -5.13 12.82
CA LEU D 247 24.32 -3.97 13.67
C LEU D 247 23.34 -3.93 14.84
N LEU D 248 23.64 -4.68 15.91
CA LEU D 248 22.81 -4.70 17.12
C LEU D 248 23.26 -3.62 18.09
N LEU D 249 23.12 -2.35 17.71
CA LEU D 249 23.74 -1.30 18.51
C LEU D 249 23.07 -1.13 19.86
N VAL D 250 23.84 -1.38 20.90
CA VAL D 250 23.32 -1.51 22.25
C VAL D 250 23.68 -0.35 23.15
N GLY D 251 22.67 0.43 23.51
CA GLY D 251 22.83 1.51 24.47
C GLY D 251 23.73 2.64 23.99
N GLY D 252 24.94 2.68 24.54
CA GLY D 252 25.92 3.67 24.12
C GLY D 252 26.30 3.52 22.65
N ALA D 253 26.81 2.34 22.32
CA ALA D 253 27.27 1.97 20.98
C ALA D 253 27.43 3.10 19.95
N LYS D 254 26.32 3.59 19.40
CA LYS D 254 26.39 4.58 18.34
C LYS D 254 27.17 5.83 18.75
N GLU D 255 26.95 6.31 19.97
CA GLU D 255 27.67 7.47 20.47
C GLU D 255 29.09 7.11 20.89
N ARG D 256 29.25 5.98 21.57
CA ARG D 256 30.57 5.53 22.02
C ARG D 256 31.54 5.47 20.84
N LEU D 257 30.99 5.27 19.64
CA LEU D 257 31.80 5.18 18.43
C LEU D 257 32.11 6.55 17.80
N ARG D 258 31.10 7.39 17.64
CA ARG D 258 31.31 8.74 17.18
C ARG D 258 32.41 9.44 18.00
N GLU D 259 32.41 9.18 19.31
CA GLU D 259 33.35 9.82 20.22
C GLU D 259 34.80 9.44 19.92
N VAL D 260 35.02 8.18 19.52
CA VAL D 260 36.35 7.72 19.16
C VAL D 260 36.66 8.03 17.68
N GLY D 261 35.72 8.69 17.01
CA GLY D 261 35.97 9.20 15.68
C GLY D 261 35.60 8.29 14.52
N VAL D 262 34.69 7.35 14.75
CA VAL D 262 34.17 6.57 13.64
C VAL D 262 33.14 7.39 12.88
N LYS D 263 33.51 7.82 11.69
CA LYS D 263 32.68 8.73 10.92
C LYS D 263 31.40 8.06 10.41
N THR D 264 31.58 6.95 9.70
CA THR D 264 30.50 6.28 9.00
C THR D 264 30.24 4.88 9.56
N LEU D 265 28.97 4.48 9.58
CA LEU D 265 28.57 3.12 9.99
C LEU D 265 27.88 2.39 8.86
N ILE D 266 28.38 1.20 8.55
CA ILE D 266 27.76 0.37 7.52
C ILE D 266 27.22 -0.92 8.10
N GLY D 267 25.94 -1.16 7.83
CA GLY D 267 25.29 -2.37 8.28
C GLY D 267 24.33 -2.90 7.24
N THR D 268 23.54 -3.89 7.62
CA THR D 268 22.59 -4.49 6.69
C THR D 268 21.27 -4.67 7.38
N ASN D 269 20.28 -5.08 6.59
CA ASN D 269 18.92 -5.24 7.07
C ASN D 269 18.60 -6.65 7.55
N THR D 270 19.59 -7.34 8.12
CA THR D 270 19.29 -8.52 8.91
C THR D 270 18.69 -8.03 10.24
N ILE D 271 18.96 -6.77 10.55
CA ILE D 271 18.52 -6.11 11.78
C ILE D 271 17.69 -4.87 11.44
N ASN D 272 16.93 -4.37 12.41
CA ASN D 272 16.21 -3.11 12.25
C ASN D 272 17.03 -1.93 12.77
N VAL D 273 17.10 -0.81 12.03
CA VAL D 273 17.93 0.34 12.45
C VAL D 273 17.36 1.80 12.37
N ASN D 274 18.25 2.76 12.10
CA ASN D 274 17.94 4.19 12.01
C ASN D 274 18.58 4.82 10.76
N ASP D 275 18.56 6.14 10.63
CA ASP D 275 19.29 6.75 9.50
C ASP D 275 19.88 8.17 9.66
N LYS D 276 20.46 8.48 10.83
CA LYS D 276 21.43 9.57 10.94
C LYS D 276 22.77 8.87 10.76
N ASP D 277 23.14 8.67 9.50
CA ASP D 277 23.75 7.43 9.04
C ASP D 277 22.44 6.68 8.80
N ILE D 278 22.32 5.40 9.13
CA ILE D 278 23.41 4.46 9.11
C ILE D 278 23.25 3.91 7.71
N ILE D 279 24.36 3.64 7.04
CA ILE D 279 24.30 3.11 5.69
C ILE D 279 23.82 1.67 5.75
N THR D 280 22.62 1.43 5.22
CA THR D 280 21.99 0.12 5.34
C THR D 280 21.93 -0.62 4.01
N ILE D 281 22.66 -1.72 3.93
CA ILE D 281 22.62 -2.55 2.74
C ILE D 281 21.48 -3.54 2.85
N ASP D 282 20.65 -3.60 1.82
CA ASP D 282 19.61 -4.61 1.73
C ASP D 282 20.19 -5.89 1.12
N VAL D 283 20.35 -6.91 1.97
CA VAL D 283 21.06 -8.12 1.58
C VAL D 283 20.16 -9.17 0.92
N SER D 284 18.95 -8.77 0.54
CA SER D 284 18.03 -9.70 -0.11
C SER D 284 18.67 -10.28 -1.37
N GLN D 285 19.35 -9.42 -2.13
CA GLN D 285 20.03 -9.88 -3.34
C GLN D 285 21.01 -11.04 -3.08
N SER D 286 21.78 -10.94 -1.99
CA SER D 286 22.70 -11.99 -1.60
C SER D 286 21.98 -13.25 -1.13
N ILE D 287 20.86 -13.06 -0.44
CA ILE D 287 20.07 -14.21 0.02
C ILE D 287 19.47 -14.97 -1.17
N ALA D 288 18.99 -14.21 -2.16
CA ALA D 288 18.38 -14.79 -3.37
C ALA D 288 19.31 -15.79 -4.04
N LEU D 289 20.57 -15.39 -4.20
CA LEU D 289 21.54 -16.24 -4.87
C LEU D 289 21.65 -17.57 -4.19
N SER D 290 21.53 -17.54 -2.87
CA SER D 290 21.88 -18.70 -2.05
C SER D 290 20.72 -19.67 -1.91
N LEU D 291 19.58 -19.30 -2.48
CA LEU D 291 18.39 -20.13 -2.43
C LEU D 291 18.44 -21.33 -3.37
N MET E 1 -12.55 -20.27 -57.68
CA MET E 1 -12.09 -19.18 -56.82
C MET E 1 -13.09 -18.04 -56.68
N ILE E 2 -13.29 -17.58 -55.45
CA ILE E 2 -14.07 -16.37 -55.23
C ILE E 2 -13.47 -15.50 -54.15
N ILE E 3 -13.79 -14.21 -54.18
CA ILE E 3 -13.31 -13.25 -53.21
C ILE E 3 -14.45 -12.90 -52.28
N ILE E 4 -14.22 -13.05 -50.98
CA ILE E 4 -15.21 -12.62 -50.00
C ILE E 4 -14.71 -11.38 -49.34
N GLY E 5 -15.48 -10.31 -49.43
CA GLY E 5 -15.18 -9.08 -48.74
C GLY E 5 -15.69 -9.03 -47.30
N GLY E 6 -14.77 -8.91 -46.35
CA GLY E 6 -15.14 -8.80 -44.96
C GLY E 6 -15.83 -7.49 -44.62
N SER E 7 -15.89 -7.20 -43.32
CA SER E 7 -16.51 -5.97 -42.83
C SER E 7 -15.58 -4.77 -42.98
N ALA E 8 -14.31 -5.04 -43.30
CA ALA E 8 -13.30 -3.99 -43.41
C ALA E 8 -12.34 -4.27 -44.57
N THR E 9 -12.79 -3.90 -45.75
CA THR E 9 -11.97 -3.91 -46.95
C THR E 9 -11.93 -2.44 -47.25
N ASN E 10 -10.89 -1.95 -47.89
CA ASN E 10 -10.91 -0.52 -48.19
C ASN E 10 -11.03 -0.32 -49.70
N GLY E 11 -11.95 -1.05 -50.28
CA GLY E 11 -12.09 -1.09 -51.72
C GLY E 11 -11.23 -2.19 -52.27
N ILE E 12 -10.37 -2.77 -51.44
CA ILE E 12 -9.43 -3.79 -51.92
C ILE E 12 -10.09 -5.05 -52.47
N ASP E 13 -11.20 -5.47 -51.86
CA ASP E 13 -11.95 -6.61 -52.36
C ASP E 13 -12.54 -6.36 -53.75
N GLU E 14 -13.04 -5.15 -53.98
CA GLU E 14 -13.65 -4.81 -55.25
C GLU E 14 -12.61 -4.67 -56.34
N SER E 15 -11.52 -3.98 -56.04
CA SER E 15 -10.52 -3.80 -57.08
C SER E 15 -9.71 -5.08 -57.35
N LEU E 16 -9.61 -5.97 -56.36
CA LEU E 16 -9.05 -7.29 -56.58
C LEU E 16 -9.96 -8.15 -57.45
N SER E 17 -11.26 -7.90 -57.38
CA SER E 17 -12.22 -8.60 -58.22
C SER E 17 -12.03 -8.26 -59.71
N LYS E 18 -11.91 -6.97 -60.01
CA LYS E 18 -11.65 -6.52 -61.37
C LYS E 18 -10.32 -7.08 -61.87
N ILE E 19 -9.24 -6.77 -61.14
CA ILE E 19 -7.89 -7.20 -61.51
C ILE E 19 -7.73 -8.71 -61.78
N LEU E 20 -8.36 -9.54 -60.97
CA LEU E 20 -8.19 -10.97 -61.11
C LEU E 20 -9.33 -11.60 -61.90
N SER E 21 -10.37 -10.82 -62.18
CA SER E 21 -11.60 -11.33 -62.77
C SER E 21 -12.08 -12.57 -62.06
N ILE E 22 -12.42 -12.36 -60.80
CA ILE E 22 -12.97 -13.36 -59.92
C ILE E 22 -14.25 -12.75 -59.34
N PRO E 23 -15.28 -13.58 -59.14
CA PRO E 23 -16.55 -13.07 -58.60
C PRO E 23 -16.43 -12.58 -57.18
N LEU E 24 -17.06 -11.47 -56.84
CA LEU E 24 -16.99 -10.90 -55.51
C LEU E 24 -18.27 -11.10 -54.72
N VAL E 25 -18.12 -11.71 -53.55
CA VAL E 25 -19.20 -11.93 -52.62
C VAL E 25 -18.96 -11.11 -51.35
N LYS E 26 -19.87 -10.20 -51.03
CA LYS E 26 -19.75 -9.38 -49.83
C LYS E 26 -20.41 -10.00 -48.58
N VAL E 27 -19.67 -10.00 -47.47
CA VAL E 27 -20.19 -10.44 -46.17
C VAL E 27 -21.23 -9.46 -45.60
N GLU E 28 -22.38 -9.98 -45.19
CA GLU E 28 -23.38 -9.15 -44.52
C GLU E 28 -22.89 -8.92 -43.10
N ASN E 29 -22.89 -7.69 -42.64
CA ASN E 29 -22.39 -7.43 -41.30
C ASN E 29 -23.03 -6.21 -40.66
N LYS E 30 -23.52 -6.35 -39.43
CA LYS E 30 -24.09 -5.21 -38.72
C LYS E 30 -23.65 -5.25 -37.28
N ILE E 31 -23.95 -4.19 -36.54
CA ILE E 31 -23.71 -4.11 -35.09
C ILE E 31 -25.00 -4.21 -34.30
N PHE E 32 -25.13 -5.24 -33.48
CA PHE E 32 -26.26 -5.33 -32.54
C PHE E 32 -26.22 -4.15 -31.57
N PRO E 33 -27.38 -3.82 -30.99
CA PRO E 33 -27.42 -2.77 -29.95
C PRO E 33 -26.44 -3.05 -28.80
N ASP E 34 -26.33 -4.34 -28.40
CA ASP E 34 -25.27 -4.85 -27.52
C ASP E 34 -23.93 -4.13 -27.68
N GLY E 35 -23.50 -4.02 -28.93
CA GLY E 35 -22.13 -3.69 -29.30
C GLY E 35 -21.54 -4.84 -30.12
N GLU E 36 -22.16 -6.00 -30.05
CA GLU E 36 -21.65 -7.21 -30.67
C GLU E 36 -21.78 -7.20 -32.19
N SER E 37 -20.98 -8.05 -32.84
CA SER E 37 -20.99 -8.11 -34.28
C SER E 37 -21.90 -9.23 -34.79
N TYR E 38 -22.63 -8.91 -35.88
CA TYR E 38 -23.39 -9.88 -36.65
C TYR E 38 -22.67 -10.15 -37.97
N ILE E 39 -22.57 -11.42 -38.33
CA ILE E 39 -21.78 -11.87 -39.47
C ILE E 39 -22.51 -12.95 -40.24
N ARG E 40 -22.74 -12.72 -41.53
CA ARG E 40 -23.38 -13.71 -42.40
C ARG E 40 -22.70 -13.78 -43.77
N VAL E 41 -22.37 -15.00 -44.20
CA VAL E 41 -21.71 -15.24 -45.49
C VAL E 41 -22.72 -15.68 -46.58
N PRO E 42 -23.17 -14.74 -47.41
CA PRO E 42 -24.46 -14.77 -48.09
C PRO E 42 -24.59 -15.70 -49.30
N SER E 43 -23.54 -16.45 -49.62
CA SER E 43 -23.61 -17.30 -50.81
C SER E 43 -23.40 -18.77 -50.49
N SER E 44 -23.41 -19.57 -51.56
CA SER E 44 -22.90 -20.93 -51.50
C SER E 44 -21.41 -20.85 -51.79
N ILE E 45 -20.67 -21.82 -51.27
CA ILE E 45 -19.23 -21.80 -51.34
C ILE E 45 -18.80 -23.25 -51.39
N ARG E 46 -19.75 -24.13 -51.15
CA ARG E 46 -19.49 -25.55 -50.95
C ARG E 46 -18.04 -26.02 -51.22
N ASP E 47 -17.53 -25.88 -52.44
CA ASP E 47 -16.18 -26.37 -52.69
C ASP E 47 -15.25 -25.34 -53.30
N GLU E 48 -15.61 -24.07 -53.17
CA GLU E 48 -14.83 -22.97 -53.72
C GLU E 48 -13.50 -22.75 -52.98
N GLU E 49 -12.54 -22.16 -53.67
CA GLU E 49 -11.35 -21.63 -53.02
C GLU E 49 -11.63 -20.17 -52.69
N VAL E 50 -11.38 -19.76 -51.45
CA VAL E 50 -11.78 -18.42 -51.05
C VAL E 50 -10.61 -17.46 -50.84
N LEU E 51 -10.83 -16.20 -51.22
CA LEU E 51 -9.90 -15.13 -50.93
C LEU E 51 -10.63 -14.14 -50.05
N LEU E 52 -10.33 -14.18 -48.76
CA LEU E 52 -11.00 -13.33 -47.78
C LEU E 52 -10.22 -12.05 -47.67
N VAL E 53 -10.90 -10.91 -47.83
CA VAL E 53 -10.27 -9.63 -47.59
C VAL E 53 -10.84 -9.00 -46.33
N GLN E 54 -10.00 -8.96 -45.29
CA GLN E 54 -10.32 -8.35 -44.01
C GLN E 54 -9.08 -7.64 -43.51
N THR E 55 -9.11 -6.32 -43.48
CA THR E 55 -8.00 -5.60 -42.85
C THR E 55 -8.36 -5.43 -41.38
N THR E 56 -7.37 -5.19 -40.54
CA THR E 56 -7.65 -5.07 -39.12
C THR E 56 -7.20 -3.74 -38.52
N ASP E 57 -7.40 -2.66 -39.27
CA ASP E 57 -7.20 -1.31 -38.74
C ASP E 57 -8.28 -0.95 -37.69
N TYR E 58 -8.22 0.26 -37.16
CA TYR E 58 -9.15 0.65 -36.10
C TYR E 58 -10.62 0.52 -36.52
N PRO E 59 -11.45 -0.16 -35.69
CA PRO E 59 -11.12 -0.78 -34.40
C PRO E 59 -10.49 -2.18 -34.55
N GLN E 60 -9.26 -2.35 -34.05
CA GLN E 60 -8.50 -3.58 -34.26
C GLN E 60 -9.16 -4.80 -33.62
N ASP E 61 -9.71 -4.62 -32.43
CA ASP E 61 -10.24 -5.77 -31.71
C ASP E 61 -11.50 -6.32 -32.36
N LYS E 62 -12.46 -5.45 -32.65
CA LYS E 62 -13.65 -5.86 -33.36
C LYS E 62 -13.31 -6.43 -34.74
N HIS E 63 -12.38 -5.79 -35.46
CA HIS E 63 -12.06 -6.30 -36.79
C HIS E 63 -11.44 -7.69 -36.71
N LEU E 64 -10.66 -7.94 -35.66
CA LEU E 64 -10.02 -9.23 -35.50
C LEU E 64 -11.05 -10.29 -35.13
N ILE E 65 -11.97 -9.95 -34.24
CA ILE E 65 -12.98 -10.91 -33.85
C ILE E 65 -13.88 -11.21 -35.05
N GLU E 66 -14.23 -10.17 -35.80
CA GLU E 66 -14.97 -10.34 -37.05
C GLU E 66 -14.21 -11.24 -38.02
N LEU E 67 -12.90 -11.05 -38.10
CA LEU E 67 -12.09 -11.91 -38.95
C LEU E 67 -12.20 -13.35 -38.49
N PHE E 68 -12.06 -13.59 -37.18
CA PHE E 68 -12.15 -14.95 -36.64
C PHE E 68 -13.50 -15.57 -36.95
N LEU E 69 -14.58 -14.80 -36.76
CA LEU E 69 -15.93 -15.29 -37.01
C LEU E 69 -16.17 -15.63 -38.47
N ILE E 70 -15.82 -14.71 -39.35
CA ILE E 70 -15.98 -14.91 -40.78
C ILE E 70 -15.18 -16.12 -41.24
N ALA E 71 -13.97 -16.26 -40.72
CA ALA E 71 -13.09 -17.36 -41.08
C ALA E 71 -13.73 -18.71 -40.80
N GLU E 72 -14.09 -18.94 -39.54
CA GLU E 72 -14.72 -20.21 -39.19
C GLU E 72 -16.00 -20.47 -39.99
N THR E 73 -16.83 -19.45 -40.15
CA THR E 73 -18.04 -19.58 -40.97
C THR E 73 -17.70 -20.09 -42.38
N ILE E 74 -16.68 -19.52 -42.99
CA ILE E 74 -16.27 -19.92 -44.34
C ILE E 74 -15.82 -21.38 -44.37
N ARG E 75 -15.04 -21.79 -43.37
CA ARG E 75 -14.56 -23.18 -43.34
C ARG E 75 -15.73 -24.10 -43.06
N ASP E 76 -16.67 -23.64 -42.25
CA ASP E 76 -17.86 -24.40 -41.90
C ASP E 76 -18.78 -24.59 -43.10
N LEU E 77 -18.76 -23.63 -44.01
CA LEU E 77 -19.64 -23.63 -45.18
C LEU E 77 -19.11 -24.48 -46.32
N GLY E 78 -18.02 -25.19 -46.09
CA GLY E 78 -17.50 -26.12 -47.08
C GLY E 78 -16.25 -25.72 -47.85
N ALA E 79 -15.95 -24.42 -47.94
CA ALA E 79 -14.80 -23.91 -48.70
C ALA E 79 -13.63 -24.88 -48.79
N LYS E 80 -12.94 -24.89 -49.94
CA LYS E 80 -11.86 -25.85 -50.17
C LYS E 80 -10.55 -25.32 -49.60
N LYS E 81 -10.41 -24.01 -49.60
CA LYS E 81 -9.20 -23.36 -49.15
C LYS E 81 -9.53 -21.95 -48.73
N LEU E 82 -8.96 -21.52 -47.62
CA LEU E 82 -9.16 -20.15 -47.15
C LEU E 82 -7.85 -19.39 -47.26
N THR E 83 -7.85 -18.32 -48.04
CA THR E 83 -6.73 -17.42 -48.07
C THR E 83 -7.18 -16.10 -47.46
N ALA E 84 -6.56 -15.74 -46.33
CA ALA E 84 -6.94 -14.51 -45.66
C ALA E 84 -6.00 -13.38 -46.07
N ILE E 85 -6.54 -12.39 -46.79
CA ILE E 85 -5.79 -11.20 -47.16
C ILE E 85 -6.08 -10.11 -46.13
N VAL E 86 -5.14 -9.92 -45.21
CA VAL E 86 -5.31 -8.91 -44.19
C VAL E 86 -4.23 -7.87 -44.42
N PRO E 87 -4.61 -6.78 -45.13
CA PRO E 87 -3.70 -5.71 -45.54
C PRO E 87 -2.90 -5.13 -44.37
N TYR E 88 -3.59 -4.63 -43.34
CA TYR E 88 -2.91 -4.29 -42.11
C TYR E 88 -3.25 -5.28 -40.99
N LEU E 89 -2.23 -5.99 -40.52
CA LEU E 89 -2.37 -6.96 -39.42
C LEU E 89 -2.10 -6.27 -38.09
N ALA E 90 -3.10 -6.24 -37.22
CA ALA E 90 -2.98 -5.56 -35.93
C ALA E 90 -2.11 -6.36 -34.95
N TYR E 91 -1.63 -5.70 -33.90
CA TYR E 91 -0.75 -6.33 -32.92
C TYR E 91 0.59 -6.80 -33.55
N SER E 92 1.03 -6.07 -34.58
CA SER E 92 2.29 -6.40 -35.24
C SER E 92 3.45 -5.75 -34.53
N ARG E 93 3.21 -4.61 -33.89
CA ARG E 93 4.27 -3.93 -33.18
C ARG E 93 4.72 -4.74 -31.97
N GLN E 94 3.87 -5.68 -31.54
CA GLN E 94 4.17 -6.55 -30.40
C GLN E 94 4.85 -7.86 -30.80
N ASP E 95 6.14 -7.73 -31.11
CA ASP E 95 6.95 -8.75 -31.74
C ASP E 95 7.44 -9.84 -30.77
N ARG E 96 7.73 -9.42 -29.54
CA ARG E 96 8.40 -10.26 -28.54
C ARG E 96 8.06 -9.79 -27.12
N ARG E 97 8.71 -10.38 -26.12
CA ARG E 97 8.55 -9.94 -24.73
C ARG E 97 9.61 -8.89 -24.37
N PHE E 98 9.24 -7.61 -24.53
CA PHE E 98 10.15 -6.50 -24.23
C PHE E 98 10.46 -6.40 -22.73
N LYS E 99 9.53 -6.88 -21.90
CA LYS E 99 9.73 -7.10 -20.48
C LYS E 99 9.20 -8.49 -20.14
N ASP E 100 9.62 -9.07 -19.02
CA ASP E 100 9.16 -10.42 -18.64
C ASP E 100 7.68 -10.47 -18.23
N GLY E 101 6.95 -11.44 -18.79
CA GLY E 101 5.52 -11.53 -18.58
C GLY E 101 4.62 -10.72 -19.53
N GLU E 102 5.21 -9.93 -20.43
CA GLU E 102 4.44 -9.24 -21.45
C GLU E 102 3.88 -10.30 -22.36
N ALA E 103 2.75 -10.02 -23.02
CA ALA E 103 2.19 -10.96 -23.99
C ALA E 103 2.80 -10.77 -25.38
N ILE E 104 3.10 -11.88 -26.03
CA ILE E 104 3.46 -11.82 -27.46
C ILE E 104 2.16 -11.86 -28.26
N SER E 105 1.46 -10.71 -28.26
CA SER E 105 0.19 -10.58 -28.94
C SER E 105 0.16 -11.18 -30.35
N ILE E 106 1.14 -10.86 -31.19
CA ILE E 106 1.11 -11.35 -32.56
C ILE E 106 1.08 -12.89 -32.61
N LYS E 107 1.66 -13.51 -31.59
CA LYS E 107 1.73 -14.97 -31.59
C LYS E 107 0.34 -15.54 -31.35
N THR E 108 -0.37 -14.94 -30.41
CA THR E 108 -1.71 -15.36 -30.11
C THR E 108 -2.67 -15.17 -31.28
N ILE E 109 -2.63 -13.98 -31.88
CA ILE E 109 -3.42 -13.69 -33.06
C ILE E 109 -3.16 -14.69 -34.17
N LEU E 110 -1.88 -14.97 -34.43
CA LEU E 110 -1.52 -15.86 -35.52
C LEU E 110 -1.99 -17.28 -35.23
N HIS E 111 -1.69 -17.77 -34.04
CA HIS E 111 -2.12 -19.09 -33.68
C HIS E 111 -3.63 -19.25 -33.83
N ILE E 112 -4.37 -18.21 -33.42
CA ILE E 112 -5.82 -18.19 -33.57
C ILE E 112 -6.27 -18.29 -35.02
N LEU E 113 -5.53 -17.68 -35.95
CA LEU E 113 -5.90 -17.75 -37.36
C LEU E 113 -5.70 -19.15 -37.97
N SER E 114 -4.76 -19.94 -37.45
CA SER E 114 -4.54 -21.28 -37.96
C SER E 114 -5.68 -22.18 -37.53
N GLU E 115 -5.91 -22.26 -36.22
CA GLU E 115 -7.18 -22.72 -35.66
C GLU E 115 -8.14 -21.72 -36.27
N VAL E 116 -9.42 -22.05 -36.46
CA VAL E 116 -10.30 -21.10 -37.16
C VAL E 116 -10.28 -21.26 -38.70
N GLY E 117 -9.23 -21.88 -39.24
CA GLY E 117 -9.26 -22.36 -40.61
C GLY E 117 -8.57 -21.60 -41.74
N VAL E 118 -7.75 -20.61 -41.41
CA VAL E 118 -7.01 -19.91 -42.45
C VAL E 118 -5.82 -20.76 -42.93
N ASN E 119 -5.79 -21.02 -44.24
CA ASN E 119 -4.75 -21.85 -44.84
C ASN E 119 -3.55 -21.00 -45.24
N THR E 120 -3.81 -19.90 -45.93
CA THR E 120 -2.77 -19.04 -46.43
C THR E 120 -3.04 -17.62 -45.94
N LEU E 121 -2.02 -17.00 -45.39
CA LEU E 121 -2.12 -15.64 -44.90
C LEU E 121 -1.33 -14.65 -45.76
N VAL E 122 -1.99 -13.60 -46.22
CA VAL E 122 -1.36 -12.55 -47.03
C VAL E 122 -1.35 -11.20 -46.33
N VAL E 123 -0.16 -10.65 -46.10
CA VAL E 123 -0.03 -9.42 -45.35
C VAL E 123 0.79 -8.40 -46.09
N VAL E 124 0.44 -7.13 -45.98
CA VAL E 124 1.22 -6.06 -46.60
C VAL E 124 2.12 -5.38 -45.56
N GLU E 125 3.40 -5.20 -45.90
CA GLU E 125 4.41 -4.67 -44.96
C GLU E 125 4.18 -5.03 -43.50
N PRO E 126 4.31 -6.32 -43.16
CA PRO E 126 4.32 -6.70 -41.74
C PRO E 126 5.43 -5.93 -41.02
N HIS E 127 5.15 -5.41 -39.83
CA HIS E 127 6.18 -4.67 -39.07
C HIS E 127 7.55 -5.37 -38.98
N LYS E 128 7.55 -6.68 -38.76
CA LYS E 128 8.79 -7.46 -38.85
C LYS E 128 8.49 -8.88 -39.31
N PRO E 129 8.92 -9.25 -40.53
CA PRO E 129 8.46 -10.48 -41.21
C PRO E 129 8.78 -11.79 -40.51
N GLU E 130 9.67 -11.77 -39.53
CA GLU E 130 9.93 -12.98 -38.75
C GLU E 130 8.71 -13.35 -37.90
N GLU E 131 8.11 -12.33 -37.27
CA GLU E 131 6.78 -12.45 -36.68
C GLU E 131 5.97 -13.59 -37.26
N LEU E 132 5.78 -13.54 -38.57
CA LEU E 132 4.78 -14.37 -39.22
C LEU E 132 5.16 -15.85 -39.24
N SER E 133 6.30 -16.19 -38.64
CA SER E 133 6.71 -17.58 -38.54
C SER E 133 5.77 -18.35 -37.62
N TYR E 134 5.15 -17.63 -36.70
CA TYR E 134 4.22 -18.24 -35.75
C TYR E 134 3.01 -18.85 -36.48
N PHE E 135 2.61 -18.25 -37.60
CA PHE E 135 1.49 -18.76 -38.38
C PHE E 135 1.92 -20.08 -39.02
N LYS E 136 1.06 -21.09 -38.89
CA LYS E 136 1.41 -22.44 -39.33
C LYS E 136 1.23 -22.71 -40.83
N GLY E 137 0.25 -22.06 -41.44
CA GLY E 137 0.02 -22.22 -42.87
C GLY E 137 1.05 -21.56 -43.79
N GLU E 138 0.62 -21.26 -45.01
CA GLU E 138 1.47 -20.63 -46.02
C GLU E 138 1.43 -19.11 -45.90
N LEU E 139 2.61 -18.49 -45.99
CA LEU E 139 2.77 -17.04 -45.92
C LEU E 139 3.01 -16.39 -47.27
N LYS E 140 2.31 -15.30 -47.54
CA LYS E 140 2.66 -14.47 -48.67
C LYS E 140 2.77 -13.01 -48.22
N ILE E 141 4.00 -12.54 -48.10
CA ILE E 141 4.28 -11.15 -47.77
C ILE E 141 4.26 -10.24 -49.01
N VAL E 142 3.67 -9.06 -48.87
CA VAL E 142 3.55 -8.14 -50.00
C VAL E 142 4.26 -6.85 -49.66
N HIS E 143 5.31 -6.55 -50.42
CA HIS E 143 6.00 -5.28 -50.27
C HIS E 143 5.63 -4.41 -51.45
N PRO E 144 4.76 -3.42 -51.24
CA PRO E 144 4.28 -2.62 -52.40
C PRO E 144 5.30 -1.55 -52.80
N TYR E 145 6.59 -1.90 -52.83
CA TYR E 145 7.65 -0.93 -53.09
C TYR E 145 7.54 -0.27 -54.47
N HIS E 146 7.23 -1.04 -55.49
CA HIS E 146 7.16 -0.45 -56.81
C HIS E 146 6.09 0.62 -56.91
N GLN E 147 4.99 0.46 -56.19
CA GLN E 147 3.89 1.42 -56.34
C GLN E 147 4.21 2.74 -55.63
N ILE E 148 4.96 2.66 -54.56
CA ILE E 148 5.43 3.81 -53.84
C ILE E 148 6.51 4.52 -54.64
N ALA E 149 7.41 3.75 -55.24
CA ALA E 149 8.41 4.33 -56.11
C ALA E 149 7.72 5.11 -57.21
N ARG E 150 6.80 4.46 -57.93
CA ARG E 150 6.10 5.12 -59.04
C ARG E 150 5.50 6.45 -58.61
N LYS E 151 4.86 6.46 -57.45
CA LYS E 151 4.17 7.67 -56.96
C LYS E 151 5.13 8.77 -56.56
N ILE E 152 6.13 8.43 -55.74
CA ILE E 152 7.21 9.39 -55.45
C ILE E 152 7.73 10.05 -56.73
N LYS E 153 8.00 9.26 -57.78
CA LYS E 153 8.59 9.80 -59.01
C LYS E 153 7.65 10.79 -59.70
N GLU E 154 6.35 10.53 -59.59
CA GLU E 154 5.37 11.45 -60.18
C GLU E 154 5.32 12.79 -59.47
N ILE E 155 5.45 12.75 -58.15
CA ILE E 155 5.14 13.89 -57.28
C ILE E 155 6.40 14.63 -56.80
N ILE E 156 7.53 13.95 -56.80
CA ILE E 156 8.75 14.55 -56.25
C ILE E 156 9.86 14.74 -57.28
N GLU E 157 10.18 16.01 -57.53
CA GLU E 157 11.24 16.38 -58.45
C GLU E 157 12.56 16.38 -57.69
N ASP E 158 13.48 15.49 -58.09
CA ASP E 158 14.77 15.35 -57.40
C ASP E 158 14.55 14.82 -55.98
N PRO E 159 14.24 13.52 -55.86
CA PRO E 159 13.98 12.90 -54.56
C PRO E 159 15.24 12.38 -53.86
N PHE E 160 15.33 12.66 -52.57
CA PHE E 160 16.27 11.94 -51.73
C PHE E 160 15.44 11.09 -50.76
N ILE E 161 15.84 9.84 -50.56
CA ILE E 161 15.02 8.94 -49.74
C ILE E 161 15.68 8.62 -48.41
N LEU E 162 15.04 9.11 -47.35
CA LEU E 162 15.59 9.06 -46.00
C LEU E 162 14.82 8.07 -45.13
N ALA E 163 15.53 7.15 -44.51
CA ALA E 163 14.96 6.18 -43.59
C ALA E 163 15.20 6.57 -42.13
N PRO E 164 14.12 6.71 -41.34
CA PRO E 164 14.19 7.27 -39.97
C PRO E 164 15.10 6.50 -39.02
N ASP E 165 15.31 5.21 -39.27
CA ASP E 165 16.22 4.40 -38.46
C ASP E 165 16.81 3.32 -39.34
N ARG E 166 17.71 2.50 -38.78
CA ARG E 166 18.26 1.37 -39.55
C ARG E 166 17.17 0.33 -39.90
N GLY E 167 16.11 0.29 -39.11
CA GLY E 167 15.00 -0.60 -39.42
C GLY E 167 14.47 -0.33 -40.82
N ALA E 168 14.31 0.94 -41.14
CA ALA E 168 13.63 1.36 -42.36
C ALA E 168 14.56 1.44 -43.56
N LEU E 169 15.82 1.06 -43.35
CA LEU E 169 16.83 1.20 -44.39
C LEU E 169 16.57 0.30 -45.62
N ASP E 170 16.40 -1.00 -45.39
CA ASP E 170 16.17 -1.95 -46.49
C ASP E 170 15.04 -1.47 -47.39
N ARG E 171 13.97 -1.00 -46.77
CA ARG E 171 12.79 -0.50 -47.49
C ARG E 171 13.14 0.75 -48.32
N ALA E 172 13.92 1.67 -47.74
CA ALA E 172 14.31 2.91 -48.43
C ALA E 172 15.23 2.58 -49.60
N ARG E 173 16.18 1.69 -49.35
CA ARG E 173 17.09 1.30 -50.39
C ARG E 173 16.29 0.67 -51.54
N LYS E 174 15.45 -0.32 -51.27
CA LYS E 174 14.77 -0.99 -52.38
C LYS E 174 13.89 -0.01 -53.15
N ILE E 175 13.36 1.00 -52.48
CA ILE E 175 12.47 1.96 -53.15
C ILE E 175 13.30 2.97 -53.96
N ALA E 176 14.35 3.49 -53.33
CA ALA E 176 15.26 4.44 -54.00
C ALA E 176 15.98 3.80 -55.19
N GLU E 177 16.48 2.58 -55.03
CA GLU E 177 17.24 1.95 -56.10
C GLU E 177 16.39 1.75 -57.35
N GLU E 178 15.08 1.58 -57.17
CA GLU E 178 14.20 1.34 -58.32
C GLU E 178 13.91 2.62 -59.09
N ILE E 179 14.20 3.73 -58.44
CA ILE E 179 13.87 5.04 -59.00
C ILE E 179 15.19 5.82 -59.23
N ASN E 180 16.29 5.11 -58.98
CA ASN E 180 17.67 5.62 -59.07
C ASN E 180 17.96 6.90 -58.30
N ALA E 181 17.33 7.02 -57.14
CA ALA E 181 17.52 8.16 -56.24
C ALA E 181 18.55 7.82 -55.17
N PRO E 182 19.11 8.86 -54.52
CA PRO E 182 20.04 8.68 -53.41
C PRO E 182 19.26 8.36 -52.16
N TYR E 183 19.87 7.64 -51.23
CA TYR E 183 19.19 7.22 -50.02
C TYR E 183 20.16 7.21 -48.85
N SER E 184 19.64 7.45 -47.65
CA SER E 184 20.41 7.30 -46.44
C SER E 184 19.51 7.08 -45.24
N TYR E 185 20.12 6.79 -44.09
CA TYR E 185 19.35 6.57 -42.88
C TYR E 185 19.93 7.36 -41.71
N ILE E 186 19.06 7.73 -40.77
CA ILE E 186 19.45 8.42 -39.56
C ILE E 186 19.98 7.40 -38.54
N GLU E 187 21.06 7.76 -37.84
CA GLU E 187 21.76 6.82 -36.98
C GLU E 187 21.60 7.16 -35.50
N LYS E 188 20.66 6.50 -34.83
CA LYS E 188 20.49 6.63 -33.38
C LYS E 188 21.65 5.98 -32.63
N GLU E 189 22.12 6.65 -31.58
CA GLU E 189 23.14 6.14 -30.66
C GLU E 189 23.51 7.23 -29.65
N ARG E 190 24.00 8.35 -30.17
CA ARG E 190 24.31 9.53 -29.36
C ARG E 190 23.95 10.80 -30.11
N ASN E 204 24.83 10.55 -49.85
CA ASN E 204 24.52 10.51 -48.42
C ASN E 204 24.78 11.85 -47.71
N ILE E 205 23.88 12.21 -46.79
CA ILE E 205 23.95 13.47 -46.03
C ILE E 205 23.99 14.72 -46.93
N ASN E 206 24.36 14.49 -48.20
CA ASN E 206 24.29 15.50 -49.23
C ASN E 206 22.85 15.60 -49.71
N LEU E 207 21.92 15.52 -48.75
CA LEU E 207 20.52 15.76 -49.03
C LEU E 207 20.32 17.27 -49.12
N LYS E 208 21.40 17.98 -48.82
CA LYS E 208 21.50 19.42 -49.03
C LYS E 208 20.77 19.82 -50.32
N GLY E 209 19.73 20.65 -50.19
CA GLY E 209 19.00 21.20 -51.32
C GLY E 209 18.03 20.28 -52.05
N LYS E 210 17.91 19.04 -51.58
CA LYS E 210 17.07 18.02 -52.24
C LYS E 210 15.70 17.90 -51.60
N ASP E 211 14.75 17.33 -52.36
CA ASP E 211 13.38 17.08 -51.87
C ASP E 211 13.30 15.75 -51.16
N VAL E 212 13.44 15.77 -49.84
CA VAL E 212 13.51 14.54 -49.08
C VAL E 212 12.14 13.86 -48.90
N VAL E 213 12.17 12.53 -48.92
CA VAL E 213 11.01 11.70 -48.63
C VAL E 213 11.41 10.73 -47.53
N ILE E 214 10.72 10.83 -46.41
CA ILE E 214 10.98 9.94 -45.29
C ILE E 214 9.96 8.81 -45.28
N ILE E 215 10.48 7.58 -45.36
CA ILE E 215 9.68 6.38 -45.56
C ILE E 215 9.81 5.40 -44.40
N ASP E 216 8.66 5.03 -43.83
CA ASP E 216 8.59 4.05 -42.74
C ASP E 216 7.41 3.12 -43.01
N ASP E 217 7.38 1.99 -42.30
CA ASP E 217 6.30 1.03 -42.48
C ASP E 217 5.02 1.57 -41.89
N ILE E 218 5.10 2.11 -40.68
CA ILE E 218 3.92 2.63 -39.99
C ILE E 218 4.13 4.06 -39.54
N ILE E 219 3.07 4.88 -39.60
CA ILE E 219 3.09 6.19 -38.94
C ILE E 219 1.88 6.34 -38.02
N SER E 220 2.13 6.34 -36.71
CA SER E 220 1.07 6.39 -35.70
C SER E 220 0.94 7.78 -35.11
N THR E 221 1.81 8.08 -34.16
CA THR E 221 1.83 9.41 -33.52
C THR E 221 2.53 10.37 -34.46
N GLY E 222 3.59 9.87 -35.09
CA GLY E 222 4.36 10.63 -36.06
C GLY E 222 5.65 11.12 -35.45
N GLY E 223 5.95 10.61 -34.26
CA GLY E 223 7.11 11.06 -33.53
C GLY E 223 8.43 10.84 -34.23
N THR E 224 8.63 9.62 -34.76
CA THR E 224 9.90 9.30 -35.41
C THR E 224 10.07 10.13 -36.68
N ILE E 225 8.96 10.37 -37.37
CA ILE E 225 8.94 11.17 -38.59
C ILE E 225 9.25 12.64 -38.30
N VAL E 226 8.82 13.11 -37.13
CA VAL E 226 9.04 14.51 -36.75
C VAL E 226 10.50 14.78 -36.41
N GLN E 227 11.09 13.93 -35.57
CA GLN E 227 12.51 14.05 -35.28
C GLN E 227 13.36 13.96 -36.56
N ALA E 228 12.91 13.15 -37.51
CA ALA E 228 13.63 12.99 -38.77
C ALA E 228 13.46 14.21 -39.69
N THR E 229 12.30 14.86 -39.61
CA THR E 229 12.08 16.07 -40.42
C THR E 229 13.00 17.22 -39.99
N ARG E 230 13.38 17.25 -38.71
CA ARG E 230 14.34 18.23 -38.19
C ARG E 230 15.68 18.08 -38.90
N LEU E 231 16.37 16.98 -38.61
CA LEU E 231 17.65 16.70 -39.26
C LEU E 231 17.64 17.08 -40.74
N ALA E 232 16.53 16.77 -41.41
CA ALA E 232 16.40 17.01 -42.84
C ALA E 232 16.54 18.50 -43.15
N TYR E 233 15.72 19.31 -42.49
CA TYR E 233 15.75 20.75 -42.71
C TYR E 233 17.06 21.37 -42.22
N SER E 234 17.59 20.82 -41.12
CA SER E 234 18.88 21.25 -40.59
C SER E 234 20.04 20.64 -41.38
N LEU E 235 19.76 20.21 -42.61
CA LEU E 235 20.78 19.68 -43.50
C LEU E 235 20.52 20.16 -44.92
N GLY E 236 19.60 21.12 -45.02
CA GLY E 236 19.40 21.82 -46.28
C GLY E 236 18.28 21.27 -47.12
N ALA E 237 17.48 20.38 -46.56
CA ALA E 237 16.33 19.85 -47.29
C ALA E 237 15.51 20.99 -47.91
N LYS E 238 15.29 20.91 -49.22
CA LYS E 238 14.43 21.89 -49.88
C LYS E 238 12.98 21.72 -49.40
N SER E 239 12.58 20.46 -49.23
CA SER E 239 11.25 20.12 -48.73
C SER E 239 11.27 18.71 -48.12
N VAL E 240 10.30 18.44 -47.25
CA VAL E 240 10.18 17.10 -46.68
C VAL E 240 8.79 16.52 -46.96
N THR E 241 8.78 15.29 -47.47
CA THR E 241 7.54 14.55 -47.63
C THR E 241 7.65 13.30 -46.76
N ALA E 242 6.50 12.84 -46.25
CA ALA E 242 6.47 11.62 -45.45
C ALA E 242 5.58 10.55 -46.09
N ALA E 243 6.07 9.32 -46.06
CA ALA E 243 5.38 8.18 -46.66
C ALA E 243 5.45 6.94 -45.77
N ALA E 244 4.33 6.26 -45.66
CA ALA E 244 4.29 4.96 -45.01
C ALA E 244 3.25 4.06 -45.67
N ILE E 245 3.44 2.75 -45.53
CA ILE E 245 2.44 1.83 -46.04
C ILE E 245 1.16 1.93 -45.21
N HIS E 246 1.33 1.89 -43.88
CA HIS E 246 0.19 1.98 -42.95
C HIS E 246 0.17 3.34 -42.24
N LEU E 247 -0.77 4.19 -42.64
CA LEU E 247 -0.92 5.49 -42.02
C LEU E 247 -2.00 5.51 -40.92
N LEU E 248 -1.65 5.06 -39.72
CA LEU E 248 -2.59 5.07 -38.59
C LEU E 248 -2.47 6.38 -37.82
N LEU E 249 -2.86 7.48 -38.44
CA LEU E 249 -2.60 8.78 -37.85
C LEU E 249 -3.41 8.97 -36.58
N VAL E 250 -2.70 9.14 -35.47
CA VAL E 250 -3.31 9.13 -34.14
C VAL E 250 -3.39 10.50 -33.46
N GLY E 251 -4.60 11.04 -33.36
CA GLY E 251 -4.84 12.27 -32.64
C GLY E 251 -4.16 13.46 -33.30
N GLY E 252 -3.05 13.91 -32.72
CA GLY E 252 -2.31 15.04 -33.25
C GLY E 252 -1.76 14.77 -34.65
N ALA E 253 -0.89 13.76 -34.73
CA ALA E 253 -0.24 13.30 -35.97
C ALA E 253 -0.30 14.23 -37.18
N LYS E 254 -1.44 14.25 -37.86
CA LYS E 254 -1.57 15.01 -39.10
C LYS E 254 -1.13 16.46 -38.92
N GLU E 255 -1.62 17.09 -37.85
CA GLU E 255 -1.27 18.47 -37.55
C GLU E 255 0.16 18.57 -37.00
N ARG E 256 0.51 17.70 -36.06
CA ARG E 256 1.86 17.69 -35.48
C ARG E 256 2.92 17.67 -36.58
N LEU E 257 2.55 17.10 -37.73
CA LEU E 257 3.47 17.01 -38.87
C LEU E 257 3.49 18.28 -39.74
N ARG E 258 2.30 18.80 -40.07
CA ARG E 258 2.20 20.04 -40.82
C ARG E 258 2.98 21.16 -40.12
N GLU E 259 2.98 21.14 -38.79
CA GLU E 259 3.67 22.14 -37.99
C GLU E 259 5.19 22.11 -38.16
N VAL E 260 5.75 20.91 -38.34
CA VAL E 260 7.19 20.78 -38.54
C VAL E 260 7.51 20.89 -40.04
N GLY E 261 6.48 21.12 -40.84
CA GLY E 261 6.67 21.44 -42.25
C GLY E 261 6.66 20.25 -43.20
N VAL E 262 5.99 19.17 -42.82
CA VAL E 262 5.81 18.08 -43.76
C VAL E 262 4.69 18.47 -44.71
N LYS E 263 5.05 18.77 -45.94
CA LYS E 263 4.09 19.26 -46.92
C LYS E 263 3.07 18.18 -47.28
N THR E 264 3.59 17.06 -47.76
CA THR E 264 2.76 16.02 -48.37
C THR E 264 2.80 14.75 -47.51
N LEU E 265 1.72 13.99 -47.56
CA LEU E 265 1.65 12.70 -46.89
C LEU E 265 1.23 11.60 -47.85
N ILE E 266 2.04 10.55 -47.90
CA ILE E 266 1.74 9.42 -48.77
C ILE E 266 1.49 8.18 -47.92
N GLY E 267 0.32 7.57 -48.16
CA GLY E 267 -0.03 6.30 -47.55
C GLY E 267 -0.76 5.41 -48.54
N THR E 268 -1.26 4.28 -48.04
CA THR E 268 -1.94 3.31 -48.86
C THR E 268 -3.26 2.90 -48.21
N ASN E 269 -4.06 2.14 -48.96
CA ASN E 269 -5.38 1.70 -48.49
C ASN E 269 -5.36 0.36 -47.73
N THR E 270 -4.28 0.09 -47.00
CA THR E 270 -4.33 -0.99 -46.03
C THR E 270 -5.11 -0.45 -44.85
N ILE E 271 -5.21 0.88 -44.77
CA ILE E 271 -5.94 1.59 -43.70
C ILE E 271 -7.04 2.46 -44.31
N ASN E 272 -7.95 2.95 -43.47
CA ASN E 272 -8.94 3.94 -43.89
C ASN E 272 -8.51 5.38 -43.56
N VAL E 273 -8.69 6.35 -44.47
CA VAL E 273 -8.16 7.72 -44.25
C VAL E 273 -9.06 8.94 -44.62
N ASN E 274 -8.42 10.01 -45.12
CA ASN E 274 -9.06 11.27 -45.53
C ASN E 274 -8.48 11.81 -46.85
N ASP E 275 -8.83 13.04 -47.25
CA ASP E 275 -8.21 13.61 -48.46
C ASP E 275 -8.00 15.14 -48.58
N LYS E 276 -7.60 15.78 -47.48
CA LYS E 276 -6.94 17.09 -47.54
C LYS E 276 -5.45 16.73 -47.51
N ASP E 277 -4.93 16.40 -48.68
CA ASP E 277 -3.99 15.30 -48.83
C ASP E 277 -5.08 14.23 -48.96
N ILE E 278 -4.93 13.06 -48.37
CA ILE E 278 -3.65 12.43 -48.19
C ILE E 278 -3.52 11.65 -49.49
N ILE E 279 -2.30 11.58 -50.02
CA ILE E 279 -2.10 10.78 -51.21
C ILE E 279 -2.26 9.29 -50.81
N THR E 280 -3.29 8.67 -51.37
CA THR E 280 -3.57 7.27 -51.04
C THR E 280 -3.33 6.33 -52.21
N ILE E 281 -2.30 5.48 -52.09
CA ILE E 281 -2.03 4.48 -53.10
C ILE E 281 -2.90 3.26 -52.86
N ASP E 282 -3.60 2.80 -53.88
CA ASP E 282 -4.36 1.55 -53.80
C ASP E 282 -3.40 0.40 -54.14
N VAL E 283 -3.08 -0.41 -53.12
CA VAL E 283 -2.07 -1.44 -53.24
C VAL E 283 -2.61 -2.78 -53.72
N SER E 284 -3.85 -2.79 -54.20
CA SER E 284 -4.45 -4.03 -54.70
C SER E 284 -3.62 -4.66 -55.80
N GLN E 285 -3.10 -3.83 -56.70
CA GLN E 285 -2.20 -4.30 -57.75
C GLN E 285 -0.99 -5.08 -57.23
N SER E 286 -0.37 -4.58 -56.16
CA SER E 286 0.76 -5.27 -55.54
C SER E 286 0.33 -6.56 -54.84
N ILE E 287 -0.86 -6.55 -54.25
CA ILE E 287 -1.37 -7.73 -53.58
C ILE E 287 -1.68 -8.79 -54.62
N ALA E 288 -2.21 -8.38 -55.77
CA ALA E 288 -2.55 -9.34 -56.84
C ALA E 288 -1.36 -10.15 -57.35
N LEU E 289 -0.22 -9.49 -57.56
CA LEU E 289 0.96 -10.21 -58.03
C LEU E 289 1.29 -11.36 -57.10
N SER E 290 1.14 -11.09 -55.80
CA SER E 290 1.71 -11.94 -54.75
C SER E 290 0.80 -13.10 -54.47
N LEU E 291 -0.31 -13.17 -55.19
CA LEU E 291 -1.29 -14.24 -54.98
C LEU E 291 -0.84 -15.56 -55.60
N MET F 1 -2.83 -22.52 -5.62
CA MET F 1 -3.87 -21.81 -6.34
C MET F 1 -3.70 -20.31 -6.21
N ILE F 2 -3.87 -19.58 -7.30
CA ILE F 2 -3.93 -18.13 -7.25
C ILE F 2 -4.95 -17.54 -8.22
N ILE F 3 -5.39 -16.33 -7.91
CA ILE F 3 -6.39 -15.64 -8.70
C ILE F 3 -5.69 -14.56 -9.49
N ILE F 4 -5.88 -14.57 -10.80
CA ILE F 4 -5.39 -13.50 -11.64
C ILE F 4 -6.56 -12.66 -12.12
N GLY F 5 -6.53 -11.38 -11.81
CA GLY F 5 -7.59 -10.48 -12.21
C GLY F 5 -7.24 -9.86 -13.53
N GLY F 6 -8.09 -10.09 -14.52
CA GLY F 6 -7.90 -9.50 -15.83
C GLY F 6 -8.16 -7.99 -15.88
N SER F 7 -8.31 -7.49 -17.09
CA SER F 7 -8.58 -6.08 -17.32
C SER F 7 -10.02 -5.69 -17.02
N ALA F 8 -10.87 -6.69 -16.85
CA ALA F 8 -12.29 -6.46 -16.61
C ALA F 8 -12.86 -7.44 -15.56
N THR F 9 -12.62 -7.11 -14.31
CA THR F 9 -13.22 -7.81 -13.19
C THR F 9 -14.07 -6.73 -12.60
N ASN F 10 -15.19 -7.07 -11.98
CA ASN F 10 -15.99 -5.98 -11.41
C ASN F 10 -15.96 -6.04 -9.89
N GLY F 11 -14.73 -6.25 -9.40
CA GLY F 11 -14.50 -6.45 -8.00
C GLY F 11 -14.53 -7.94 -7.67
N ILE F 12 -14.97 -8.72 -8.64
CA ILE F 12 -15.13 -10.16 -8.45
C ILE F 12 -13.81 -10.87 -8.11
N ASP F 13 -12.72 -10.45 -8.74
CA ASP F 13 -11.43 -11.04 -8.42
C ASP F 13 -11.06 -10.77 -6.95
N GLU F 14 -11.30 -9.56 -6.49
CA GLU F 14 -10.93 -9.17 -5.15
C GLU F 14 -11.76 -9.89 -4.10
N SER F 15 -13.08 -9.92 -4.30
CA SER F 15 -13.92 -10.55 -3.30
C SER F 15 -13.81 -12.07 -3.33
N LEU F 16 -13.57 -12.64 -4.50
CA LEU F 16 -13.24 -14.07 -4.55
C LEU F 16 -11.94 -14.38 -3.79
N SER F 17 -11.03 -13.42 -3.73
CA SER F 17 -9.77 -13.59 -3.00
C SER F 17 -10.03 -13.70 -1.49
N LYS F 18 -10.87 -12.82 -0.97
CA LYS F 18 -11.29 -12.89 0.43
C LYS F 18 -12.01 -14.20 0.70
N ILE F 19 -13.09 -14.44 -0.04
CA ILE F 19 -13.95 -15.59 0.15
C ILE F 19 -13.21 -16.93 0.16
N LEU F 20 -12.24 -17.07 -0.73
CA LEU F 20 -11.54 -18.35 -0.88
C LEU F 20 -10.22 -18.36 -0.14
N SER F 21 -9.80 -17.18 0.34
CA SER F 21 -8.47 -16.96 0.92
C SER F 21 -7.37 -17.52 0.01
N ILE F 22 -7.34 -16.96 -1.19
CA ILE F 22 -6.34 -17.27 -2.20
C ILE F 22 -5.69 -15.93 -2.53
N PRO F 23 -4.37 -15.95 -2.82
CA PRO F 23 -3.65 -14.71 -3.12
C PRO F 23 -4.10 -14.12 -4.47
N LEU F 24 -4.16 -12.80 -4.57
CA LEU F 24 -4.64 -12.14 -5.77
C LEU F 24 -3.54 -11.42 -6.53
N VAL F 25 -3.38 -11.77 -7.81
CA VAL F 25 -2.39 -11.13 -8.67
C VAL F 25 -3.10 -10.39 -9.81
N LYS F 26 -2.91 -9.08 -9.89
CA LYS F 26 -3.58 -8.28 -10.92
C LYS F 26 -2.79 -8.10 -12.22
N VAL F 27 -3.46 -8.34 -13.35
CA VAL F 27 -2.84 -8.21 -14.66
C VAL F 27 -2.60 -6.74 -14.99
N GLU F 28 -1.36 -6.42 -15.40
CA GLU F 28 -1.01 -5.07 -15.82
C GLU F 28 -1.56 -4.88 -17.22
N ASN F 29 -2.36 -3.86 -17.41
CA ASN F 29 -2.97 -3.62 -18.72
C ASN F 29 -3.19 -2.13 -19.05
N LYS F 30 -2.78 -1.75 -20.27
CA LYS F 30 -2.96 -0.38 -20.75
C LYS F 30 -3.35 -0.39 -22.21
N ILE F 31 -3.76 0.77 -22.72
CA ILE F 31 -4.08 0.94 -24.11
C ILE F 31 -3.01 1.76 -24.83
N PHE F 32 -2.34 1.16 -25.82
CA PHE F 32 -1.42 1.92 -26.67
C PHE F 32 -2.16 3.05 -27.39
N PRO F 33 -1.43 4.07 -27.83
CA PRO F 33 -2.07 5.14 -28.61
C PRO F 33 -2.76 4.59 -29.87
N ASP F 34 -2.17 3.53 -30.47
CA ASP F 34 -2.79 2.69 -31.52
C ASP F 34 -4.28 2.49 -31.32
N GLY F 35 -4.62 2.07 -30.10
CA GLY F 35 -5.93 1.53 -29.76
C GLY F 35 -5.76 0.11 -29.22
N GLU F 36 -4.62 -0.49 -29.51
CA GLU F 36 -4.31 -1.88 -29.14
C GLU F 36 -4.10 -2.05 -27.64
N SER F 37 -4.25 -3.28 -27.18
CA SER F 37 -4.14 -3.56 -25.76
C SER F 37 -2.75 -4.05 -25.38
N TYR F 38 -2.26 -3.56 -24.23
CA TYR F 38 -1.04 -4.05 -23.63
C TYR F 38 -1.40 -4.98 -22.48
N ILE F 39 -0.71 -6.10 -22.37
CA ILE F 39 -1.04 -7.12 -21.37
C ILE F 39 0.23 -7.72 -20.79
N ARG F 40 0.34 -7.66 -19.44
CA ARG F 40 1.46 -8.27 -18.69
C ARG F 40 1.03 -9.01 -17.43
N VAL F 41 1.48 -10.24 -17.27
CA VAL F 41 1.17 -11.04 -16.09
C VAL F 41 2.34 -11.02 -15.10
N PRO F 42 2.20 -10.20 -14.05
CA PRO F 42 3.30 -9.63 -13.27
C PRO F 42 3.97 -10.53 -12.23
N SER F 43 3.58 -11.80 -12.11
CA SER F 43 4.21 -12.65 -11.11
C SER F 43 4.85 -13.89 -11.71
N SER F 44 5.36 -14.74 -10.84
CA SER F 44 5.71 -16.09 -11.23
C SER F 44 4.45 -16.91 -11.01
N ILE F 45 4.37 -18.03 -11.72
CA ILE F 45 3.19 -18.85 -11.76
C ILE F 45 3.66 -20.27 -11.97
N ARG F 46 4.94 -20.40 -12.32
CA ARG F 46 5.51 -21.65 -12.80
C ARG F 46 4.59 -22.89 -12.71
N ASP F 47 4.20 -23.30 -11.51
CA ASP F 47 3.37 -24.51 -11.41
C ASP F 47 2.03 -24.32 -10.66
N GLU F 48 1.63 -23.06 -10.55
CA GLU F 48 0.38 -22.71 -9.91
C GLU F 48 -0.89 -23.14 -10.69
N GLU F 49 -1.99 -23.36 -9.96
CA GLU F 49 -3.31 -23.49 -10.56
C GLU F 49 -3.95 -22.12 -10.59
N VAL F 50 -4.40 -21.66 -11.74
CA VAL F 50 -4.83 -20.27 -11.85
C VAL F 50 -6.34 -20.13 -11.95
N LEU F 51 -6.87 -19.08 -11.32
CA LEU F 51 -8.25 -18.69 -11.50
C LEU F 51 -8.27 -17.33 -12.15
N LEU F 52 -8.52 -17.28 -13.44
CA LEU F 52 -8.52 -16.03 -14.17
C LEU F 52 -9.90 -15.43 -14.11
N VAL F 53 -10.02 -14.19 -13.65
CA VAL F 53 -11.29 -13.49 -13.76
C VAL F 53 -11.23 -12.45 -14.86
N GLN F 54 -12.03 -12.66 -15.91
CA GLN F 54 -12.19 -11.73 -17.03
C GLN F 54 -13.63 -11.73 -17.50
N THR F 55 -14.36 -10.67 -17.26
CA THR F 55 -15.70 -10.60 -17.81
C THR F 55 -15.57 -9.99 -19.19
N THR F 56 -16.56 -10.19 -20.04
CA THR F 56 -16.49 -9.69 -21.40
C THR F 56 -17.65 -8.76 -21.76
N ASP F 57 -18.15 -8.00 -20.77
CA ASP F 57 -19.06 -6.88 -21.05
C ASP F 57 -18.41 -5.82 -21.99
N TYR F 58 -19.16 -4.76 -22.32
CA TYR F 58 -18.67 -3.72 -23.22
C TYR F 58 -17.37 -3.09 -22.71
N PRO F 59 -16.37 -2.96 -23.59
CA PRO F 59 -16.36 -3.38 -24.99
C PRO F 59 -16.05 -4.87 -25.16
N GLN F 60 -16.99 -5.60 -25.76
CA GLN F 60 -16.89 -7.07 -25.84
C GLN F 60 -15.66 -7.55 -26.60
N ASP F 61 -15.40 -6.91 -27.73
CA ASP F 61 -14.35 -7.40 -28.60
C ASP F 61 -12.99 -7.20 -27.96
N LYS F 62 -12.77 -6.02 -27.38
CA LYS F 62 -11.48 -5.78 -26.75
C LYS F 62 -11.32 -6.76 -25.58
N HIS F 63 -12.38 -6.88 -24.78
CA HIS F 63 -12.31 -7.74 -23.60
C HIS F 63 -12.09 -9.19 -23.98
N LEU F 64 -12.61 -9.60 -25.14
CA LEU F 64 -12.40 -10.97 -25.62
C LEU F 64 -10.97 -11.14 -26.07
N ILE F 65 -10.46 -10.16 -26.78
CA ILE F 65 -9.10 -10.27 -27.26
C ILE F 65 -8.11 -10.21 -26.11
N GLU F 66 -8.38 -9.33 -25.15
CA GLU F 66 -7.64 -9.32 -23.87
C GLU F 66 -7.69 -10.64 -23.14
N LEU F 67 -8.86 -11.27 -23.13
CA LEU F 67 -8.98 -12.60 -22.53
C LEU F 67 -8.06 -13.60 -23.24
N PHE F 68 -8.15 -13.66 -24.57
CA PHE F 68 -7.31 -14.57 -25.35
C PHE F 68 -5.82 -14.34 -25.07
N LEU F 69 -5.40 -13.08 -25.03
CA LEU F 69 -4.01 -12.74 -24.79
C LEU F 69 -3.51 -13.15 -23.41
N ILE F 70 -4.27 -12.76 -22.39
CA ILE F 70 -3.97 -13.14 -21.02
C ILE F 70 -3.93 -14.65 -20.85
N ALA F 71 -4.90 -15.34 -21.45
CA ALA F 71 -4.97 -16.78 -21.34
C ALA F 71 -3.71 -17.50 -21.86
N GLU F 72 -3.30 -17.22 -23.10
CA GLU F 72 -2.07 -17.81 -23.65
C GLU F 72 -0.81 -17.45 -22.85
N THR F 73 -0.71 -16.19 -22.43
CA THR F 73 0.38 -15.77 -21.56
C THR F 73 0.49 -16.63 -20.31
N ILE F 74 -0.65 -16.85 -19.64
CA ILE F 74 -0.67 -17.67 -18.44
C ILE F 74 -0.21 -19.09 -18.75
N ARG F 75 -0.72 -19.69 -19.81
CA ARG F 75 -0.31 -21.05 -20.15
C ARG F 75 1.19 -21.06 -20.47
N ASP F 76 1.65 -19.99 -21.12
CA ASP F 76 3.04 -19.87 -21.54
C ASP F 76 3.97 -19.69 -20.37
N LEU F 77 3.47 -19.09 -19.30
CA LEU F 77 4.27 -18.86 -18.09
C LEU F 77 4.37 -20.07 -17.15
N GLY F 78 3.88 -21.23 -17.57
CA GLY F 78 4.01 -22.46 -16.80
C GLY F 78 2.79 -23.01 -16.08
N ALA F 79 1.81 -22.16 -15.79
CA ALA F 79 0.65 -22.53 -14.98
C ALA F 79 0.23 -23.97 -15.18
N LYS F 80 -0.26 -24.60 -14.10
CA LYS F 80 -0.61 -26.02 -14.13
C LYS F 80 -2.03 -26.23 -14.66
N LYS F 81 -2.90 -25.27 -14.41
CA LYS F 81 -4.28 -25.36 -14.83
C LYS F 81 -4.81 -23.95 -14.97
N LEU F 82 -5.60 -23.71 -16.01
CA LEU F 82 -6.20 -22.40 -16.19
C LEU F 82 -7.70 -22.56 -16.07
N THR F 83 -8.28 -21.86 -15.09
CA THR F 83 -9.73 -21.77 -14.98
C THR F 83 -10.15 -20.36 -15.32
N ALA F 84 -10.95 -20.22 -16.36
CA ALA F 84 -11.35 -18.89 -16.77
C ALA F 84 -12.72 -18.60 -16.21
N ILE F 85 -12.80 -17.60 -15.35
CA ILE F 85 -14.08 -17.18 -14.78
C ILE F 85 -14.51 -15.98 -15.58
N VAL F 86 -15.48 -16.20 -16.45
CA VAL F 86 -15.99 -15.11 -17.26
C VAL F 86 -17.45 -14.88 -16.94
N PRO F 87 -17.72 -13.92 -16.03
CA PRO F 87 -19.06 -13.70 -15.48
C PRO F 87 -20.09 -13.46 -16.58
N TYR F 88 -19.83 -12.52 -17.49
CA TYR F 88 -20.68 -12.36 -18.66
C TYR F 88 -19.92 -12.77 -19.89
N LEU F 89 -20.39 -13.83 -20.54
CA LEU F 89 -19.76 -14.29 -21.77
C LEU F 89 -20.42 -13.65 -23.00
N ALA F 90 -19.65 -12.88 -23.76
CA ALA F 90 -20.24 -12.15 -24.88
C ALA F 90 -20.54 -13.10 -26.04
N TYR F 91 -21.35 -12.63 -26.99
CA TYR F 91 -21.77 -13.43 -28.14
C TYR F 91 -22.57 -14.65 -27.72
N SER F 92 -23.27 -14.52 -26.61
CA SER F 92 -24.10 -15.61 -26.12
C SER F 92 -25.46 -15.65 -26.82
N ARG F 93 -25.99 -14.47 -27.13
CA ARG F 93 -27.27 -14.39 -27.81
C ARG F 93 -27.21 -15.10 -29.19
N GLN F 94 -26.00 -15.28 -29.71
CA GLN F 94 -25.82 -15.91 -31.01
C GLN F 94 -25.60 -17.41 -30.88
N ASP F 95 -26.72 -18.10 -30.66
CA ASP F 95 -26.77 -19.51 -30.29
C ASP F 95 -26.60 -20.48 -31.48
N ARG F 96 -27.13 -20.07 -32.64
CA ARG F 96 -27.25 -20.94 -33.82
C ARG F 96 -27.31 -20.10 -35.10
N ARG F 97 -27.59 -20.75 -36.22
CA ARG F 97 -27.79 -20.02 -37.47
C ARG F 97 -29.25 -19.70 -37.72
N PHE F 98 -29.67 -18.51 -37.30
CA PHE F 98 -31.07 -18.09 -37.45
C PHE F 98 -31.45 -17.90 -38.91
N LYS F 99 -30.46 -17.62 -39.75
CA LYS F 99 -30.60 -17.64 -41.19
C LYS F 99 -29.40 -18.40 -41.74
N ASP F 100 -29.47 -18.89 -42.98
CA ASP F 100 -28.34 -19.64 -43.56
C ASP F 100 -27.10 -18.79 -43.82
N GLY F 101 -25.95 -19.27 -43.36
CA GLY F 101 -24.70 -18.54 -43.47
C GLY F 101 -24.43 -17.50 -42.41
N GLU F 102 -25.30 -17.40 -41.41
CA GLU F 102 -25.02 -16.58 -40.24
C GLU F 102 -23.88 -17.27 -39.50
N ALA F 103 -23.07 -16.51 -38.78
CA ALA F 103 -22.03 -17.12 -37.97
C ALA F 103 -22.58 -17.59 -36.63
N ILE F 104 -22.14 -18.76 -36.21
CA ILE F 104 -22.38 -19.18 -34.84
C ILE F 104 -21.26 -18.62 -33.98
N SER F 105 -21.36 -17.33 -33.65
CA SER F 105 -20.32 -16.61 -32.93
C SER F 105 -19.84 -17.34 -31.68
N ILE F 106 -20.78 -17.82 -30.86
CA ILE F 106 -20.41 -18.45 -29.59
C ILE F 106 -19.54 -19.70 -29.81
N LYS F 107 -19.77 -20.40 -30.90
CA LYS F 107 -18.98 -21.57 -31.21
C LYS F 107 -17.54 -21.19 -31.45
N THR F 108 -17.33 -20.13 -32.24
CA THR F 108 -15.99 -19.61 -32.53
C THR F 108 -15.27 -19.15 -31.25
N ILE F 109 -15.96 -18.34 -30.44
CA ILE F 109 -15.37 -17.84 -29.21
C ILE F 109 -14.94 -19.01 -28.34
N LEU F 110 -15.84 -19.98 -28.19
CA LEU F 110 -15.59 -21.12 -27.31
C LEU F 110 -14.43 -21.94 -27.82
N HIS F 111 -14.43 -22.26 -29.12
CA HIS F 111 -13.32 -23.00 -29.71
C HIS F 111 -11.99 -22.28 -29.49
N ILE F 112 -12.01 -20.96 -29.63
CA ILE F 112 -10.82 -20.16 -29.38
C ILE F 112 -10.30 -20.28 -27.96
N LEU F 113 -11.18 -20.46 -26.98
CA LEU F 113 -10.76 -20.54 -25.58
C LEU F 113 -10.10 -21.86 -25.23
N SER F 114 -10.49 -22.94 -25.90
CA SER F 114 -9.84 -24.24 -25.71
C SER F 114 -8.40 -24.18 -26.23
N GLU F 115 -8.24 -23.93 -27.52
CA GLU F 115 -6.98 -23.40 -28.05
C GLU F 115 -6.73 -22.18 -27.19
N VAL F 116 -5.48 -21.74 -27.00
CA VAL F 116 -5.25 -20.61 -26.10
C VAL F 116 -5.07 -21.03 -24.63
N GLY F 117 -5.62 -22.19 -24.25
CA GLY F 117 -5.23 -22.87 -23.02
C GLY F 117 -6.16 -22.91 -21.81
N VAL F 118 -7.39 -22.43 -21.96
CA VAL F 118 -8.37 -22.53 -20.90
C VAL F 118 -8.80 -23.99 -20.66
N ASN F 119 -8.64 -24.46 -19.42
CA ASN F 119 -9.01 -25.83 -19.06
C ASN F 119 -10.44 -25.91 -18.60
N THR F 120 -10.80 -25.00 -17.70
CA THR F 120 -12.11 -24.97 -17.12
C THR F 120 -12.70 -23.61 -17.32
N LEU F 121 -13.93 -23.58 -17.83
CA LEU F 121 -14.67 -22.36 -18.07
C LEU F 121 -15.85 -22.18 -17.09
N VAL F 122 -15.89 -21.06 -16.40
CA VAL F 122 -16.96 -20.76 -15.45
C VAL F 122 -17.77 -19.55 -15.91
N VAL F 123 -19.06 -19.75 -16.13
CA VAL F 123 -19.94 -18.68 -16.64
C VAL F 123 -21.20 -18.51 -15.81
N VAL F 124 -21.62 -17.26 -15.65
CA VAL F 124 -22.82 -16.97 -14.88
C VAL F 124 -23.97 -16.73 -15.86
N GLU F 125 -25.12 -17.36 -15.58
CA GLU F 125 -26.29 -17.31 -16.48
C GLU F 125 -25.91 -17.14 -17.97
N PRO F 126 -25.37 -18.22 -18.56
CA PRO F 126 -25.23 -18.28 -20.01
C PRO F 126 -26.64 -18.14 -20.60
N HIS F 127 -26.78 -17.38 -21.68
CA HIS F 127 -28.08 -17.21 -22.32
C HIS F 127 -28.81 -18.51 -22.62
N LYS F 128 -28.08 -19.52 -23.07
CA LYS F 128 -28.67 -20.85 -23.19
C LYS F 128 -27.59 -21.92 -23.00
N PRO F 129 -27.66 -22.65 -21.89
CA PRO F 129 -26.54 -23.51 -21.44
C PRO F 129 -26.11 -24.63 -22.39
N GLU F 130 -26.90 -24.96 -23.41
CA GLU F 130 -26.45 -25.92 -24.43
C GLU F 130 -25.30 -25.36 -25.25
N GLU F 131 -25.41 -24.08 -25.61
CA GLU F 131 -24.29 -23.29 -26.14
C GLU F 131 -22.94 -23.86 -25.72
N LEU F 132 -22.72 -23.94 -24.41
CA LEU F 132 -21.39 -24.20 -23.88
C LEU F 132 -20.86 -25.61 -24.19
N SER F 133 -21.64 -26.44 -24.86
CA SER F 133 -21.16 -27.77 -25.26
C SER F 133 -19.99 -27.64 -26.23
N TYR F 134 -19.96 -26.54 -26.98
CA TYR F 134 -18.91 -26.31 -27.95
C TYR F 134 -17.55 -26.29 -27.28
N PHE F 135 -17.52 -25.85 -26.01
CA PHE F 135 -16.26 -25.77 -25.27
C PHE F 135 -15.80 -27.15 -24.86
N LYS F 136 -14.53 -27.44 -25.11
CA LYS F 136 -14.03 -28.81 -25.01
C LYS F 136 -13.58 -29.21 -23.62
N GLY F 137 -13.08 -28.25 -22.85
CA GLY F 137 -12.75 -28.50 -21.45
C GLY F 137 -13.93 -28.70 -20.52
N GLU F 138 -13.71 -28.45 -19.23
CA GLU F 138 -14.72 -28.64 -18.20
C GLU F 138 -15.57 -27.39 -18.02
N LEU F 139 -16.88 -27.58 -17.92
CA LEU F 139 -17.82 -26.48 -17.73
C LEU F 139 -18.36 -26.39 -16.30
N LYS F 140 -18.40 -25.18 -15.77
CA LYS F 140 -19.13 -24.92 -14.54
C LYS F 140 -20.03 -23.72 -14.75
N ILE F 141 -21.32 -23.98 -14.85
CA ILE F 141 -22.32 -22.93 -14.98
C ILE F 141 -22.79 -22.45 -13.60
N VAL F 142 -22.98 -21.15 -13.46
CA VAL F 142 -23.36 -20.59 -12.17
C VAL F 142 -24.71 -19.92 -12.31
N HIS F 143 -25.69 -20.39 -11.54
CA HIS F 143 -27.00 -19.75 -11.49
C HIS F 143 -27.17 -19.06 -10.14
N PRO F 144 -27.08 -17.73 -10.11
CA PRO F 144 -27.07 -17.06 -8.82
C PRO F 144 -28.48 -16.86 -8.28
N TYR F 145 -29.34 -17.87 -8.39
CA TYR F 145 -30.74 -17.73 -7.99
C TYR F 145 -30.96 -17.43 -6.49
N HIS F 146 -30.28 -18.14 -5.61
CA HIS F 146 -30.44 -17.88 -4.19
C HIS F 146 -30.13 -16.43 -3.85
N GLN F 147 -29.13 -15.82 -4.47
CA GLN F 147 -28.77 -14.45 -4.10
C GLN F 147 -29.81 -13.46 -4.57
N ILE F 148 -30.40 -13.75 -5.73
CA ILE F 148 -31.51 -12.96 -6.24
C ILE F 148 -32.74 -13.15 -5.36
N ALA F 149 -33.04 -14.39 -5.00
CA ALA F 149 -34.15 -14.62 -4.11
C ALA F 149 -33.97 -13.86 -2.78
N ARG F 150 -32.80 -14.00 -2.13
CA ARG F 150 -32.57 -13.27 -0.89
C ARG F 150 -32.84 -11.76 -1.03
N LYS F 151 -32.38 -11.16 -2.14
CA LYS F 151 -32.50 -9.71 -2.32
C LYS F 151 -33.94 -9.34 -2.54
N ILE F 152 -34.64 -10.09 -3.39
CA ILE F 152 -36.04 -9.81 -3.64
C ILE F 152 -36.82 -9.79 -2.32
N LYS F 153 -36.56 -10.78 -1.46
CA LYS F 153 -37.23 -10.90 -0.17
C LYS F 153 -36.98 -9.72 0.77
N GLU F 154 -35.76 -9.18 0.74
CA GLU F 154 -35.46 -7.96 1.50
C GLU F 154 -36.21 -6.71 1.03
N ILE F 155 -36.33 -6.56 -0.29
CA ILE F 155 -36.80 -5.32 -0.89
C ILE F 155 -38.26 -5.34 -1.31
N ILE F 156 -38.84 -6.51 -1.48
CA ILE F 156 -40.19 -6.59 -2.00
C ILE F 156 -41.16 -7.27 -1.04
N GLU F 157 -42.15 -6.50 -0.58
CA GLU F 157 -43.19 -6.99 0.31
C GLU F 157 -44.30 -7.60 -0.53
N ASP F 158 -44.56 -8.89 -0.36
CA ASP F 158 -45.56 -9.58 -1.18
C ASP F 158 -45.17 -9.64 -2.67
N PRO F 159 -44.15 -10.46 -3.00
CA PRO F 159 -43.64 -10.57 -4.36
C PRO F 159 -44.46 -11.53 -5.23
N PHE F 160 -44.71 -11.13 -6.46
CA PHE F 160 -45.14 -12.05 -7.48
C PHE F 160 -44.04 -12.08 -8.55
N ILE F 161 -43.59 -13.27 -8.94
CA ILE F 161 -42.49 -13.36 -9.86
C ILE F 161 -42.97 -13.69 -11.28
N LEU F 162 -42.77 -12.72 -12.19
CA LEU F 162 -43.23 -12.82 -13.57
C LEU F 162 -42.09 -13.00 -14.60
N ALA F 163 -42.19 -14.06 -15.40
CA ALA F 163 -41.21 -14.30 -16.44
C ALA F 163 -41.77 -13.81 -17.77
N PRO F 164 -41.00 -12.98 -18.49
CA PRO F 164 -41.45 -12.33 -19.74
C PRO F 164 -41.80 -13.30 -20.88
N ASP F 165 -41.21 -14.50 -20.90
CA ASP F 165 -41.52 -15.49 -21.93
C ASP F 165 -41.30 -16.87 -21.35
N ARG F 166 -41.66 -17.91 -22.09
CA ARG F 166 -41.43 -19.27 -21.58
C ARG F 166 -39.94 -19.56 -21.35
N GLY F 167 -39.07 -18.81 -22.02
CA GLY F 167 -37.65 -18.98 -21.82
C GLY F 167 -37.28 -18.71 -20.36
N ALA F 168 -37.86 -17.65 -19.81
CA ALA F 168 -37.49 -17.18 -18.49
C ALA F 168 -38.27 -17.87 -17.35
N LEU F 169 -39.07 -18.89 -17.70
CA LEU F 169 -39.91 -19.56 -16.72
C LEU F 169 -39.13 -20.38 -15.70
N ASP F 170 -38.29 -21.31 -16.16
CA ASP F 170 -37.46 -22.09 -15.23
C ASP F 170 -36.79 -21.20 -14.18
N ARG F 171 -36.20 -20.09 -14.62
CA ARG F 171 -35.49 -19.18 -13.73
C ARG F 171 -36.44 -18.55 -12.73
N ALA F 172 -37.60 -18.13 -13.20
CA ALA F 172 -38.62 -17.52 -12.35
C ALA F 172 -39.15 -18.53 -11.33
N ARG F 173 -39.44 -19.73 -11.79
CA ARG F 173 -39.87 -20.79 -10.89
C ARG F 173 -38.81 -21.08 -9.80
N LYS F 174 -37.57 -21.35 -10.20
CA LYS F 174 -36.55 -21.70 -9.21
C LYS F 174 -36.33 -20.57 -8.19
N ILE F 175 -36.53 -19.33 -8.62
CA ILE F 175 -36.34 -18.18 -7.73
C ILE F 175 -37.57 -18.03 -6.83
N ALA F 176 -38.75 -18.10 -7.43
CA ALA F 176 -40.00 -17.98 -6.69
C ALA F 176 -40.20 -19.08 -5.66
N GLU F 177 -39.88 -20.32 -6.03
CA GLU F 177 -40.10 -21.45 -5.13
C GLU F 177 -39.23 -21.35 -3.88
N GLU F 178 -38.01 -20.81 -4.03
CA GLU F 178 -37.11 -20.67 -2.89
C GLU F 178 -37.61 -19.64 -1.87
N ILE F 179 -38.50 -18.79 -2.31
CA ILE F 179 -38.94 -17.67 -1.51
C ILE F 179 -40.46 -17.84 -1.28
N ASN F 180 -40.96 -19.00 -1.72
CA ASN F 180 -42.37 -19.37 -1.63
C ASN F 180 -43.36 -18.34 -2.14
N ALA F 181 -42.94 -17.61 -3.17
CA ALA F 181 -43.80 -16.64 -3.84
C ALA F 181 -44.51 -17.31 -5.01
N PRO F 182 -45.57 -16.68 -5.54
CA PRO F 182 -46.32 -17.16 -6.71
C PRO F 182 -45.57 -16.75 -7.95
N TYR F 183 -45.70 -17.50 -9.03
CA TYR F 183 -44.98 -17.16 -10.25
C TYR F 183 -45.83 -17.46 -11.48
N SER F 184 -45.59 -16.72 -12.55
CA SER F 184 -46.21 -17.04 -13.82
C SER F 184 -45.42 -16.49 -15.00
N TYR F 185 -45.81 -16.85 -16.20
CA TYR F 185 -45.11 -16.36 -17.36
C TYR F 185 -46.09 -15.82 -18.38
N ILE F 186 -45.64 -14.85 -19.16
CA ILE F 186 -46.43 -14.31 -20.26
C ILE F 186 -46.31 -15.22 -21.48
N GLU F 187 -47.42 -15.43 -22.18
CA GLU F 187 -47.51 -16.41 -23.26
C GLU F 187 -47.66 -15.76 -24.62
N LYS F 188 -46.54 -15.64 -25.35
CA LYS F 188 -46.56 -15.16 -26.72
C LYS F 188 -47.18 -16.20 -27.65
N GLU F 189 -48.00 -15.72 -28.60
CA GLU F 189 -48.59 -16.54 -29.66
C GLU F 189 -49.56 -15.69 -30.46
N ARG F 190 -50.59 -15.17 -29.78
CA ARG F 190 -51.54 -14.25 -30.38
C ARG F 190 -51.93 -13.17 -29.36
N ASN F 204 -51.48 -17.67 -10.16
CA ASN F 204 -51.28 -17.25 -11.54
C ASN F 204 -52.29 -16.19 -11.99
N ILE F 205 -51.81 -15.22 -12.78
CA ILE F 205 -52.63 -14.10 -13.29
C ILE F 205 -53.32 -13.29 -12.17
N ASN F 206 -53.44 -13.92 -11.01
CA ASN F 206 -53.90 -13.27 -9.79
C ASN F 206 -52.73 -12.47 -9.22
N LEU F 207 -51.98 -11.82 -10.09
CA LEU F 207 -50.94 -10.89 -9.67
C LEU F 207 -51.61 -9.59 -9.29
N LYS F 208 -52.93 -9.56 -9.50
CA LYS F 208 -53.82 -8.51 -9.03
C LYS F 208 -53.39 -8.01 -7.64
N GLY F 209 -53.03 -6.73 -7.57
CA GLY F 209 -52.67 -6.09 -6.31
C GLY F 209 -51.32 -6.46 -5.72
N LYS F 210 -50.55 -7.28 -6.43
CA LYS F 210 -49.25 -7.74 -5.92
C LYS F 210 -48.07 -6.92 -6.43
N ASP F 211 -46.95 -6.97 -5.70
CA ASP F 211 -45.68 -6.35 -6.11
C ASP F 211 -44.87 -7.21 -7.09
N VAL F 212 -45.11 -7.02 -8.39
CA VAL F 212 -44.50 -7.87 -9.40
C VAL F 212 -43.00 -7.64 -9.60
N VAL F 213 -42.28 -8.75 -9.79
CA VAL F 213 -40.87 -8.71 -10.16
C VAL F 213 -40.68 -9.46 -11.46
N ILE F 214 -40.23 -8.75 -12.50
CA ILE F 214 -39.99 -9.37 -13.79
C ILE F 214 -38.52 -9.75 -13.94
N ILE F 215 -38.27 -11.05 -14.05
CA ILE F 215 -36.90 -11.59 -14.11
C ILE F 215 -36.51 -12.19 -15.46
N ASP F 216 -35.39 -11.70 -16.01
CA ASP F 216 -34.81 -12.26 -17.24
C ASP F 216 -33.32 -12.44 -17.05
N ASP F 217 -32.69 -13.17 -17.96
CA ASP F 217 -31.25 -13.36 -17.91
C ASP F 217 -30.53 -12.06 -18.25
N ILE F 218 -30.99 -11.42 -19.32
CA ILE F 218 -30.35 -10.20 -19.83
C ILE F 218 -31.36 -9.08 -20.03
N ILE F 219 -30.95 -7.86 -19.75
CA ILE F 219 -31.73 -6.71 -20.19
C ILE F 219 -30.86 -5.74 -21.00
N SER F 220 -31.15 -5.62 -22.29
CA SER F 220 -30.36 -4.76 -23.17
C SER F 220 -31.08 -3.44 -23.47
N THR F 221 -31.99 -3.50 -24.43
CA THR F 221 -32.80 -2.35 -24.81
C THR F 221 -33.86 -2.18 -23.75
N GLY F 222 -34.41 -3.32 -23.30
CA GLY F 222 -35.44 -3.32 -22.28
C GLY F 222 -36.82 -3.50 -22.89
N GLY F 223 -36.86 -3.85 -24.16
CA GLY F 223 -38.12 -4.01 -24.87
C GLY F 223 -39.04 -5.09 -24.33
N THR F 224 -38.48 -6.25 -23.98
CA THR F 224 -39.28 -7.37 -23.50
C THR F 224 -39.86 -7.03 -22.13
N ILE F 225 -39.05 -6.32 -21.34
CA ILE F 225 -39.41 -5.93 -19.99
C ILE F 225 -40.49 -4.87 -19.99
N VAL F 226 -40.49 -4.02 -21.01
CA VAL F 226 -41.48 -2.96 -21.10
C VAL F 226 -42.84 -3.53 -21.50
N GLN F 227 -42.85 -4.41 -22.51
CA GLN F 227 -44.10 -5.03 -22.90
C GLN F 227 -44.70 -5.82 -21.74
N ALA F 228 -43.82 -6.39 -20.92
CA ALA F 228 -44.26 -7.18 -19.75
C ALA F 228 -44.73 -6.30 -18.60
N THR F 229 -44.14 -5.12 -18.47
CA THR F 229 -44.60 -4.16 -17.46
C THR F 229 -46.04 -3.65 -17.72
N ARG F 230 -46.45 -3.59 -19.00
CA ARG F 230 -47.83 -3.28 -19.36
C ARG F 230 -48.79 -4.32 -18.79
N LEU F 231 -48.72 -5.56 -19.29
CA LEU F 231 -49.64 -6.62 -18.87
C LEU F 231 -49.78 -6.60 -17.37
N ALA F 232 -48.66 -6.36 -16.68
CA ALA F 232 -48.65 -6.32 -15.21
C ALA F 232 -49.58 -5.25 -14.65
N TYR F 233 -49.37 -4.01 -15.05
CA TYR F 233 -50.22 -2.92 -14.57
C TYR F 233 -51.69 -3.06 -15.02
N SER F 234 -51.89 -3.57 -16.24
CA SER F 234 -53.23 -3.85 -16.76
C SER F 234 -53.80 -5.16 -16.18
N LEU F 235 -53.24 -5.61 -15.06
CA LEU F 235 -53.72 -6.82 -14.39
C LEU F 235 -53.70 -6.55 -12.90
N GLY F 236 -53.49 -5.29 -12.54
CA GLY F 236 -53.63 -4.85 -11.17
C GLY F 236 -52.36 -4.81 -10.36
N ALA F 237 -51.22 -4.96 -11.02
CA ALA F 237 -49.94 -4.89 -10.33
C ALA F 237 -49.90 -3.64 -9.46
N LYS F 238 -49.60 -3.83 -8.17
CA LYS F 238 -49.41 -2.69 -7.26
C LYS F 238 -48.12 -1.94 -7.60
N SER F 239 -47.09 -2.68 -8.00
CA SER F 239 -45.82 -2.10 -8.47
C SER F 239 -45.08 -3.12 -9.34
N VAL F 240 -44.18 -2.63 -10.19
CA VAL F 240 -43.35 -3.50 -11.03
C VAL F 240 -41.87 -3.24 -10.81
N THR F 241 -41.13 -4.32 -10.52
CA THR F 241 -39.68 -4.27 -10.39
C THR F 241 -39.08 -5.17 -11.44
N ALA F 242 -37.94 -4.78 -12.00
CA ALA F 242 -37.28 -5.61 -12.99
C ALA F 242 -35.93 -6.09 -12.49
N ALA F 243 -35.62 -7.33 -12.81
CA ALA F 243 -34.37 -7.94 -12.33
C ALA F 243 -33.78 -8.81 -13.41
N ALA F 244 -32.45 -8.77 -13.51
CA ALA F 244 -31.76 -9.62 -14.47
C ALA F 244 -30.35 -9.85 -13.98
N ILE F 245 -29.76 -10.96 -14.39
CA ILE F 245 -28.36 -11.23 -14.04
C ILE F 245 -27.40 -10.26 -14.76
N HIS F 246 -27.60 -10.12 -16.06
CA HIS F 246 -26.76 -9.24 -16.88
C HIS F 246 -27.52 -7.99 -17.29
N LEU F 247 -27.17 -6.86 -16.68
CA LEU F 247 -27.82 -5.59 -17.00
C LEU F 247 -27.03 -4.76 -18.00
N LEU F 248 -27.11 -5.13 -19.27
CA LEU F 248 -26.44 -4.37 -20.33
C LEU F 248 -27.35 -3.24 -20.83
N LEU F 249 -27.61 -2.26 -19.97
CA LEU F 249 -28.57 -1.23 -20.33
C LEU F 249 -28.09 -0.38 -21.52
N VAL F 250 -28.82 -0.44 -22.62
CA VAL F 250 -28.37 0.15 -23.87
C VAL F 250 -29.13 1.42 -24.27
N GLY F 251 -28.43 2.55 -24.19
CA GLY F 251 -29.00 3.82 -24.64
C GLY F 251 -30.19 4.29 -23.82
N GLY F 252 -31.39 4.11 -24.38
CA GLY F 252 -32.60 4.51 -23.68
C GLY F 252 -32.82 3.69 -22.41
N ALA F 253 -32.95 2.39 -22.59
CA ALA F 253 -33.15 1.40 -21.52
C ALA F 253 -33.56 1.95 -20.16
N LYS F 254 -32.60 2.49 -19.41
CA LYS F 254 -32.87 2.95 -18.06
C LYS F 254 -34.05 3.92 -17.99
N GLU F 255 -34.09 4.88 -18.91
CA GLU F 255 -35.18 5.84 -18.93
C GLU F 255 -36.44 5.21 -19.52
N ARG F 256 -36.28 4.46 -20.61
CA ARG F 256 -37.42 3.85 -21.29
C ARG F 256 -38.22 3.02 -20.29
N LEU F 257 -37.54 2.53 -19.25
CA LEU F 257 -38.18 1.72 -18.23
C LEU F 257 -38.89 2.54 -17.14
N ARG F 258 -38.21 3.56 -16.64
CA ARG F 258 -38.79 4.50 -15.67
C ARG F 258 -40.11 5.10 -16.20
N GLU F 259 -40.16 5.36 -17.50
CA GLU F 259 -41.34 5.93 -18.15
C GLU F 259 -42.56 5.02 -18.08
N VAL F 260 -42.34 3.71 -18.20
CA VAL F 260 -43.42 2.73 -18.10
C VAL F 260 -43.67 2.35 -16.64
N GLY F 261 -42.92 2.96 -15.74
CA GLY F 261 -43.17 2.82 -14.32
C GLY F 261 -42.45 1.68 -13.62
N VAL F 262 -41.29 1.28 -14.12
CA VAL F 262 -40.47 0.33 -13.39
C VAL F 262 -39.70 1.10 -12.32
N LYS F 263 -40.10 0.88 -11.07
CA LYS F 263 -39.56 1.63 -9.95
C LYS F 263 -38.10 1.27 -9.71
N THR F 264 -37.86 -0.01 -9.47
CA THR F 264 -36.55 -0.48 -9.04
C THR F 264 -35.90 -1.37 -10.11
N LEU F 265 -34.58 -1.34 -10.18
CA LEU F 265 -33.82 -2.24 -11.06
C LEU F 265 -32.81 -3.08 -10.27
N ILE F 266 -32.90 -4.40 -10.45
CA ILE F 266 -31.96 -5.33 -9.82
C ILE F 266 -31.06 -6.02 -10.83
N GLY F 267 -29.76 -5.83 -10.67
CA GLY F 267 -28.78 -6.54 -11.46
C GLY F 267 -27.64 -7.10 -10.62
N THR F 268 -26.61 -7.60 -11.29
CA THR F 268 -25.42 -8.13 -10.64
C THR F 268 -24.15 -7.59 -11.26
N ASN F 269 -23.03 -7.88 -10.60
CA ASN F 269 -21.74 -7.40 -11.06
C ASN F 269 -21.03 -8.35 -12.02
N THR F 270 -21.78 -8.97 -12.92
CA THR F 270 -21.16 -9.62 -14.07
C THR F 270 -20.88 -8.52 -15.09
N ILE F 271 -21.58 -7.39 -14.93
CA ILE F 271 -21.44 -6.22 -15.76
C ILE F 271 -21.01 -5.03 -14.90
N ASN F 272 -20.58 -3.95 -15.54
CA ASN F 272 -20.31 -2.68 -14.86
C ASN F 272 -21.52 -1.74 -14.95
N VAL F 273 -21.88 -1.05 -13.86
CA VAL F 273 -23.08 -0.18 -13.88
C VAL F 273 -23.02 1.25 -13.21
N ASN F 274 -24.14 1.64 -12.58
CA ASN F 274 -24.31 2.94 -11.90
C ASN F 274 -24.99 2.79 -10.53
N ASP F 275 -25.40 3.88 -9.90
CA ASP F 275 -26.19 3.75 -8.66
C ASP F 275 -27.22 4.84 -8.30
N LYS F 276 -27.97 5.35 -9.28
CA LYS F 276 -29.26 6.01 -9.01
C LYS F 276 -30.29 4.90 -9.19
N ASP F 277 -30.45 4.12 -8.13
CA ASP F 277 -30.59 2.67 -8.25
C ASP F 277 -29.09 2.38 -8.25
N ILE F 278 -28.58 1.46 -9.06
CA ILE F 278 -29.29 0.28 -9.48
C ILE F 278 -28.86 -0.69 -8.41
N ILE F 279 -29.77 -1.54 -7.97
CA ILE F 279 -29.44 -2.51 -6.93
C ILE F 279 -28.53 -3.59 -7.51
N THR F 280 -27.28 -3.60 -7.05
CA THR F 280 -26.28 -4.47 -7.62
C THR F 280 -25.86 -5.57 -6.67
N ILE F 281 -26.19 -6.81 -7.03
CA ILE F 281 -25.79 -7.98 -6.28
C ILE F 281 -24.39 -8.44 -6.65
N ASP F 282 -23.53 -8.62 -5.67
CA ASP F 282 -22.20 -9.18 -5.90
C ASP F 282 -22.30 -10.70 -5.93
N VAL F 283 -22.24 -11.28 -7.12
CA VAL F 283 -22.44 -12.72 -7.27
C VAL F 283 -21.18 -13.56 -7.07
N SER F 284 -20.13 -12.99 -6.49
CA SER F 284 -18.91 -13.74 -6.19
C SER F 284 -19.21 -14.93 -5.30
N GLN F 285 -20.06 -14.73 -4.30
CA GLN F 285 -20.45 -15.81 -3.40
C GLN F 285 -21.02 -17.02 -4.16
N SER F 286 -21.90 -16.77 -5.13
CA SER F 286 -22.47 -17.83 -5.95
C SER F 286 -21.42 -18.48 -6.86
N ILE F 287 -20.46 -17.71 -7.35
CA ILE F 287 -19.40 -18.24 -8.19
C ILE F 287 -18.48 -19.14 -7.35
N ALA F 288 -18.19 -18.73 -6.13
CA ALA F 288 -17.34 -19.51 -5.23
C ALA F 288 -17.84 -20.93 -5.04
N LEU F 289 -19.14 -21.07 -4.82
CA LEU F 289 -19.72 -22.39 -4.55
C LEU F 289 -19.46 -23.32 -5.72
N SER F 290 -19.53 -22.75 -6.90
CA SER F 290 -19.49 -23.53 -8.13
C SER F 290 -18.07 -23.92 -8.59
N LEU F 291 -17.05 -23.43 -7.89
CA LEU F 291 -15.65 -23.75 -8.21
C LEU F 291 -15.28 -25.16 -7.79
#